data_5WJD
# 
_entry.id   5WJD 
# 
_audit_conform.dict_name       mmcif_pdbx.dic 
_audit_conform.dict_version    5.399 
_audit_conform.dict_location   http://mmcif.pdb.org/dictionaries/ascii/mmcif_pdbx.dic 
# 
loop_
_database_2.database_id 
_database_2.database_code 
_database_2.pdbx_database_accession 
_database_2.pdbx_DOI 
PDB   5WJD         pdb_00005wjd 10.2210/pdb5wjd/pdb 
WWPDB D_1000229133 ?            ?                   
# 
loop_
_pdbx_audit_revision_history.ordinal 
_pdbx_audit_revision_history.data_content_type 
_pdbx_audit_revision_history.major_revision 
_pdbx_audit_revision_history.minor_revision 
_pdbx_audit_revision_history.revision_date 
1 'Structure model' 1 0 2018-03-28 
2 'Structure model' 1 1 2018-04-11 
3 'Structure model' 1 2 2018-05-02 
4 'Structure model' 1 3 2023-10-04 
5 'Structure model' 1 4 2024-12-25 
# 
_pdbx_audit_revision_details.ordinal             1 
_pdbx_audit_revision_details.revision_ordinal    1 
_pdbx_audit_revision_details.data_content_type   'Structure model' 
_pdbx_audit_revision_details.provider            repository 
_pdbx_audit_revision_details.type                'Initial release' 
_pdbx_audit_revision_details.description         ? 
_pdbx_audit_revision_details.details             ? 
# 
loop_
_pdbx_audit_revision_group.ordinal 
_pdbx_audit_revision_group.revision_ordinal 
_pdbx_audit_revision_group.data_content_type 
_pdbx_audit_revision_group.group 
1  2 'Structure model' 'Data collection'        
2  2 'Structure model' 'Database references'    
3  3 'Structure model' 'Data collection'        
4  3 'Structure model' 'Database references'    
5  4 'Structure model' 'Data collection'        
6  4 'Structure model' 'Database references'    
7  4 'Structure model' 'Refinement description' 
8  5 'Structure model' Advisory                 
9  5 'Structure model' 'Derived calculations'   
10 5 'Structure model' 'Structure summary'      
# 
loop_
_pdbx_audit_revision_category.ordinal 
_pdbx_audit_revision_category.revision_ordinal 
_pdbx_audit_revision_category.data_content_type 
_pdbx_audit_revision_category.category 
1  2 'Structure model' citation                      
2  2 'Structure model' citation_author               
3  3 'Structure model' citation                      
4  4 'Structure model' chem_comp_atom                
5  4 'Structure model' chem_comp_bond                
6  4 'Structure model' database_2                    
7  4 'Structure model' pdbx_initial_refinement_model 
8  5 'Structure model' pdbx_entry_details            
9  5 'Structure model' pdbx_validate_close_contact   
10 5 'Structure model' struct_conn                   
# 
loop_
_pdbx_audit_revision_item.ordinal 
_pdbx_audit_revision_item.revision_ordinal 
_pdbx_audit_revision_item.data_content_type 
_pdbx_audit_revision_item.item 
1 2 'Structure model' '_citation.journal_abbrev'            
2 2 'Structure model' '_citation.pdbx_database_id_PubMed'   
3 2 'Structure model' '_citation.title'                     
4 3 'Structure model' '_citation.journal_volume'            
5 3 'Structure model' '_citation.page_first'                
6 3 'Structure model' '_citation.page_last'                 
7 4 'Structure model' '_database_2.pdbx_DOI'                
8 4 'Structure model' '_database_2.pdbx_database_accession' 
# 
_pdbx_database_status.status_code                     REL 
_pdbx_database_status.status_code_sf                  REL 
_pdbx_database_status.status_code_mr                  ? 
_pdbx_database_status.entry_id                        5WJD 
_pdbx_database_status.recvd_initial_deposition_date   2017-07-21 
_pdbx_database_status.SG_entry                        N 
_pdbx_database_status.deposit_site                    RCSB 
_pdbx_database_status.process_site                    RCSB 
_pdbx_database_status.status_code_cs                  ? 
_pdbx_database_status.methods_development_category    ? 
_pdbx_database_status.pdb_format_compatible           Y 
_pdbx_database_status.status_code_nmr_data            ? 
# 
loop_
_audit_author.name 
_audit_author.pdbx_ordinal 
_audit_author.identifier_ORCID 
'Goris, M.'       1 ? 
'Magin, R.S.'     2 ? 
'Marmorstein, R.' 3 ? 
'Arnesen, T.'     4 ? 
# 
_citation.abstract                  ? 
_citation.abstract_id_CAS           ? 
_citation.book_id_ISBN              ? 
_citation.book_publisher            ? 
_citation.book_publisher_city       ? 
_citation.book_title                ? 
_citation.coordinate_linkage        ? 
_citation.country                   US 
_citation.database_id_Medline       ? 
_citation.details                   ? 
_citation.id                        primary 
_citation.journal_abbrev            'Proc. Natl. Acad. Sci. U.S.A.' 
_citation.journal_id_ASTM           PNASA6 
_citation.journal_id_CSD            0040 
_citation.journal_id_ISSN           1091-6490 
_citation.journal_full              ? 
_citation.journal_issue             ? 
_citation.journal_volume            115 
_citation.language                  ? 
_citation.page_first                4405 
_citation.page_last                 4410 
_citation.title                     
;Structural determinants and cellular environment define processed actin as the sole substrate of the N-terminal acetyltransferase NAA80.
;
_citation.year                      2018 
_citation.database_id_CSD           ? 
_citation.pdbx_database_id_DOI      10.1073/pnas.1719251115 
_citation.pdbx_database_id_PubMed   29581307 
_citation.unpublished_flag          ? 
# 
loop_
_citation_author.citation_id 
_citation_author.name 
_citation_author.ordinal 
_citation_author.identifier_ORCID 
primary 'Goris, M.'       1  ? 
primary 'Magin, R.S.'     2  ? 
primary 'Foyn, H.'        3  ? 
primary 'Myklebust, L.M.' 4  ? 
primary 'Varland, S.'     5  ? 
primary 'Ree, R.'         6  ? 
primary 'Drazic, A.'      7  ? 
primary 'Bhambra, P.'     8  ? 
primary 'Stove, S.I.'     9  ? 
primary 'Baumann, M.'     10 ? 
primary 'Haug, B.E.'      11 ? 
primary 'Marmorstein, R.' 12 ? 
primary 'Arnesen, T.'     13 ? 
# 
loop_
_entity.id 
_entity.type 
_entity.src_method 
_entity.pdbx_description 
_entity.formula_weight 
_entity.pdbx_number_of_molecules 
_entity.pdbx_ec 
_entity.pdbx_mutation 
_entity.pdbx_fragment 
_entity.details 
1 polymer     man 'CG8481, isoform B'  18127.273 1   2.3.1.- ? ? ? 
2 non-polymer syn 'ACETYL COENZYME *A' 809.571   1   ?       ? ? ? 
3 non-polymer syn 'CITRIC ACID'        192.124   1   ?       ? ? ? 
4 water       nat water                18.015    129 ?       ? ? ? 
# 
_entity_name_com.entity_id   1 
_entity_name_com.name        FI06462p 
# 
_entity_poly.entity_id                      1 
_entity_poly.type                           'polypeptide(L)' 
_entity_poly.nstd_linkage                   no 
_entity_poly.nstd_monomer                   no 
_entity_poly.pdbx_seq_one_letter_code       
;GSPFNVVPIHNYPELMKDTCALINAEWPRSETARMRSLEASCDSLPCSLVLTTEGMCRVIAHLKLSPINSKKKACFVESV
VVDKRHRGQGFGKLIMKFAEDYCRVVLDLKTIYLSTIDQDGFYERIGYEYCAPITMYGPRHCELPSLQNAKKKYMKKVL
;
_entity_poly.pdbx_seq_one_letter_code_can   
;GSPFNVVPIHNYPELMKDTCALINAEWPRSETARMRSLEASCDSLPCSLVLTTEGMCRVIAHLKLSPINSKKKACFVESV
VVDKRHRGQGFGKLIMKFAEDYCRVVLDLKTIYLSTIDQDGFYERIGYEYCAPITMYGPRHCELPSLQNAKKKYMKKVL
;
_entity_poly.pdbx_strand_id                 A 
_entity_poly.pdbx_target_identifier         ? 
# 
loop_
_pdbx_entity_nonpoly.entity_id 
_pdbx_entity_nonpoly.name 
_pdbx_entity_nonpoly.comp_id 
2 'ACETYL COENZYME *A' ACO 
3 'CITRIC ACID'        CIT 
4 water                HOH 
# 
loop_
_entity_poly_seq.entity_id 
_entity_poly_seq.num 
_entity_poly_seq.mon_id 
_entity_poly_seq.hetero 
1 1   GLY n 
1 2   SER n 
1 3   PRO n 
1 4   PHE n 
1 5   ASN n 
1 6   VAL n 
1 7   VAL n 
1 8   PRO n 
1 9   ILE n 
1 10  HIS n 
1 11  ASN n 
1 12  TYR n 
1 13  PRO n 
1 14  GLU n 
1 15  LEU n 
1 16  MET n 
1 17  LYS n 
1 18  ASP n 
1 19  THR n 
1 20  CYS n 
1 21  ALA n 
1 22  LEU n 
1 23  ILE n 
1 24  ASN n 
1 25  ALA n 
1 26  GLU n 
1 27  TRP n 
1 28  PRO n 
1 29  ARG n 
1 30  SER n 
1 31  GLU n 
1 32  THR n 
1 33  ALA n 
1 34  ARG n 
1 35  MET n 
1 36  ARG n 
1 37  SER n 
1 38  LEU n 
1 39  GLU n 
1 40  ALA n 
1 41  SER n 
1 42  CYS n 
1 43  ASP n 
1 44  SER n 
1 45  LEU n 
1 46  PRO n 
1 47  CYS n 
1 48  SER n 
1 49  LEU n 
1 50  VAL n 
1 51  LEU n 
1 52  THR n 
1 53  THR n 
1 54  GLU n 
1 55  GLY n 
1 56  MET n 
1 57  CYS n 
1 58  ARG n 
1 59  VAL n 
1 60  ILE n 
1 61  ALA n 
1 62  HIS n 
1 63  LEU n 
1 64  LYS n 
1 65  LEU n 
1 66  SER n 
1 67  PRO n 
1 68  ILE n 
1 69  ASN n 
1 70  SER n 
1 71  LYS n 
1 72  LYS n 
1 73  LYS n 
1 74  ALA n 
1 75  CYS n 
1 76  PHE n 
1 77  VAL n 
1 78  GLU n 
1 79  SER n 
1 80  VAL n 
1 81  VAL n 
1 82  VAL n 
1 83  ASP n 
1 84  LYS n 
1 85  ARG n 
1 86  HIS n 
1 87  ARG n 
1 88  GLY n 
1 89  GLN n 
1 90  GLY n 
1 91  PHE n 
1 92  GLY n 
1 93  LYS n 
1 94  LEU n 
1 95  ILE n 
1 96  MET n 
1 97  LYS n 
1 98  PHE n 
1 99  ALA n 
1 100 GLU n 
1 101 ASP n 
1 102 TYR n 
1 103 CYS n 
1 104 ARG n 
1 105 VAL n 
1 106 VAL n 
1 107 LEU n 
1 108 ASP n 
1 109 LEU n 
1 110 LYS n 
1 111 THR n 
1 112 ILE n 
1 113 TYR n 
1 114 LEU n 
1 115 SER n 
1 116 THR n 
1 117 ILE n 
1 118 ASP n 
1 119 GLN n 
1 120 ASP n 
1 121 GLY n 
1 122 PHE n 
1 123 TYR n 
1 124 GLU n 
1 125 ARG n 
1 126 ILE n 
1 127 GLY n 
1 128 TYR n 
1 129 GLU n 
1 130 TYR n 
1 131 CYS n 
1 132 ALA n 
1 133 PRO n 
1 134 ILE n 
1 135 THR n 
1 136 MET n 
1 137 TYR n 
1 138 GLY n 
1 139 PRO n 
1 140 ARG n 
1 141 HIS n 
1 142 CYS n 
1 143 GLU n 
1 144 LEU n 
1 145 PRO n 
1 146 SER n 
1 147 LEU n 
1 148 GLN n 
1 149 ASN n 
1 150 ALA n 
1 151 LYS n 
1 152 LYS n 
1 153 LYS n 
1 154 TYR n 
1 155 MET n 
1 156 LYS n 
1 157 LYS n 
1 158 VAL n 
1 159 LEU n 
# 
_entity_src_gen.entity_id                          1 
_entity_src_gen.pdbx_src_id                        1 
_entity_src_gen.pdbx_alt_source_flag               sample 
_entity_src_gen.pdbx_seq_type                      'Biological sequence' 
_entity_src_gen.pdbx_beg_seq_num                   1 
_entity_src_gen.pdbx_end_seq_num                   159 
_entity_src_gen.gene_src_common_name               'Fruit fly' 
_entity_src_gen.gene_src_genus                     ? 
_entity_src_gen.pdbx_gene_src_gene                 'Dmel\CG8481, CG8481-RB, CG8481, Dmel_CG8481' 
_entity_src_gen.gene_src_species                   ? 
_entity_src_gen.gene_src_strain                    ? 
_entity_src_gen.gene_src_tissue                    ? 
_entity_src_gen.gene_src_tissue_fraction           ? 
_entity_src_gen.gene_src_details                   ? 
_entity_src_gen.pdbx_gene_src_fragment             ? 
_entity_src_gen.pdbx_gene_src_scientific_name      'Drosophila melanogaster' 
_entity_src_gen.pdbx_gene_src_ncbi_taxonomy_id     7227 
_entity_src_gen.pdbx_gene_src_variant              ? 
_entity_src_gen.pdbx_gene_src_cell_line            ? 
_entity_src_gen.pdbx_gene_src_atcc                 ? 
_entity_src_gen.pdbx_gene_src_organ                ? 
_entity_src_gen.pdbx_gene_src_organelle            ? 
_entity_src_gen.pdbx_gene_src_cell                 ? 
_entity_src_gen.pdbx_gene_src_cellular_location    ? 
_entity_src_gen.host_org_common_name               ? 
_entity_src_gen.pdbx_host_org_scientific_name      'Escherichia coli' 
_entity_src_gen.pdbx_host_org_ncbi_taxonomy_id     562 
_entity_src_gen.host_org_genus                     ? 
_entity_src_gen.pdbx_host_org_gene                 ? 
_entity_src_gen.pdbx_host_org_organ                ? 
_entity_src_gen.host_org_species                   ? 
_entity_src_gen.pdbx_host_org_tissue               ? 
_entity_src_gen.pdbx_host_org_tissue_fraction      ? 
_entity_src_gen.pdbx_host_org_strain               ? 
_entity_src_gen.pdbx_host_org_variant              ? 
_entity_src_gen.pdbx_host_org_cell_line            ? 
_entity_src_gen.pdbx_host_org_atcc                 ? 
_entity_src_gen.pdbx_host_org_culture_collection   ? 
_entity_src_gen.pdbx_host_org_cell                 ? 
_entity_src_gen.pdbx_host_org_organelle            ? 
_entity_src_gen.pdbx_host_org_cellular_location    ? 
_entity_src_gen.pdbx_host_org_vector_type          ? 
_entity_src_gen.pdbx_host_org_vector               ? 
_entity_src_gen.host_org_details                   ? 
_entity_src_gen.expression_system_id               ? 
_entity_src_gen.plasmid_name                       ? 
_entity_src_gen.plasmid_details                    ? 
_entity_src_gen.pdbx_description                   ? 
# 
loop_
_chem_comp.id 
_chem_comp.type 
_chem_comp.mon_nstd_flag 
_chem_comp.name 
_chem_comp.pdbx_synonyms 
_chem_comp.formula 
_chem_comp.formula_weight 
ACO non-polymer         . 'ACETYL COENZYME *A' ? 'C23 H38 N7 O17 P3 S' 809.571 
ALA 'L-peptide linking' y ALANINE              ? 'C3 H7 N O2'          89.093  
ARG 'L-peptide linking' y ARGININE             ? 'C6 H15 N4 O2 1'      175.209 
ASN 'L-peptide linking' y ASPARAGINE           ? 'C4 H8 N2 O3'         132.118 
ASP 'L-peptide linking' y 'ASPARTIC ACID'      ? 'C4 H7 N O4'          133.103 
CIT non-polymer         . 'CITRIC ACID'        ? 'C6 H8 O7'            192.124 
CYS 'L-peptide linking' y CYSTEINE             ? 'C3 H7 N O2 S'        121.158 
GLN 'L-peptide linking' y GLUTAMINE            ? 'C5 H10 N2 O3'        146.144 
GLU 'L-peptide linking' y 'GLUTAMIC ACID'      ? 'C5 H9 N O4'          147.129 
GLY 'peptide linking'   y GLYCINE              ? 'C2 H5 N O2'          75.067  
HIS 'L-peptide linking' y HISTIDINE            ? 'C6 H10 N3 O2 1'      156.162 
HOH non-polymer         . WATER                ? 'H2 O'                18.015  
ILE 'L-peptide linking' y ISOLEUCINE           ? 'C6 H13 N O2'         131.173 
LEU 'L-peptide linking' y LEUCINE              ? 'C6 H13 N O2'         131.173 
LYS 'L-peptide linking' y LYSINE               ? 'C6 H15 N2 O2 1'      147.195 
MET 'L-peptide linking' y METHIONINE           ? 'C5 H11 N O2 S'       149.211 
PHE 'L-peptide linking' y PHENYLALANINE        ? 'C9 H11 N O2'         165.189 
PRO 'L-peptide linking' y PROLINE              ? 'C5 H9 N O2'          115.130 
SER 'L-peptide linking' y SERINE               ? 'C3 H7 N O3'          105.093 
THR 'L-peptide linking' y THREONINE            ? 'C4 H9 N O3'          119.119 
TRP 'L-peptide linking' y TRYPTOPHAN           ? 'C11 H12 N2 O2'       204.225 
TYR 'L-peptide linking' y TYROSINE             ? 'C9 H11 N O3'         181.189 
VAL 'L-peptide linking' y VALINE               ? 'C5 H11 N O2'         117.146 
# 
loop_
_pdbx_poly_seq_scheme.asym_id 
_pdbx_poly_seq_scheme.entity_id 
_pdbx_poly_seq_scheme.seq_id 
_pdbx_poly_seq_scheme.mon_id 
_pdbx_poly_seq_scheme.ndb_seq_num 
_pdbx_poly_seq_scheme.pdb_seq_num 
_pdbx_poly_seq_scheme.auth_seq_num 
_pdbx_poly_seq_scheme.pdb_mon_id 
_pdbx_poly_seq_scheme.auth_mon_id 
_pdbx_poly_seq_scheme.pdb_strand_id 
_pdbx_poly_seq_scheme.pdb_ins_code 
_pdbx_poly_seq_scheme.hetero 
A 1 1   GLY 1   10  ?   ?   ?   A . n 
A 1 2   SER 2   11  ?   ?   ?   A . n 
A 1 3   PRO 3   12  12  PRO PRO A . n 
A 1 4   PHE 4   13  13  PHE PHE A . n 
A 1 5   ASN 5   14  14  ASN ASN A . n 
A 1 6   VAL 6   15  15  VAL VAL A . n 
A 1 7   VAL 7   16  16  VAL VAL A . n 
A 1 8   PRO 8   17  17  PRO PRO A . n 
A 1 9   ILE 9   18  18  ILE ILE A . n 
A 1 10  HIS 10  19  19  HIS HIS A . n 
A 1 11  ASN 11  20  20  ASN ASN A . n 
A 1 12  TYR 12  21  21  TYR TYR A . n 
A 1 13  PRO 13  22  22  PRO PRO A . n 
A 1 14  GLU 14  23  23  GLU GLU A . n 
A 1 15  LEU 15  24  24  LEU LEU A . n 
A 1 16  MET 16  25  25  MET MET A . n 
A 1 17  LYS 17  26  26  LYS LYS A . n 
A 1 18  ASP 18  27  27  ASP ASP A . n 
A 1 19  THR 19  28  28  THR THR A . n 
A 1 20  CYS 20  29  29  CYS CYS A . n 
A 1 21  ALA 21  30  30  ALA ALA A . n 
A 1 22  LEU 22  31  31  LEU LEU A . n 
A 1 23  ILE 23  32  32  ILE ILE A . n 
A 1 24  ASN 24  33  33  ASN ASN A . n 
A 1 25  ALA 25  34  34  ALA ALA A . n 
A 1 26  GLU 26  35  35  GLU GLU A . n 
A 1 27  TRP 27  36  36  TRP TRP A . n 
A 1 28  PRO 28  37  37  PRO PRO A . n 
A 1 29  ARG 29  38  38  ARG ARG A . n 
A 1 30  SER 30  39  39  SER SER A . n 
A 1 31  GLU 31  40  40  GLU GLU A . n 
A 1 32  THR 32  41  41  THR THR A . n 
A 1 33  ALA 33  42  42  ALA ALA A . n 
A 1 34  ARG 34  43  43  ARG ARG A . n 
A 1 35  MET 35  44  44  MET MET A . n 
A 1 36  ARG 36  45  45  ARG ARG A . n 
A 1 37  SER 37  46  46  SER SER A . n 
A 1 38  LEU 38  47  47  LEU LEU A . n 
A 1 39  GLU 39  48  48  GLU GLU A . n 
A 1 40  ALA 40  49  49  ALA ALA A . n 
A 1 41  SER 41  50  50  SER SER A . n 
A 1 42  CYS 42  51  51  CYS CYS A . n 
A 1 43  ASP 43  52  52  ASP ASP A . n 
A 1 44  SER 44  53  53  SER SER A . n 
A 1 45  LEU 45  54  54  LEU LEU A . n 
A 1 46  PRO 46  55  55  PRO PRO A . n 
A 1 47  CYS 47  56  56  CYS CYS A . n 
A 1 48  SER 48  57  57  SER SER A . n 
A 1 49  LEU 49  58  58  LEU LEU A . n 
A 1 50  VAL 50  59  59  VAL VAL A . n 
A 1 51  LEU 51  60  60  LEU LEU A . n 
A 1 52  THR 52  61  61  THR THR A . n 
A 1 53  THR 53  62  62  THR THR A . n 
A 1 54  GLU 54  63  63  GLU GLU A . n 
A 1 55  GLY 55  64  64  GLY GLY A . n 
A 1 56  MET 56  65  65  MET MET A . n 
A 1 57  CYS 57  66  66  CYS CYS A . n 
A 1 58  ARG 58  67  67  ARG ARG A . n 
A 1 59  VAL 59  68  68  VAL VAL A . n 
A 1 60  ILE 60  69  69  ILE ILE A . n 
A 1 61  ALA 61  70  70  ALA ALA A . n 
A 1 62  HIS 62  71  71  HIS HIS A . n 
A 1 63  LEU 63  72  72  LEU LEU A . n 
A 1 64  LYS 64  73  73  LYS LYS A . n 
A 1 65  LEU 65  74  74  LEU LEU A . n 
A 1 66  SER 66  75  75  SER SER A . n 
A 1 67  PRO 67  76  76  PRO PRO A . n 
A 1 68  ILE 68  77  77  ILE ILE A . n 
A 1 69  ASN 69  78  78  ASN ASN A . n 
A 1 70  SER 70  79  79  SER SER A . n 
A 1 71  LYS 71  80  80  LYS LYS A . n 
A 1 72  LYS 72  81  81  LYS LYS A . n 
A 1 73  LYS 73  82  82  LYS LYS A . n 
A 1 74  ALA 74  83  83  ALA ALA A . n 
A 1 75  CYS 75  84  84  CYS CYS A . n 
A 1 76  PHE 76  85  85  PHE PHE A . n 
A 1 77  VAL 77  86  86  VAL VAL A . n 
A 1 78  GLU 78  87  87  GLU GLU A . n 
A 1 79  SER 79  88  88  SER SER A . n 
A 1 80  VAL 80  89  89  VAL VAL A . n 
A 1 81  VAL 81  90  90  VAL VAL A . n 
A 1 82  VAL 82  91  91  VAL VAL A . n 
A 1 83  ASP 83  92  92  ASP ASP A . n 
A 1 84  LYS 84  93  93  LYS LYS A . n 
A 1 85  ARG 85  94  94  ARG ARG A . n 
A 1 86  HIS 86  95  95  HIS HIS A . n 
A 1 87  ARG 87  96  96  ARG ARG A . n 
A 1 88  GLY 88  97  97  GLY GLY A . n 
A 1 89  GLN 89  98  98  GLN GLN A . n 
A 1 90  GLY 90  99  99  GLY GLY A . n 
A 1 91  PHE 91  100 100 PHE PHE A . n 
A 1 92  GLY 92  101 101 GLY GLY A . n 
A 1 93  LYS 93  102 102 LYS LYS A . n 
A 1 94  LEU 94  103 103 LEU LEU A . n 
A 1 95  ILE 95  104 104 ILE ILE A . n 
A 1 96  MET 96  105 105 MET MET A . n 
A 1 97  LYS 97  106 106 LYS LYS A . n 
A 1 98  PHE 98  107 107 PHE PHE A . n 
A 1 99  ALA 99  108 108 ALA ALA A . n 
A 1 100 GLU 100 109 109 GLU GLU A . n 
A 1 101 ASP 101 110 110 ASP ASP A . n 
A 1 102 TYR 102 111 111 TYR TYR A . n 
A 1 103 CYS 103 112 112 CYS CYS A . n 
A 1 104 ARG 104 113 113 ARG ARG A . n 
A 1 105 VAL 105 114 114 VAL VAL A . n 
A 1 106 VAL 106 115 115 VAL VAL A . n 
A 1 107 LEU 107 116 116 LEU LEU A . n 
A 1 108 ASP 108 117 117 ASP ASP A . n 
A 1 109 LEU 109 118 118 LEU LEU A . n 
A 1 110 LYS 110 119 119 LYS LYS A . n 
A 1 111 THR 111 120 120 THR THR A . n 
A 1 112 ILE 112 121 121 ILE ILE A . n 
A 1 113 TYR 113 122 122 TYR TYR A . n 
A 1 114 LEU 114 123 123 LEU LEU A . n 
A 1 115 SER 115 124 124 SER SER A . n 
A 1 116 THR 116 125 125 THR THR A . n 
A 1 117 ILE 117 126 126 ILE ILE A . n 
A 1 118 ASP 118 127 127 ASP ASP A . n 
A 1 119 GLN 119 128 128 GLN GLN A . n 
A 1 120 ASP 120 129 129 ASP ASP A . n 
A 1 121 GLY 121 130 130 GLY GLY A . n 
A 1 122 PHE 122 131 131 PHE PHE A . n 
A 1 123 TYR 123 132 132 TYR TYR A . n 
A 1 124 GLU 124 133 133 GLU GLU A . n 
A 1 125 ARG 125 134 134 ARG ARG A . n 
A 1 126 ILE 126 135 135 ILE ILE A . n 
A 1 127 GLY 127 136 136 GLY GLY A . n 
A 1 128 TYR 128 137 137 TYR TYR A . n 
A 1 129 GLU 129 138 138 GLU GLU A . n 
A 1 130 TYR 130 139 139 TYR TYR A . n 
A 1 131 CYS 131 140 140 CYS CYS A . n 
A 1 132 ALA 132 141 141 ALA ALA A . n 
A 1 133 PRO 133 142 142 PRO PRO A . n 
A 1 134 ILE 134 143 143 ILE ILE A . n 
A 1 135 THR 135 144 144 THR THR A . n 
A 1 136 MET 136 145 145 MET MET A . n 
A 1 137 TYR 137 146 146 TYR TYR A . n 
A 1 138 GLY 138 147 147 GLY GLY A . n 
A 1 139 PRO 139 148 148 PRO PRO A . n 
A 1 140 ARG 140 149 149 ARG ARG A . n 
A 1 141 HIS 141 150 150 HIS HIS A . n 
A 1 142 CYS 142 151 151 CYS CYS A . n 
A 1 143 GLU 143 152 152 GLU GLU A . n 
A 1 144 LEU 144 153 153 LEU LEU A . n 
A 1 145 PRO 145 154 154 PRO PRO A . n 
A 1 146 SER 146 155 155 SER SER A . n 
A 1 147 LEU 147 156 156 LEU LEU A . n 
A 1 148 GLN 148 157 157 GLN GLN A . n 
A 1 149 ASN 149 158 158 ASN ASN A . n 
A 1 150 ALA 150 159 159 ALA ALA A . n 
A 1 151 LYS 151 160 160 LYS LYS A . n 
A 1 152 LYS 152 161 161 LYS LYS A . n 
A 1 153 LYS 153 162 162 LYS LYS A . n 
A 1 154 TYR 154 163 163 TYR TYR A . n 
A 1 155 MET 155 164 164 MET MET A . n 
A 1 156 LYS 156 165 165 LYS LYS A . n 
A 1 157 LYS 157 166 166 LYS LYS A . n 
A 1 158 VAL 158 167 167 VAL VAL A . n 
A 1 159 LEU 159 168 168 LEU LEU A . n 
# 
loop_
_pdbx_nonpoly_scheme.asym_id 
_pdbx_nonpoly_scheme.entity_id 
_pdbx_nonpoly_scheme.mon_id 
_pdbx_nonpoly_scheme.ndb_seq_num 
_pdbx_nonpoly_scheme.pdb_seq_num 
_pdbx_nonpoly_scheme.auth_seq_num 
_pdbx_nonpoly_scheme.pdb_mon_id 
_pdbx_nonpoly_scheme.auth_mon_id 
_pdbx_nonpoly_scheme.pdb_strand_id 
_pdbx_nonpoly_scheme.pdb_ins_code 
B 2 ACO 1   201 1   ACO ACO A . 
C 3 CIT 1   202 2   CIT CIT A . 
D 4 HOH 1   301 100 HOH HOH A . 
D 4 HOH 2   302 91  HOH HOH A . 
D 4 HOH 3   303 54  HOH HOH A . 
D 4 HOH 4   304 53  HOH HOH A . 
D 4 HOH 5   305 38  HOH HOH A . 
D 4 HOH 6   306 27  HOH HOH A . 
D 4 HOH 7   307 1   HOH HOH A . 
D 4 HOH 8   308 92  HOH HOH A . 
D 4 HOH 9   309 85  HOH HOH A . 
D 4 HOH 10  310 114 HOH HOH A . 
D 4 HOH 11  311 105 HOH HOH A . 
D 4 HOH 12  312 34  HOH HOH A . 
D 4 HOH 13  313 43  HOH HOH A . 
D 4 HOH 14  314 104 HOH HOH A . 
D 4 HOH 15  315 5   HOH HOH A . 
D 4 HOH 16  316 122 HOH HOH A . 
D 4 HOH 17  317 14  HOH HOH A . 
D 4 HOH 18  318 6   HOH HOH A . 
D 4 HOH 19  319 36  HOH HOH A . 
D 4 HOH 20  320 23  HOH HOH A . 
D 4 HOH 21  321 21  HOH HOH A . 
D 4 HOH 22  322 3   HOH HOH A . 
D 4 HOH 23  323 25  HOH HOH A . 
D 4 HOH 24  324 15  HOH HOH A . 
D 4 HOH 25  325 73  HOH HOH A . 
D 4 HOH 26  326 33  HOH HOH A . 
D 4 HOH 27  327 17  HOH HOH A . 
D 4 HOH 28  328 22  HOH HOH A . 
D 4 HOH 29  329 46  HOH HOH A . 
D 4 HOH 30  330 10  HOH HOH A . 
D 4 HOH 31  331 16  HOH HOH A . 
D 4 HOH 32  332 64  HOH HOH A . 
D 4 HOH 33  333 4   HOH HOH A . 
D 4 HOH 34  334 7   HOH HOH A . 
D 4 HOH 35  335 94  HOH HOH A . 
D 4 HOH 36  336 47  HOH HOH A . 
D 4 HOH 37  337 50  HOH HOH A . 
D 4 HOH 38  338 90  HOH HOH A . 
D 4 HOH 39  339 65  HOH HOH A . 
D 4 HOH 40  340 75  HOH HOH A . 
D 4 HOH 41  341 9   HOH HOH A . 
D 4 HOH 42  342 28  HOH HOH A . 
D 4 HOH 43  343 31  HOH HOH A . 
D 4 HOH 44  344 117 HOH HOH A . 
D 4 HOH 45  345 62  HOH HOH A . 
D 4 HOH 46  346 72  HOH HOH A . 
D 4 HOH 47  347 109 HOH HOH A . 
D 4 HOH 48  348 49  HOH HOH A . 
D 4 HOH 49  349 8   HOH HOH A . 
D 4 HOH 50  350 35  HOH HOH A . 
D 4 HOH 51  351 68  HOH HOH A . 
D 4 HOH 52  352 88  HOH HOH A . 
D 4 HOH 53  353 120 HOH HOH A . 
D 4 HOH 54  354 124 HOH HOH A . 
D 4 HOH 55  355 44  HOH HOH A . 
D 4 HOH 56  356 77  HOH HOH A . 
D 4 HOH 57  357 12  HOH HOH A . 
D 4 HOH 58  358 2   HOH HOH A . 
D 4 HOH 59  359 32  HOH HOH A . 
D 4 HOH 60  360 55  HOH HOH A . 
D 4 HOH 61  361 41  HOH HOH A . 
D 4 HOH 62  362 51  HOH HOH A . 
D 4 HOH 63  363 95  HOH HOH A . 
D 4 HOH 64  364 57  HOH HOH A . 
D 4 HOH 65  365 76  HOH HOH A . 
D 4 HOH 66  366 112 HOH HOH A . 
D 4 HOH 67  367 89  HOH HOH A . 
D 4 HOH 68  368 29  HOH HOH A . 
D 4 HOH 69  369 59  HOH HOH A . 
D 4 HOH 70  370 40  HOH HOH A . 
D 4 HOH 71  371 52  HOH HOH A . 
D 4 HOH 72  372 24  HOH HOH A . 
D 4 HOH 73  373 60  HOH HOH A . 
D 4 HOH 74  374 45  HOH HOH A . 
D 4 HOH 75  375 79  HOH HOH A . 
D 4 HOH 76  376 18  HOH HOH A . 
D 4 HOH 77  377 26  HOH HOH A . 
D 4 HOH 78  378 97  HOH HOH A . 
D 4 HOH 79  379 42  HOH HOH A . 
D 4 HOH 80  380 48  HOH HOH A . 
D 4 HOH 81  381 56  HOH HOH A . 
D 4 HOH 82  382 108 HOH HOH A . 
D 4 HOH 83  383 82  HOH HOH A . 
D 4 HOH 84  384 30  HOH HOH A . 
D 4 HOH 85  385 80  HOH HOH A . 
D 4 HOH 86  386 66  HOH HOH A . 
D 4 HOH 87  387 116 HOH HOH A . 
D 4 HOH 88  388 84  HOH HOH A . 
D 4 HOH 89  389 20  HOH HOH A . 
D 4 HOH 90  390 39  HOH HOH A . 
D 4 HOH 91  391 13  HOH HOH A . 
D 4 HOH 92  392 98  HOH HOH A . 
D 4 HOH 93  393 11  HOH HOH A . 
D 4 HOH 94  394 69  HOH HOH A . 
D 4 HOH 95  395 63  HOH HOH A . 
D 4 HOH 96  396 61  HOH HOH A . 
D 4 HOH 97  397 58  HOH HOH A . 
D 4 HOH 98  398 129 HOH HOH A . 
D 4 HOH 99  399 107 HOH HOH A . 
D 4 HOH 100 400 83  HOH HOH A . 
D 4 HOH 101 401 71  HOH HOH A . 
D 4 HOH 102 402 121 HOH HOH A . 
D 4 HOH 103 403 106 HOH HOH A . 
D 4 HOH 104 404 103 HOH HOH A . 
D 4 HOH 105 405 102 HOH HOH A . 
D 4 HOH 106 406 113 HOH HOH A . 
D 4 HOH 107 407 87  HOH HOH A . 
D 4 HOH 108 408 78  HOH HOH A . 
D 4 HOH 109 409 70  HOH HOH A . 
D 4 HOH 110 410 118 HOH HOH A . 
D 4 HOH 111 411 67  HOH HOH A . 
D 4 HOH 112 412 125 HOH HOH A . 
D 4 HOH 113 413 93  HOH HOH A . 
D 4 HOH 114 414 123 HOH HOH A . 
D 4 HOH 115 415 126 HOH HOH A . 
D 4 HOH 116 416 110 HOH HOH A . 
D 4 HOH 117 417 119 HOH HOH A . 
D 4 HOH 118 418 96  HOH HOH A . 
D 4 HOH 119 419 37  HOH HOH A . 
D 4 HOH 120 420 86  HOH HOH A . 
D 4 HOH 121 421 99  HOH HOH A . 
D 4 HOH 122 422 115 HOH HOH A . 
D 4 HOH 123 423 127 HOH HOH A . 
D 4 HOH 124 424 81  HOH HOH A . 
D 4 HOH 125 425 128 HOH HOH A . 
D 4 HOH 126 426 74  HOH HOH A . 
D 4 HOH 127 427 101 HOH HOH A . 
D 4 HOH 128 428 111 HOH HOH A . 
D 4 HOH 129 429 19  HOH HOH A . 
# 
loop_
_pdbx_unobs_or_zero_occ_atoms.id 
_pdbx_unobs_or_zero_occ_atoms.PDB_model_num 
_pdbx_unobs_or_zero_occ_atoms.polymer_flag 
_pdbx_unobs_or_zero_occ_atoms.occupancy_flag 
_pdbx_unobs_or_zero_occ_atoms.auth_asym_id 
_pdbx_unobs_or_zero_occ_atoms.auth_comp_id 
_pdbx_unobs_or_zero_occ_atoms.auth_seq_id 
_pdbx_unobs_or_zero_occ_atoms.PDB_ins_code 
_pdbx_unobs_or_zero_occ_atoms.auth_atom_id 
_pdbx_unobs_or_zero_occ_atoms.label_alt_id 
_pdbx_unobs_or_zero_occ_atoms.label_asym_id 
_pdbx_unobs_or_zero_occ_atoms.label_comp_id 
_pdbx_unobs_or_zero_occ_atoms.label_seq_id 
_pdbx_unobs_or_zero_occ_atoms.label_atom_id 
1  1 Y 1 A LYS 26  ? CD  ? A LYS 17  CD  
2  1 Y 1 A LYS 26  ? CE  ? A LYS 17  CE  
3  1 Y 1 A LYS 26  ? NZ  ? A LYS 17  NZ  
4  1 Y 1 A GLU 63  ? CG  ? A GLU 54  CG  
5  1 Y 1 A GLU 63  ? CD  ? A GLU 54  CD  
6  1 Y 1 A GLU 63  ? OE1 ? A GLU 54  OE1 
7  1 Y 1 A GLU 63  ? OE2 ? A GLU 54  OE2 
8  1 Y 1 A LYS 81  ? CG  ? A LYS 72  CG  
9  1 Y 1 A LYS 81  ? CD  ? A LYS 72  CD  
10 1 Y 1 A LYS 81  ? CE  ? A LYS 72  CE  
11 1 Y 1 A LYS 81  ? NZ  ? A LYS 72  NZ  
12 1 Y 1 A LYS 82  ? CD  ? A LYS 73  CD  
13 1 Y 1 A LYS 82  ? CE  ? A LYS 73  CE  
14 1 Y 1 A LYS 82  ? NZ  ? A LYS 73  NZ  
15 1 Y 1 A LYS 119 ? CE  ? A LYS 110 CE  
16 1 Y 1 A LYS 119 ? NZ  ? A LYS 110 NZ  
17 1 Y 1 A GLU 133 ? CG  ? A GLU 124 CG  
18 1 Y 1 A GLU 133 ? CD  ? A GLU 124 CD  
19 1 Y 1 A GLU 133 ? OE1 ? A GLU 124 OE1 
20 1 Y 1 A GLU 133 ? OE2 ? A GLU 124 OE2 
21 1 Y 1 A ARG 134 ? CD  ? A ARG 125 CD  
22 1 Y 1 A ARG 134 ? NE  ? A ARG 125 NE  
23 1 Y 1 A ARG 134 ? CZ  ? A ARG 125 CZ  
24 1 Y 1 A ARG 134 ? NH1 ? A ARG 125 NH1 
25 1 Y 1 A ARG 134 ? NH2 ? A ARG 125 NH2 
26 1 Y 1 A GLU 138 ? CD  ? A GLU 129 CD  
27 1 Y 1 A GLU 138 ? OE1 ? A GLU 129 OE1 
28 1 Y 1 A GLU 138 ? OE2 ? A GLU 129 OE2 
29 1 Y 1 A LYS 160 ? CG  ? A LYS 151 CG  
30 1 Y 1 A LYS 160 ? CD  ? A LYS 151 CD  
31 1 Y 1 A LYS 160 ? CE  ? A LYS 151 CE  
32 1 Y 1 A LYS 160 ? NZ  ? A LYS 151 NZ  
33 1 Y 1 A LYS 162 ? CE  ? A LYS 153 CE  
34 1 Y 1 A LYS 162 ? NZ  ? A LYS 153 NZ  
# 
loop_
_software.citation_id 
_software.classification 
_software.compiler_name 
_software.compiler_version 
_software.contact_author 
_software.contact_author_email 
_software.date 
_software.description 
_software.dependencies 
_software.hardware 
_software.language 
_software.location 
_software.mods 
_software.name 
_software.os 
_software.os_version 
_software.type 
_software.version 
_software.pdbx_ordinal 
? refinement        ? ? ? ? ? ? ? ? ? ? ? PHENIX      ? ? ? 1.12_2829 1 
? 'data scaling'    ? ? ? ? ? ? ? ? ? ? ? HKL-2000    ? ? ? .         2 
? 'data extraction' ? ? ? ? ? ? ? ? ? ? ? PDB_EXTRACT ? ? ? 3.22      3 
? 'data reduction'  ? ? ? ? ? ? ? ? ? ? ? HKL-2000    ? ? ? .         4 
? phasing           ? ? ? ? ? ? ? ? ? ? ? PHENIX      ? ? ? .         5 
# 
_cell.length_a           41.685 
_cell.length_b           62.643 
_cell.length_c           63.758 
_cell.angle_alpha        90.000 
_cell.angle_beta         90.000 
_cell.angle_gamma        90.000 
_cell.entry_id           5WJD 
_cell.Z_PDB              4 
_cell.pdbx_unique_axis   ? 
# 
_symmetry.space_group_name_H-M             'P 21 21 21' 
_symmetry.entry_id                         5WJD 
_symmetry.Int_Tables_number                19 
_symmetry.pdbx_full_space_group_name_H-M   ? 
_symmetry.cell_setting                     ? 
# 
_exptl.absorpt_coefficient_mu     ? 
_exptl.absorpt_correction_T_max   ? 
_exptl.absorpt_correction_T_min   ? 
_exptl.absorpt_correction_type    ? 
_exptl.absorpt_process_details    ? 
_exptl.entry_id                   5WJD 
_exptl.crystals_number            1 
_exptl.details                    ? 
_exptl.method                     'X-RAY DIFFRACTION' 
_exptl.method_details             ? 
# 
_exptl_crystal.colour                      ? 
_exptl_crystal.density_diffrn              ? 
_exptl_crystal.density_Matthews            2.31 
_exptl_crystal.density_method              ? 
_exptl_crystal.density_percent_sol         46.85 
_exptl_crystal.description                 ? 
_exptl_crystal.F_000                       ? 
_exptl_crystal.id                          1 
_exptl_crystal.preparation                 ? 
_exptl_crystal.size_max                    ? 
_exptl_crystal.size_mid                    ? 
_exptl_crystal.size_min                    ? 
_exptl_crystal.size_rad                    ? 
_exptl_crystal.colour_lustre               ? 
_exptl_crystal.colour_modifier             ? 
_exptl_crystal.colour_primary              ? 
_exptl_crystal.density_meas                ? 
_exptl_crystal.density_meas_esd            ? 
_exptl_crystal.density_meas_gt             ? 
_exptl_crystal.density_meas_lt             ? 
_exptl_crystal.density_meas_temp           ? 
_exptl_crystal.density_meas_temp_esd       ? 
_exptl_crystal.density_meas_temp_gt        ? 
_exptl_crystal.density_meas_temp_lt        ? 
_exptl_crystal.pdbx_crystal_image_url      ? 
_exptl_crystal.pdbx_crystal_image_format   ? 
_exptl_crystal.pdbx_mosaicity              ? 
_exptl_crystal.pdbx_mosaicity_esd          ? 
# 
_exptl_crystal_grow.apparatus       ? 
_exptl_crystal_grow.atmosphere      ? 
_exptl_crystal_grow.crystal_id      1 
_exptl_crystal_grow.details         ? 
_exptl_crystal_grow.method          'VAPOR DIFFUSION, HANGING DROP' 
_exptl_crystal_grow.method_ref      ? 
_exptl_crystal_grow.pH              ? 
_exptl_crystal_grow.pressure        ? 
_exptl_crystal_grow.pressure_esd    ? 
_exptl_crystal_grow.seeding         ? 
_exptl_crystal_grow.seeding_ref     ? 
_exptl_crystal_grow.temp            293.15 
_exptl_crystal_grow.temp_details    ? 
_exptl_crystal_grow.temp_esd        ? 
_exptl_crystal_grow.time            ? 
_exptl_crystal_grow.pdbx_details    
'24% polyethylene glycol (PEG) 3350, 0.1 M Bis Tris propane (pH 7.6, pH adjusted with citric acid) and 10 mM NaBr' 
_exptl_crystal_grow.pdbx_pH_range   ? 
# 
_diffrn.ambient_environment    ? 
_diffrn.ambient_temp           100 
_diffrn.ambient_temp_details   ? 
_diffrn.ambient_temp_esd       ? 
_diffrn.crystal_id             1 
_diffrn.crystal_support        ? 
_diffrn.crystal_treatment      ? 
_diffrn.details                ? 
_diffrn.id                     1 
_diffrn.ambient_pressure       ? 
_diffrn.ambient_pressure_esd   ? 
_diffrn.ambient_pressure_gt    ? 
_diffrn.ambient_pressure_lt    ? 
_diffrn.ambient_temp_gt        ? 
_diffrn.ambient_temp_lt        ? 
# 
_diffrn_detector.details                      ? 
_diffrn_detector.detector                     PIXEL 
_diffrn_detector.diffrn_id                    1 
_diffrn_detector.type                         'DECTRIS PILATUS3 6M' 
_diffrn_detector.area_resol_mean              ? 
_diffrn_detector.dtime                        ? 
_diffrn_detector.pdbx_frames_total            ? 
_diffrn_detector.pdbx_collection_time_total   ? 
_diffrn_detector.pdbx_collection_date         2017-03-17 
# 
_diffrn_radiation.collimation                      ? 
_diffrn_radiation.diffrn_id                        1 
_diffrn_radiation.filter_edge                      ? 
_diffrn_radiation.inhomogeneity                    ? 
_diffrn_radiation.monochromator                    ? 
_diffrn_radiation.polarisn_norm                    ? 
_diffrn_radiation.polarisn_ratio                   ? 
_diffrn_radiation.probe                            ? 
_diffrn_radiation.type                             ? 
_diffrn_radiation.xray_symbol                      ? 
_diffrn_radiation.wavelength_id                    1 
_diffrn_radiation.pdbx_monochromatic_or_laue_m_l   M 
_diffrn_radiation.pdbx_wavelength_list             ? 
_diffrn_radiation.pdbx_wavelength                  ? 
_diffrn_radiation.pdbx_diffrn_protocol             'SINGLE WAVELENGTH' 
_diffrn_radiation.pdbx_analyzer                    ? 
_diffrn_radiation.pdbx_scattering_type             x-ray 
# 
_diffrn_radiation_wavelength.id           1 
_diffrn_radiation_wavelength.wavelength   1.03319 
_diffrn_radiation_wavelength.wt           1.0 
# 
_diffrn_source.current                     ? 
_diffrn_source.details                     ? 
_diffrn_source.diffrn_id                   1 
_diffrn_source.power                       ? 
_diffrn_source.size                        ? 
_diffrn_source.source                      SYNCHROTRON 
_diffrn_source.target                      ? 
_diffrn_source.type                        'APS BEAMLINE 23-ID-D' 
_diffrn_source.voltage                     ? 
_diffrn_source.take-off_angle              ? 
_diffrn_source.pdbx_wavelength_list        1.03319 
_diffrn_source.pdbx_wavelength             ? 
_diffrn_source.pdbx_synchrotron_beamline   23-ID-D 
_diffrn_source.pdbx_synchrotron_site       APS 
# 
_reflns.entry_id                     5WJD 
_reflns.pdbx_diffrn_id               1 
_reflns.pdbx_ordinal                 1 
_reflns.observed_criterion_sigma_I   ? 
_reflns.observed_criterion_sigma_F   ? 
_reflns.d_resolution_low             50.000 
_reflns.d_resolution_high            2.000 
_reflns.number_obs                   11715 
_reflns.number_all                   ? 
_reflns.percent_possible_obs         99.500 
_reflns.pdbx_Rmerge_I_obs            0.177 
_reflns.pdbx_Rsym_value              ? 
_reflns.pdbx_netI_over_sigmaI        4.700 
_reflns.B_iso_Wilson_estimate        ? 
_reflns.pdbx_redundancy              12.300 
_reflns.pdbx_Rrim_I_all              0.185 
_reflns.pdbx_Rpim_I_all              0.052 
_reflns.pdbx_CC_half                 ? 
_reflns.pdbx_netI_over_av_sigmaI     ? 
_reflns.pdbx_number_measured_all     144411 
_reflns.pdbx_scaling_rejects         ? 
_reflns.pdbx_chi_squared             1.468 
_reflns.Rmerge_F_all                 ? 
_reflns.Rmerge_F_obs                 ? 
_reflns.observed_criterion_F_max     ? 
_reflns.observed_criterion_F_min     ? 
_reflns.observed_criterion_I_max     ? 
_reflns.observed_criterion_I_min     ? 
_reflns.pdbx_d_res_high_opt          ? 
_reflns.pdbx_d_res_low_opt           ? 
_reflns.details                      ? 
# 
loop_
_reflns_shell.pdbx_diffrn_id 
_reflns_shell.pdbx_ordinal 
_reflns_shell.d_res_high 
_reflns_shell.d_res_low 
_reflns_shell.number_measured_obs 
_reflns_shell.number_measured_all 
_reflns_shell.number_unique_obs 
_reflns_shell.pdbx_rejects 
_reflns_shell.Rmerge_I_obs 
_reflns_shell.meanI_over_sigI_obs 
_reflns_shell.pdbx_Rsym_value 
_reflns_shell.pdbx_chi_squared 
_reflns_shell.pdbx_redundancy 
_reflns_shell.percent_possible_obs 
_reflns_shell.pdbx_netI_over_sigmaI_obs 
_reflns_shell.number_possible 
_reflns_shell.number_unique_all 
_reflns_shell.Rmerge_F_all 
_reflns_shell.Rmerge_F_obs 
_reflns_shell.Rmerge_I_all 
_reflns_shell.meanI_over_sigI_all 
_reflns_shell.percent_possible_all 
_reflns_shell.pdbx_Rrim_I_all 
_reflns_shell.pdbx_Rpim_I_all 
_reflns_shell.pdbx_CC_half 
1 1  2.000 2.030  ? ? 575 ? 0.756 ? ? 0.777 10.000 ? ? ? ? ? ? ? ? 99.800  0.797 0.245 0.779 
1 2  2.030 2.070  ? ? 551 ? 0.707 ? ? 0.793 11.100 ? ? ? ? ? ? ? ? 98.000  0.741 0.218 0.858 
1 3  2.070 2.110  ? ? 568 ? 0.675 ? ? 0.845 11.100 ? ? ? ? ? ? ? ? 99.800  0.707 0.208 0.883 
1 4  2.110 2.150  ? ? 583 ? 0.561 ? ? 0.879 12.400 ? ? ? ? ? ? ? ? 98.600  0.585 0.164 0.940 
1 5  2.150 2.200  ? ? 562 ? 0.534 ? ? 0.956 12.800 ? ? ? ? ? ? ? ? 98.600  0.556 0.154 0.927 
1 6  2.200 2.250  ? ? 570 ? 0.512 ? ? 0.994 12.900 ? ? ? ? ? ? ? ? 100.000 0.532 0.146 0.937 
1 7  2.250 2.310  ? ? 584 ? 0.447 ? ? 1.053 13.000 ? ? ? ? ? ? ? ? 99.000  0.465 0.128 0.955 
1 8  2.310 2.370  ? ? 561 ? 0.437 ? ? 0.980 12.700 ? ? ? ? ? ? ? ? 98.900  0.455 0.126 0.964 
1 9  2.370 2.440  ? ? 594 ? 0.358 ? ? 1.124 12.100 ? ? ? ? ? ? ? ? 100.000 0.374 0.107 0.959 
1 10 2.440 2.520  ? ? 561 ? 0.338 ? ? 1.219 12.900 ? ? ? ? ? ? ? ? 99.300  0.352 0.097 0.971 
1 11 2.520 2.610  ? ? 592 ? 0.290 ? ? 1.315 12.600 ? ? ? ? ? ? ? ? 99.500  0.303 0.085 0.973 
1 12 2.610 2.710  ? ? 569 ? 0.276 ? ? 1.328 13.300 ? ? ? ? ? ? ? ? 99.500  0.287 0.078 0.981 
1 13 2.710 2.840  ? ? 589 ? 0.236 ? ? 1.374 13.100 ? ? ? ? ? ? ? ? 99.500  0.246 0.068 0.985 
1 14 2.840 2.990  ? ? 596 ? 0.198 ? ? 1.595 12.900 ? ? ? ? ? ? ? ? 99.700  0.207 0.057 0.986 
1 15 2.990 3.170  ? ? 583 ? 0.173 ? ? 1.987 12.200 ? ? ? ? ? ? ? ? 99.700  0.181 0.051 0.989 
1 16 3.170 3.420  ? ? 588 ? 0.142 ? ? 2.341 12.700 ? ? ? ? ? ? ? ? 99.700  0.148 0.041 0.991 
1 17 3.420 3.760  ? ? 603 ? 0.120 ? ? 2.421 13.000 ? ? ? ? ? ? ? ? 100.000 0.125 0.035 0.996 
1 18 3.760 4.310  ? ? 593 ? 0.102 ? ? 2.573 12.500 ? ? ? ? ? ? ? ? 100.000 0.106 0.030 0.996 
1 19 4.310 5.430  ? ? 621 ? 0.088 ? ? 2.329 12.000 ? ? ? ? ? ? ? ? 100.000 0.092 0.026 0.996 
1 20 5.430 50.000 ? ? 672 ? 0.080 ? ? 1.985 11.500 ? ? ? ? ? ? ? ? 99.900  0.084 0.024 0.998 
# 
_refine.entry_id                                 5WJD 
_refine.pdbx_refine_id                           'X-RAY DIFFRACTION' 
_refine.ls_d_res_high                            2.0010 
_refine.ls_d_res_low                             44.6840 
_refine.pdbx_ls_sigma_F                          1.370 
_refine.pdbx_data_cutoff_high_absF               ? 
_refine.pdbx_data_cutoff_low_absF                ? 
_refine.ls_percent_reflns_obs                    99.2500 
_refine.ls_number_reflns_obs                     11681 
_refine.ls_number_reflns_all                     ? 
_refine.pdbx_ls_cross_valid_method               THROUGHOUT 
_refine.ls_matrix_type                           ? 
_refine.pdbx_R_Free_selection_details            ? 
_refine.details                                  ? 
_refine.ls_R_factor_all                          ? 
_refine.ls_R_factor_obs                          0.1876 
_refine.ls_R_factor_R_work                       0.1836 
_refine.ls_wR_factor_R_work                      ? 
_refine.ls_R_factor_R_free                       0.2223 
_refine.ls_wR_factor_R_free                      ? 
_refine.ls_percent_reflns_R_free                 10.0500 
_refine.ls_number_reflns_R_free                  1174 
_refine.ls_number_reflns_R_work                  10507 
_refine.ls_R_factor_R_free_error                 ? 
_refine.B_iso_mean                               25.5361 
_refine.solvent_model_param_bsol                 ? 
_refine.solvent_model_param_ksol                 ? 
_refine.pdbx_isotropic_thermal_model             ? 
_refine.aniso_B[1][1]                            ? 
_refine.aniso_B[2][2]                            ? 
_refine.aniso_B[3][3]                            ? 
_refine.aniso_B[1][2]                            ? 
_refine.aniso_B[1][3]                            ? 
_refine.aniso_B[2][3]                            ? 
_refine.correlation_coeff_Fo_to_Fc               ? 
_refine.correlation_coeff_Fo_to_Fc_free          ? 
_refine.overall_SU_R_Cruickshank_DPI             ? 
_refine.pdbx_overall_SU_R_free_Cruickshank_DPI   ? 
_refine.pdbx_overall_SU_R_Blow_DPI               ? 
_refine.pdbx_overall_SU_R_free_Blow_DPI          ? 
_refine.overall_SU_R_free                        ? 
_refine.pdbx_overall_ESU_R                       ? 
_refine.pdbx_overall_ESU_R_Free                  ? 
_refine.overall_SU_ML                            0.2000 
_refine.overall_SU_B                             ? 
_refine.solvent_model_details                    'FLAT BULK SOLVENT MODEL' 
_refine.pdbx_solvent_vdw_probe_radii             1.1100 
_refine.pdbx_solvent_ion_probe_radii             ? 
_refine.pdbx_solvent_shrinkage_radii             0.9000 
_refine.ls_number_parameters                     ? 
_refine.ls_number_restraints                     ? 
_refine.pdbx_starting_model                      2CNM 
_refine.pdbx_method_to_determine_struct          'MOLECULAR REPLACEMENT' 
_refine.pdbx_stereochemistry_target_values       ML 
_refine.pdbx_stereochem_target_val_spec_case     ? 
_refine.overall_FOM_work_R_set                   ? 
_refine.B_iso_max                                60.410 
_refine.B_iso_min                                10.940 
_refine.pdbx_overall_phase_error                 22.0300 
_refine.occupancy_max                            ? 
_refine.occupancy_min                            ? 
_refine.pdbx_diffrn_id                           1 
_refine.pdbx_TLS_residual_ADP_flag               ? 
_refine.pdbx_ls_sigma_I                          ? 
_refine.pdbx_data_cutoff_high_rms_absF           ? 
_refine.ls_R_factor_R_free_error_details         ? 
# 
_refine_hist.cycle_id                         final 
_refine_hist.pdbx_refine_id                   'X-RAY DIFFRACTION' 
_refine_hist.d_res_high                       2.0010 
_refine_hist.d_res_low                        44.6840 
_refine_hist.pdbx_number_atoms_ligand         64 
_refine_hist.number_atoms_solvent             129 
_refine_hist.number_atoms_total               1413 
_refine_hist.pdbx_number_residues_total       157 
_refine_hist.pdbx_B_iso_mean_ligand           31.97 
_refine_hist.pdbx_B_iso_mean_solvent          33.39 
_refine_hist.pdbx_number_atoms_protein        1220 
_refine_hist.pdbx_number_atoms_nucleic_acid   0 
# 
loop_
_refine_ls_restr.pdbx_refine_id 
_refine_ls_restr.type 
_refine_ls_restr.number 
_refine_ls_restr.dev_ideal 
_refine_ls_restr.dev_ideal_target 
_refine_ls_restr.weight 
_refine_ls_restr.pdbx_restraint_function 
'X-RAY DIFFRACTION' f_bond_d           1313 0.003 ? ? ? 
'X-RAY DIFFRACTION' f_angle_d          1785 0.744 ? ? ? 
'X-RAY DIFFRACTION' f_chiral_restr     197  0.045 ? ? ? 
'X-RAY DIFFRACTION' f_plane_restr      219  0.003 ? ? ? 
'X-RAY DIFFRACTION' f_dihedral_angle_d 780  9.966 ? ? ? 
# 
loop_
_refine_ls_shell.d_res_high 
_refine_ls_shell.d_res_low 
_refine_ls_shell.pdbx_total_number_of_bins_used 
_refine_ls_shell.percent_reflns_obs 
_refine_ls_shell.number_reflns_R_work 
_refine_ls_shell.R_factor_all 
_refine_ls_shell.R_factor_R_work 
_refine_ls_shell.R_factor_R_free 
_refine_ls_shell.percent_reflns_R_free 
_refine_ls_shell.number_reflns_R_free 
_refine_ls_shell.R_factor_R_free_error 
_refine_ls_shell.number_reflns_all 
_refine_ls_shell.number_reflns_obs 
_refine_ls_shell.pdbx_refine_id 
2.0006 2.0916  8 97.0000  1259 . 0.2119 0.2853 . 142 0.0000 1401 . 'X-RAY DIFFRACTION' 
2.0916 2.2019  8 99.0000  1272 . 0.1993 0.2665 . 142 0.0000 1414 . 'X-RAY DIFFRACTION' 
2.2019 2.3399  8 100.0000 1291 . 0.1925 0.2377 . 143 0.0000 1434 . 'X-RAY DIFFRACTION' 
2.3399 2.5205  8 99.0000  1298 . 0.1910 0.2424 . 142 0.0000 1440 . 'X-RAY DIFFRACTION' 
2.5205 2.7741  8 100.0000 1309 . 0.1959 0.2499 . 149 0.0000 1458 . 'X-RAY DIFFRACTION' 
2.7741 3.1755  8 100.0000 1324 . 0.1869 0.2221 . 144 0.0000 1468 . 'X-RAY DIFFRACTION' 
3.1755 4.0003  8 100.0000 1343 . 0.1588 0.1859 . 149 0.0000 1492 . 'X-RAY DIFFRACTION' 
4.0003 44.6954 8 100.0000 1411 . 0.1830 0.2049 . 163 0.0000 1574 . 'X-RAY DIFFRACTION' 
# 
_struct.entry_id                     5WJD 
_struct.title                        'Crystal structure of Naa80 bound to acetyl-CoA' 
_struct.pdbx_model_details           ? 
_struct.pdbx_formula_weight          ? 
_struct.pdbx_formula_weight_method   ? 
_struct.pdbx_model_type_details      ? 
_struct.pdbx_CASP_flag               N 
# 
_struct_keywords.entry_id        5WJD 
_struct_keywords.text            'Acetyltransferase, acetyl-CoA, GNAT fold, acetylation, TRANSFERASE' 
_struct_keywords.pdbx_keywords   TRANSFERASE 
# 
loop_
_struct_asym.id 
_struct_asym.pdbx_blank_PDB_chainid_flag 
_struct_asym.pdbx_modified 
_struct_asym.entity_id 
_struct_asym.details 
A N N 1 ? 
B N N 2 ? 
C N N 3 ? 
D N N 4 ? 
# 
_struct_ref.id                         1 
_struct_ref.db_name                    UNP 
_struct_ref.db_code                    Q59DX8_DROME 
_struct_ref.pdbx_db_accession          Q59DX8 
_struct_ref.pdbx_db_isoform            ? 
_struct_ref.entity_id                  1 
_struct_ref.pdbx_seq_one_letter_code   
;GSPFNVVPIHNYPELMKDTCALINAEWPRSETARMRSLEASCDSLPCSLVLTTEGMCRVIAHLKLSPINSKKKACFVESV
VVDKRHRGQGFGKLIMKFAEDYCRVVLDLKTIYLSTIDQDGFYERIGYEYCAPITMYGPRHCELPSLQNAKKKYMKKVL
;
_struct_ref.pdbx_align_begin           20 
# 
_struct_ref_seq.align_id                      1 
_struct_ref_seq.ref_id                        1 
_struct_ref_seq.pdbx_PDB_id_code              5WJD 
_struct_ref_seq.pdbx_strand_id                A 
_struct_ref_seq.seq_align_beg                 1 
_struct_ref_seq.pdbx_seq_align_beg_ins_code   ? 
_struct_ref_seq.seq_align_end                 159 
_struct_ref_seq.pdbx_seq_align_end_ins_code   ? 
_struct_ref_seq.pdbx_db_accession             Q59DX8 
_struct_ref_seq.db_align_beg                  20 
_struct_ref_seq.pdbx_db_align_beg_ins_code    ? 
_struct_ref_seq.db_align_end                  178 
_struct_ref_seq.pdbx_db_align_end_ins_code    ? 
_struct_ref_seq.pdbx_auth_seq_align_beg       10 
_struct_ref_seq.pdbx_auth_seq_align_end       168 
# 
_pdbx_struct_assembly.id                   1 
_pdbx_struct_assembly.details              author_and_software_defined_assembly 
_pdbx_struct_assembly.method_details       PISA 
_pdbx_struct_assembly.oligomeric_details   monomeric 
_pdbx_struct_assembly.oligomeric_count     1 
# 
_pdbx_struct_assembly_gen.assembly_id       1 
_pdbx_struct_assembly_gen.oper_expression   1 
_pdbx_struct_assembly_gen.asym_id_list      A,B,C,D 
# 
_pdbx_struct_assembly_auth_evidence.id                     1 
_pdbx_struct_assembly_auth_evidence.assembly_id            1 
_pdbx_struct_assembly_auth_evidence.experimental_support   'gel filtration' 
_pdbx_struct_assembly_auth_evidence.details                ? 
# 
_pdbx_struct_oper_list.id                   1 
_pdbx_struct_oper_list.type                 'identity operation' 
_pdbx_struct_oper_list.name                 1_555 
_pdbx_struct_oper_list.symmetry_operation   x,y,z 
_pdbx_struct_oper_list.matrix[1][1]         1.0000000000 
_pdbx_struct_oper_list.matrix[1][2]         0.0000000000 
_pdbx_struct_oper_list.matrix[1][3]         0.0000000000 
_pdbx_struct_oper_list.vector[1]            0.0000000000 
_pdbx_struct_oper_list.matrix[2][1]         0.0000000000 
_pdbx_struct_oper_list.matrix[2][2]         1.0000000000 
_pdbx_struct_oper_list.matrix[2][3]         0.0000000000 
_pdbx_struct_oper_list.vector[2]            0.0000000000 
_pdbx_struct_oper_list.matrix[3][1]         0.0000000000 
_pdbx_struct_oper_list.matrix[3][2]         0.0000000000 
_pdbx_struct_oper_list.matrix[3][3]         1.0000000000 
_pdbx_struct_oper_list.vector[3]            0.0000000000 
# 
loop_
_struct_conf.conf_type_id 
_struct_conf.id 
_struct_conf.pdbx_PDB_helix_id 
_struct_conf.beg_label_comp_id 
_struct_conf.beg_label_asym_id 
_struct_conf.beg_label_seq_id 
_struct_conf.pdbx_beg_PDB_ins_code 
_struct_conf.end_label_comp_id 
_struct_conf.end_label_asym_id 
_struct_conf.end_label_seq_id 
_struct_conf.pdbx_end_PDB_ins_code 
_struct_conf.beg_auth_comp_id 
_struct_conf.beg_auth_asym_id 
_struct_conf.beg_auth_seq_id 
_struct_conf.end_auth_comp_id 
_struct_conf.end_auth_asym_id 
_struct_conf.end_auth_seq_id 
_struct_conf.pdbx_PDB_helix_class 
_struct_conf.details 
_struct_conf.pdbx_PDB_helix_length 
HELX_P HELX_P1 AA1 HIS A 10  ? GLU A 14  ? HIS A 19  GLU A 23  5 ? 5  
HELX_P HELX_P2 AA2 LEU A 15  ? TRP A 27  ? LEU A 24  TRP A 36  1 ? 13 
HELX_P HELX_P3 AA3 SER A 30  ? ALA A 40  ? SER A 39  ALA A 49  1 ? 11 
HELX_P HELX_P4 AA4 LYS A 84  ? ARG A 87  ? LYS A 93  ARG A 96  5 ? 4  
HELX_P HELX_P5 AA5 GLY A 90  ? VAL A 106 ? GLY A 99  VAL A 115 1 ? 17 
HELX_P HELX_P6 AA6 GLN A 119 ? ILE A 126 ? GLN A 128 ILE A 135 1 ? 8  
HELX_P HELX_P7 AA7 LEU A 144 ? GLN A 148 ? LEU A 153 GLN A 157 5 ? 5  
# 
_struct_conf_type.id          HELX_P 
_struct_conf_type.criteria    ? 
_struct_conf_type.reference   ? 
# 
_struct_mon_prot_cis.pdbx_id                1 
_struct_mon_prot_cis.label_comp_id          LEU 
_struct_mon_prot_cis.label_seq_id           45 
_struct_mon_prot_cis.label_asym_id          A 
_struct_mon_prot_cis.label_alt_id           . 
_struct_mon_prot_cis.pdbx_PDB_ins_code      ? 
_struct_mon_prot_cis.auth_comp_id           LEU 
_struct_mon_prot_cis.auth_seq_id            54 
_struct_mon_prot_cis.auth_asym_id           A 
_struct_mon_prot_cis.pdbx_label_comp_id_2   PRO 
_struct_mon_prot_cis.pdbx_label_seq_id_2    46 
_struct_mon_prot_cis.pdbx_label_asym_id_2   A 
_struct_mon_prot_cis.pdbx_PDB_ins_code_2    ? 
_struct_mon_prot_cis.pdbx_auth_comp_id_2    PRO 
_struct_mon_prot_cis.pdbx_auth_seq_id_2     55 
_struct_mon_prot_cis.pdbx_auth_asym_id_2    A 
_struct_mon_prot_cis.pdbx_PDB_model_num     1 
_struct_mon_prot_cis.pdbx_omega_angle       -1.40 
# 
_struct_sheet.id               AA1 
_struct_sheet.type             ? 
_struct_sheet.number_strands   7 
_struct_sheet.details          ? 
# 
loop_
_struct_sheet_order.sheet_id 
_struct_sheet_order.range_id_1 
_struct_sheet_order.range_id_2 
_struct_sheet_order.offset 
_struct_sheet_order.sense 
AA1 1 2 ? anti-parallel 
AA1 2 3 ? anti-parallel 
AA1 3 4 ? anti-parallel 
AA1 4 5 ? parallel      
AA1 5 6 ? anti-parallel 
AA1 6 7 ? anti-parallel 
# 
loop_
_struct_sheet_range.sheet_id 
_struct_sheet_range.id 
_struct_sheet_range.beg_label_comp_id 
_struct_sheet_range.beg_label_asym_id 
_struct_sheet_range.beg_label_seq_id 
_struct_sheet_range.pdbx_beg_PDB_ins_code 
_struct_sheet_range.end_label_comp_id 
_struct_sheet_range.end_label_asym_id 
_struct_sheet_range.end_label_seq_id 
_struct_sheet_range.pdbx_end_PDB_ins_code 
_struct_sheet_range.beg_auth_comp_id 
_struct_sheet_range.beg_auth_asym_id 
_struct_sheet_range.beg_auth_seq_id 
_struct_sheet_range.end_auth_comp_id 
_struct_sheet_range.end_auth_asym_id 
_struct_sheet_range.end_auth_seq_id 
AA1 1 PHE A 4   ? PRO A 8   ? PHE A 13  PRO A 17  
AA1 2 CYS A 47  ? THR A 53  ? CYS A 56  THR A 62  
AA1 3 VAL A 59  ? ILE A 68  ? VAL A 68  ILE A 77  
AA1 4 LYS A 71  ? VAL A 82  ? LYS A 80  VAL A 91  
AA1 5 THR A 111 ? THR A 116 ? THR A 120 THR A 125 
AA1 6 LYS A 153 ? VAL A 158 ? LYS A 162 VAL A 167 
AA1 7 GLU A 129 ? TYR A 130 ? GLU A 138 TYR A 139 
# 
loop_
_pdbx_struct_sheet_hbond.sheet_id 
_pdbx_struct_sheet_hbond.range_id_1 
_pdbx_struct_sheet_hbond.range_id_2 
_pdbx_struct_sheet_hbond.range_1_label_atom_id 
_pdbx_struct_sheet_hbond.range_1_label_comp_id 
_pdbx_struct_sheet_hbond.range_1_label_asym_id 
_pdbx_struct_sheet_hbond.range_1_label_seq_id 
_pdbx_struct_sheet_hbond.range_1_PDB_ins_code 
_pdbx_struct_sheet_hbond.range_1_auth_atom_id 
_pdbx_struct_sheet_hbond.range_1_auth_comp_id 
_pdbx_struct_sheet_hbond.range_1_auth_asym_id 
_pdbx_struct_sheet_hbond.range_1_auth_seq_id 
_pdbx_struct_sheet_hbond.range_2_label_atom_id 
_pdbx_struct_sheet_hbond.range_2_label_comp_id 
_pdbx_struct_sheet_hbond.range_2_label_asym_id 
_pdbx_struct_sheet_hbond.range_2_label_seq_id 
_pdbx_struct_sheet_hbond.range_2_PDB_ins_code 
_pdbx_struct_sheet_hbond.range_2_auth_atom_id 
_pdbx_struct_sheet_hbond.range_2_auth_comp_id 
_pdbx_struct_sheet_hbond.range_2_auth_asym_id 
_pdbx_struct_sheet_hbond.range_2_auth_seq_id 
AA1 1 2 N ASN A 5   ? N ASN A 14  O THR A 52  ? O THR A 61  
AA1 2 3 N CYS A 47  ? N CYS A 56  O LEU A 65  ? O LEU A 74  
AA1 3 4 N SER A 66  ? N SER A 75  O PHE A 76  ? O PHE A 85  
AA1 4 5 N CYS A 75  ? N CYS A 84  O TYR A 113 ? O TYR A 122 
AA1 5 6 N THR A 116 ? N THR A 125 O LYS A 153 ? O LYS A 162 
AA1 6 7 O LYS A 156 ? O LYS A 165 N GLU A 129 ? N GLU A 138 
# 
loop_
_struct_site.id 
_struct_site.pdbx_evidence_code 
_struct_site.pdbx_auth_asym_id 
_struct_site.pdbx_auth_comp_id 
_struct_site.pdbx_auth_seq_id 
_struct_site.pdbx_auth_ins_code 
_struct_site.pdbx_num_residues 
_struct_site.details 
AC1 Software A ACO 201 ? 22 'binding site for residue ACO A 201' 
AC2 Software A CIT 202 ? 8  'binding site for residue CIT A 202' 
# 
loop_
_struct_site_gen.id 
_struct_site_gen.site_id 
_struct_site_gen.pdbx_num_res 
_struct_site_gen.label_comp_id 
_struct_site_gen.label_asym_id 
_struct_site_gen.label_seq_id 
_struct_site_gen.pdbx_auth_ins_code 
_struct_site_gen.auth_comp_id 
_struct_site_gen.auth_asym_id 
_struct_site_gen.auth_seq_id 
_struct_site_gen.label_atom_id 
_struct_site_gen.label_alt_id 
_struct_site_gen.symmetry 
_struct_site_gen.details 
1  AC1 22 GLU A 26  ? GLU A 35  . ? 1_555 ? 
2  AC1 22 SER A 79  ? SER A 88  . ? 1_555 ? 
3  AC1 22 VAL A 80  ? VAL A 89  . ? 1_555 ? 
4  AC1 22 VAL A 81  ? VAL A 90  . ? 1_555 ? 
5  AC1 22 VAL A 82  ? VAL A 91  . ? 1_555 ? 
6  AC1 22 ARG A 87  ? ARG A 96  . ? 1_555 ? 
7  AC1 22 GLY A 88  ? GLY A 97  . ? 1_555 ? 
8  AC1 22 GLN A 89  ? GLN A 98  . ? 1_555 ? 
9  AC1 22 GLY A 90  ? GLY A 99  . ? 1_555 ? 
10 AC1 22 GLY A 92  ? GLY A 101 . ? 1_555 ? 
11 AC1 22 LYS A 93  ? LYS A 102 . ? 1_555 ? 
12 AC1 22 SER A 115 ? SER A 124 . ? 1_555 ? 
13 AC1 22 THR A 116 ? THR A 125 . ? 1_555 ? 
14 AC1 22 GLN A 119 ? GLN A 128 . ? 1_555 ? 
15 AC1 22 GLY A 121 ? GLY A 130 . ? 1_555 ? 
16 AC1 22 PHE A 122 ? PHE A 131 . ? 1_555 ? 
17 AC1 22 TYR A 123 ? TYR A 132 . ? 1_555 ? 
18 AC1 22 ARG A 125 ? ARG A 134 . ? 1_555 ? 
19 AC1 22 HOH D .   ? HOH A 307 . ? 1_555 ? 
20 AC1 22 HOH D .   ? HOH A 339 . ? 1_555 ? 
21 AC1 22 HOH D .   ? HOH A 369 . ? 1_555 ? 
22 AC1 22 HOH D .   ? HOH A 387 . ? 1_555 ? 
23 AC2 8  ARG A 29  ? ARG A 38  . ? 1_555 ? 
24 AC2 8  ARG A 34  ? ARG A 43  . ? 1_555 ? 
25 AC2 8  ARG A 36  ? ARG A 45  . ? 1_555 ? 
26 AC2 8  LYS A 97  ? LYS A 106 . ? 2_754 ? 
27 AC2 8  HOH D .   ? HOH A 302 . ? 1_555 ? 
28 AC2 8  HOH D .   ? HOH A 308 . ? 1_555 ? 
29 AC2 8  HOH D .   ? HOH A 309 . ? 1_555 ? 
30 AC2 8  HOH D .   ? HOH A 310 . ? 1_555 ? 
# 
_pdbx_entry_details.entry_id                   5WJD 
_pdbx_entry_details.compound_details           ? 
_pdbx_entry_details.source_details             ? 
_pdbx_entry_details.nonpolymer_details         ? 
_pdbx_entry_details.sequence_details           ? 
_pdbx_entry_details.has_ligand_of_interest     ? 
_pdbx_entry_details.has_protein_modification   N 
# 
loop_
_pdbx_validate_close_contact.id 
_pdbx_validate_close_contact.PDB_model_num 
_pdbx_validate_close_contact.auth_atom_id_1 
_pdbx_validate_close_contact.auth_asym_id_1 
_pdbx_validate_close_contact.auth_comp_id_1 
_pdbx_validate_close_contact.auth_seq_id_1 
_pdbx_validate_close_contact.PDB_ins_code_1 
_pdbx_validate_close_contact.label_alt_id_1 
_pdbx_validate_close_contact.auth_atom_id_2 
_pdbx_validate_close_contact.auth_asym_id_2 
_pdbx_validate_close_contact.auth_comp_id_2 
_pdbx_validate_close_contact.auth_seq_id_2 
_pdbx_validate_close_contact.PDB_ins_code_2 
_pdbx_validate_close_contact.label_alt_id_2 
_pdbx_validate_close_contact.dist 
1 1 OE1 A GLN 128 ? ? N6A A ACO 201 ? ? 1.30 
2 1 O   A LYS 161 ? ? O   A HOH 301 ? ? 2.07 
3 1 O6  A CIT 202 ? ? O   A HOH 302 ? ? 2.13 
# 
loop_
_pdbx_validate_torsion.id 
_pdbx_validate_torsion.PDB_model_num 
_pdbx_validate_torsion.auth_comp_id 
_pdbx_validate_torsion.auth_asym_id 
_pdbx_validate_torsion.auth_seq_id 
_pdbx_validate_torsion.PDB_ins_code 
_pdbx_validate_torsion.label_alt_id 
_pdbx_validate_torsion.phi 
_pdbx_validate_torsion.psi 
1 1 SER A 53  ? ? -123.65 -106.23 
2 1 ARG A 149 ? ? -77.84  36.75   
# 
loop_
_pdbx_unobs_or_zero_occ_residues.id 
_pdbx_unobs_or_zero_occ_residues.PDB_model_num 
_pdbx_unobs_or_zero_occ_residues.polymer_flag 
_pdbx_unobs_or_zero_occ_residues.occupancy_flag 
_pdbx_unobs_or_zero_occ_residues.auth_asym_id 
_pdbx_unobs_or_zero_occ_residues.auth_comp_id 
_pdbx_unobs_or_zero_occ_residues.auth_seq_id 
_pdbx_unobs_or_zero_occ_residues.PDB_ins_code 
_pdbx_unobs_or_zero_occ_residues.label_asym_id 
_pdbx_unobs_or_zero_occ_residues.label_comp_id 
_pdbx_unobs_or_zero_occ_residues.label_seq_id 
1 1 Y 1 A GLY 10 ? A GLY 1 
2 1 Y 1 A SER 11 ? A SER 2 
# 
loop_
_chem_comp_atom.comp_id 
_chem_comp_atom.atom_id 
_chem_comp_atom.type_symbol 
_chem_comp_atom.pdbx_aromatic_flag 
_chem_comp_atom.pdbx_stereo_config 
_chem_comp_atom.pdbx_ordinal 
ACO N1A  N Y N 1   
ACO C2A  C Y N 2   
ACO N3A  N Y N 3   
ACO C4A  C Y N 4   
ACO C5A  C Y N 5   
ACO C6A  C Y N 6   
ACO N6A  N N N 7   
ACO N7A  N Y N 8   
ACO C8A  C Y N 9   
ACO N9A  N Y N 10  
ACO C1B  C N R 11  
ACO C2B  C N R 12  
ACO O2B  O N N 13  
ACO C3B  C N S 14  
ACO O3B  O N N 15  
ACO P3B  P N N 16  
ACO O7A  O N N 17  
ACO O8A  O N N 18  
ACO O9A  O N N 19  
ACO C4B  C N R 20  
ACO O4B  O N N 21  
ACO C5B  C N N 22  
ACO O5B  O N N 23  
ACO P1A  P N S 24  
ACO O1A  O N N 25  
ACO O2A  O N N 26  
ACO O3A  O N N 27  
ACO P2A  P N S 28  
ACO O4A  O N N 29  
ACO O5A  O N N 30  
ACO O6A  O N N 31  
ACO CBP  C N N 32  
ACO CCP  C N N 33  
ACO CDP  C N N 34  
ACO CEP  C N N 35  
ACO CAP  C N R 36  
ACO OAP  O N N 37  
ACO C9P  C N N 38  
ACO O9P  O N N 39  
ACO N8P  N N N 40  
ACO C7P  C N N 41  
ACO C6P  C N N 42  
ACO C5P  C N N 43  
ACO O5P  O N N 44  
ACO N4P  N N N 45  
ACO C3P  C N N 46  
ACO C2P  C N N 47  
ACO S1P  S N N 48  
ACO C    C N N 49  
ACO O    O N N 50  
ACO CH3  C N N 51  
ACO H2A  H N N 52  
ACO H61A H N N 53  
ACO H62A H N N 54  
ACO H8A  H N N 55  
ACO H1B  H N N 56  
ACO H2B  H N N 57  
ACO HO2A H N N 58  
ACO H3B  H N N 59  
ACO HOA8 H N N 60  
ACO HOA9 H N N 61  
ACO H4B  H N N 62  
ACO H51A H N N 63  
ACO H52A H N N 64  
ACO HOA2 H N N 65  
ACO HOA5 H N N 66  
ACO H121 H N N 67  
ACO H122 H N N 68  
ACO H131 H N N 69  
ACO H132 H N N 70  
ACO H133 H N N 71  
ACO H141 H N N 72  
ACO H142 H N N 73  
ACO H143 H N N 74  
ACO H10  H N N 75  
ACO HO1  H N N 76  
ACO HN8  H N N 77  
ACO H71  H N N 78  
ACO H72  H N N 79  
ACO H61  H N N 80  
ACO H62  H N N 81  
ACO HN4  H N N 82  
ACO H31  H N N 83  
ACO H32  H N N 84  
ACO H21  H N N 85  
ACO H22  H N N 86  
ACO HH31 H N N 87  
ACO HH32 H N N 88  
ACO HH33 H N N 89  
ALA N    N N N 90  
ALA CA   C N S 91  
ALA C    C N N 92  
ALA O    O N N 93  
ALA CB   C N N 94  
ALA OXT  O N N 95  
ALA H    H N N 96  
ALA H2   H N N 97  
ALA HA   H N N 98  
ALA HB1  H N N 99  
ALA HB2  H N N 100 
ALA HB3  H N N 101 
ALA HXT  H N N 102 
ARG N    N N N 103 
ARG CA   C N S 104 
ARG C    C N N 105 
ARG O    O N N 106 
ARG CB   C N N 107 
ARG CG   C N N 108 
ARG CD   C N N 109 
ARG NE   N N N 110 
ARG CZ   C N N 111 
ARG NH1  N N N 112 
ARG NH2  N N N 113 
ARG OXT  O N N 114 
ARG H    H N N 115 
ARG H2   H N N 116 
ARG HA   H N N 117 
ARG HB2  H N N 118 
ARG HB3  H N N 119 
ARG HG2  H N N 120 
ARG HG3  H N N 121 
ARG HD2  H N N 122 
ARG HD3  H N N 123 
ARG HE   H N N 124 
ARG HH11 H N N 125 
ARG HH12 H N N 126 
ARG HH21 H N N 127 
ARG HH22 H N N 128 
ARG HXT  H N N 129 
ASN N    N N N 130 
ASN CA   C N S 131 
ASN C    C N N 132 
ASN O    O N N 133 
ASN CB   C N N 134 
ASN CG   C N N 135 
ASN OD1  O N N 136 
ASN ND2  N N N 137 
ASN OXT  O N N 138 
ASN H    H N N 139 
ASN H2   H N N 140 
ASN HA   H N N 141 
ASN HB2  H N N 142 
ASN HB3  H N N 143 
ASN HD21 H N N 144 
ASN HD22 H N N 145 
ASN HXT  H N N 146 
ASP N    N N N 147 
ASP CA   C N S 148 
ASP C    C N N 149 
ASP O    O N N 150 
ASP CB   C N N 151 
ASP CG   C N N 152 
ASP OD1  O N N 153 
ASP OD2  O N N 154 
ASP OXT  O N N 155 
ASP H    H N N 156 
ASP H2   H N N 157 
ASP HA   H N N 158 
ASP HB2  H N N 159 
ASP HB3  H N N 160 
ASP HD2  H N N 161 
ASP HXT  H N N 162 
CIT C1   C N N 163 
CIT O1   O N N 164 
CIT O2   O N N 165 
CIT C2   C N N 166 
CIT C3   C N N 167 
CIT O7   O N N 168 
CIT C4   C N N 169 
CIT C5   C N N 170 
CIT O3   O N N 171 
CIT O4   O N N 172 
CIT C6   C N N 173 
CIT O5   O N N 174 
CIT O6   O N N 175 
CIT HO2  H N N 176 
CIT H21  H N N 177 
CIT H22  H N N 178 
CIT HO7  H N N 179 
CIT H41  H N N 180 
CIT H42  H N N 181 
CIT HO4  H N N 182 
CIT HO6  H N N 183 
CYS N    N N N 184 
CYS CA   C N R 185 
CYS C    C N N 186 
CYS O    O N N 187 
CYS CB   C N N 188 
CYS SG   S N N 189 
CYS OXT  O N N 190 
CYS H    H N N 191 
CYS H2   H N N 192 
CYS HA   H N N 193 
CYS HB2  H N N 194 
CYS HB3  H N N 195 
CYS HG   H N N 196 
CYS HXT  H N N 197 
GLN N    N N N 198 
GLN CA   C N S 199 
GLN C    C N N 200 
GLN O    O N N 201 
GLN CB   C N N 202 
GLN CG   C N N 203 
GLN CD   C N N 204 
GLN OE1  O N N 205 
GLN NE2  N N N 206 
GLN OXT  O N N 207 
GLN H    H N N 208 
GLN H2   H N N 209 
GLN HA   H N N 210 
GLN HB2  H N N 211 
GLN HB3  H N N 212 
GLN HG2  H N N 213 
GLN HG3  H N N 214 
GLN HE21 H N N 215 
GLN HE22 H N N 216 
GLN HXT  H N N 217 
GLU N    N N N 218 
GLU CA   C N S 219 
GLU C    C N N 220 
GLU O    O N N 221 
GLU CB   C N N 222 
GLU CG   C N N 223 
GLU CD   C N N 224 
GLU OE1  O N N 225 
GLU OE2  O N N 226 
GLU OXT  O N N 227 
GLU H    H N N 228 
GLU H2   H N N 229 
GLU HA   H N N 230 
GLU HB2  H N N 231 
GLU HB3  H N N 232 
GLU HG2  H N N 233 
GLU HG3  H N N 234 
GLU HE2  H N N 235 
GLU HXT  H N N 236 
GLY N    N N N 237 
GLY CA   C N N 238 
GLY C    C N N 239 
GLY O    O N N 240 
GLY OXT  O N N 241 
GLY H    H N N 242 
GLY H2   H N N 243 
GLY HA2  H N N 244 
GLY HA3  H N N 245 
GLY HXT  H N N 246 
HIS N    N N N 247 
HIS CA   C N S 248 
HIS C    C N N 249 
HIS O    O N N 250 
HIS CB   C N N 251 
HIS CG   C Y N 252 
HIS ND1  N Y N 253 
HIS CD2  C Y N 254 
HIS CE1  C Y N 255 
HIS NE2  N Y N 256 
HIS OXT  O N N 257 
HIS H    H N N 258 
HIS H2   H N N 259 
HIS HA   H N N 260 
HIS HB2  H N N 261 
HIS HB3  H N N 262 
HIS HD1  H N N 263 
HIS HD2  H N N 264 
HIS HE1  H N N 265 
HIS HE2  H N N 266 
HIS HXT  H N N 267 
HOH O    O N N 268 
HOH H1   H N N 269 
HOH H2   H N N 270 
ILE N    N N N 271 
ILE CA   C N S 272 
ILE C    C N N 273 
ILE O    O N N 274 
ILE CB   C N S 275 
ILE CG1  C N N 276 
ILE CG2  C N N 277 
ILE CD1  C N N 278 
ILE OXT  O N N 279 
ILE H    H N N 280 
ILE H2   H N N 281 
ILE HA   H N N 282 
ILE HB   H N N 283 
ILE HG12 H N N 284 
ILE HG13 H N N 285 
ILE HG21 H N N 286 
ILE HG22 H N N 287 
ILE HG23 H N N 288 
ILE HD11 H N N 289 
ILE HD12 H N N 290 
ILE HD13 H N N 291 
ILE HXT  H N N 292 
LEU N    N N N 293 
LEU CA   C N S 294 
LEU C    C N N 295 
LEU O    O N N 296 
LEU CB   C N N 297 
LEU CG   C N N 298 
LEU CD1  C N N 299 
LEU CD2  C N N 300 
LEU OXT  O N N 301 
LEU H    H N N 302 
LEU H2   H N N 303 
LEU HA   H N N 304 
LEU HB2  H N N 305 
LEU HB3  H N N 306 
LEU HG   H N N 307 
LEU HD11 H N N 308 
LEU HD12 H N N 309 
LEU HD13 H N N 310 
LEU HD21 H N N 311 
LEU HD22 H N N 312 
LEU HD23 H N N 313 
LEU HXT  H N N 314 
LYS N    N N N 315 
LYS CA   C N S 316 
LYS C    C N N 317 
LYS O    O N N 318 
LYS CB   C N N 319 
LYS CG   C N N 320 
LYS CD   C N N 321 
LYS CE   C N N 322 
LYS NZ   N N N 323 
LYS OXT  O N N 324 
LYS H    H N N 325 
LYS H2   H N N 326 
LYS HA   H N N 327 
LYS HB2  H N N 328 
LYS HB3  H N N 329 
LYS HG2  H N N 330 
LYS HG3  H N N 331 
LYS HD2  H N N 332 
LYS HD3  H N N 333 
LYS HE2  H N N 334 
LYS HE3  H N N 335 
LYS HZ1  H N N 336 
LYS HZ2  H N N 337 
LYS HZ3  H N N 338 
LYS HXT  H N N 339 
MET N    N N N 340 
MET CA   C N S 341 
MET C    C N N 342 
MET O    O N N 343 
MET CB   C N N 344 
MET CG   C N N 345 
MET SD   S N N 346 
MET CE   C N N 347 
MET OXT  O N N 348 
MET H    H N N 349 
MET H2   H N N 350 
MET HA   H N N 351 
MET HB2  H N N 352 
MET HB3  H N N 353 
MET HG2  H N N 354 
MET HG3  H N N 355 
MET HE1  H N N 356 
MET HE2  H N N 357 
MET HE3  H N N 358 
MET HXT  H N N 359 
PHE N    N N N 360 
PHE CA   C N S 361 
PHE C    C N N 362 
PHE O    O N N 363 
PHE CB   C N N 364 
PHE CG   C Y N 365 
PHE CD1  C Y N 366 
PHE CD2  C Y N 367 
PHE CE1  C Y N 368 
PHE CE2  C Y N 369 
PHE CZ   C Y N 370 
PHE OXT  O N N 371 
PHE H    H N N 372 
PHE H2   H N N 373 
PHE HA   H N N 374 
PHE HB2  H N N 375 
PHE HB3  H N N 376 
PHE HD1  H N N 377 
PHE HD2  H N N 378 
PHE HE1  H N N 379 
PHE HE2  H N N 380 
PHE HZ   H N N 381 
PHE HXT  H N N 382 
PRO N    N N N 383 
PRO CA   C N S 384 
PRO C    C N N 385 
PRO O    O N N 386 
PRO CB   C N N 387 
PRO CG   C N N 388 
PRO CD   C N N 389 
PRO OXT  O N N 390 
PRO H    H N N 391 
PRO HA   H N N 392 
PRO HB2  H N N 393 
PRO HB3  H N N 394 
PRO HG2  H N N 395 
PRO HG3  H N N 396 
PRO HD2  H N N 397 
PRO HD3  H N N 398 
PRO HXT  H N N 399 
SER N    N N N 400 
SER CA   C N S 401 
SER C    C N N 402 
SER O    O N N 403 
SER CB   C N N 404 
SER OG   O N N 405 
SER OXT  O N N 406 
SER H    H N N 407 
SER H2   H N N 408 
SER HA   H N N 409 
SER HB2  H N N 410 
SER HB3  H N N 411 
SER HG   H N N 412 
SER HXT  H N N 413 
THR N    N N N 414 
THR CA   C N S 415 
THR C    C N N 416 
THR O    O N N 417 
THR CB   C N R 418 
THR OG1  O N N 419 
THR CG2  C N N 420 
THR OXT  O N N 421 
THR H    H N N 422 
THR H2   H N N 423 
THR HA   H N N 424 
THR HB   H N N 425 
THR HG1  H N N 426 
THR HG21 H N N 427 
THR HG22 H N N 428 
THR HG23 H N N 429 
THR HXT  H N N 430 
TRP N    N N N 431 
TRP CA   C N S 432 
TRP C    C N N 433 
TRP O    O N N 434 
TRP CB   C N N 435 
TRP CG   C Y N 436 
TRP CD1  C Y N 437 
TRP CD2  C Y N 438 
TRP NE1  N Y N 439 
TRP CE2  C Y N 440 
TRP CE3  C Y N 441 
TRP CZ2  C Y N 442 
TRP CZ3  C Y N 443 
TRP CH2  C Y N 444 
TRP OXT  O N N 445 
TRP H    H N N 446 
TRP H2   H N N 447 
TRP HA   H N N 448 
TRP HB2  H N N 449 
TRP HB3  H N N 450 
TRP HD1  H N N 451 
TRP HE1  H N N 452 
TRP HE3  H N N 453 
TRP HZ2  H N N 454 
TRP HZ3  H N N 455 
TRP HH2  H N N 456 
TRP HXT  H N N 457 
TYR N    N N N 458 
TYR CA   C N S 459 
TYR C    C N N 460 
TYR O    O N N 461 
TYR CB   C N N 462 
TYR CG   C Y N 463 
TYR CD1  C Y N 464 
TYR CD2  C Y N 465 
TYR CE1  C Y N 466 
TYR CE2  C Y N 467 
TYR CZ   C Y N 468 
TYR OH   O N N 469 
TYR OXT  O N N 470 
TYR H    H N N 471 
TYR H2   H N N 472 
TYR HA   H N N 473 
TYR HB2  H N N 474 
TYR HB3  H N N 475 
TYR HD1  H N N 476 
TYR HD2  H N N 477 
TYR HE1  H N N 478 
TYR HE2  H N N 479 
TYR HH   H N N 480 
TYR HXT  H N N 481 
VAL N    N N N 482 
VAL CA   C N S 483 
VAL C    C N N 484 
VAL O    O N N 485 
VAL CB   C N N 486 
VAL CG1  C N N 487 
VAL CG2  C N N 488 
VAL OXT  O N N 489 
VAL H    H N N 490 
VAL H2   H N N 491 
VAL HA   H N N 492 
VAL HB   H N N 493 
VAL HG11 H N N 494 
VAL HG12 H N N 495 
VAL HG13 H N N 496 
VAL HG21 H N N 497 
VAL HG22 H N N 498 
VAL HG23 H N N 499 
VAL HXT  H N N 500 
# 
loop_
_chem_comp_bond.comp_id 
_chem_comp_bond.atom_id_1 
_chem_comp_bond.atom_id_2 
_chem_comp_bond.value_order 
_chem_comp_bond.pdbx_aromatic_flag 
_chem_comp_bond.pdbx_stereo_config 
_chem_comp_bond.pdbx_ordinal 
ACO N1A C2A  sing Y N 1   
ACO N1A C6A  doub Y N 2   
ACO C2A N3A  doub Y N 3   
ACO C2A H2A  sing N N 4   
ACO N3A C4A  sing Y N 5   
ACO C4A C5A  doub Y N 6   
ACO C4A N9A  sing Y N 7   
ACO C5A C6A  sing Y N 8   
ACO C5A N7A  sing Y N 9   
ACO C6A N6A  sing N N 10  
ACO N6A H61A sing N N 11  
ACO N6A H62A sing N N 12  
ACO N7A C8A  doub Y N 13  
ACO C8A N9A  sing Y N 14  
ACO C8A H8A  sing N N 15  
ACO N9A C1B  sing N N 16  
ACO C1B C2B  sing N N 17  
ACO C1B O4B  sing N N 18  
ACO C1B H1B  sing N N 19  
ACO C2B O2B  sing N N 20  
ACO C2B C3B  sing N N 21  
ACO C2B H2B  sing N N 22  
ACO O2B HO2A sing N N 23  
ACO C3B O3B  sing N N 24  
ACO C3B C4B  sing N N 25  
ACO C3B H3B  sing N N 26  
ACO O3B P3B  sing N N 27  
ACO P3B O7A  doub N N 28  
ACO P3B O8A  sing N N 29  
ACO P3B O9A  sing N N 30  
ACO O8A HOA8 sing N N 31  
ACO O9A HOA9 sing N N 32  
ACO C4B O4B  sing N N 33  
ACO C4B C5B  sing N N 34  
ACO C4B H4B  sing N N 35  
ACO C5B O5B  sing N N 36  
ACO C5B H51A sing N N 37  
ACO C5B H52A sing N N 38  
ACO O5B P1A  sing N N 39  
ACO P1A O1A  doub N N 40  
ACO P1A O2A  sing N N 41  
ACO P1A O3A  sing N N 42  
ACO O2A HOA2 sing N N 43  
ACO O3A P2A  sing N N 44  
ACO P2A O4A  doub N N 45  
ACO P2A O5A  sing N N 46  
ACO P2A O6A  sing N N 47  
ACO O5A HOA5 sing N N 48  
ACO O6A CCP  sing N N 49  
ACO CBP CCP  sing N N 50  
ACO CBP CDP  sing N N 51  
ACO CBP CEP  sing N N 52  
ACO CBP CAP  sing N N 53  
ACO CCP H121 sing N N 54  
ACO CCP H122 sing N N 55  
ACO CDP H131 sing N N 56  
ACO CDP H132 sing N N 57  
ACO CDP H133 sing N N 58  
ACO CEP H141 sing N N 59  
ACO CEP H142 sing N N 60  
ACO CEP H143 sing N N 61  
ACO CAP OAP  sing N N 62  
ACO CAP C9P  sing N N 63  
ACO CAP H10  sing N N 64  
ACO OAP HO1  sing N N 65  
ACO C9P O9P  doub N N 66  
ACO C9P N8P  sing N N 67  
ACO N8P C7P  sing N N 68  
ACO N8P HN8  sing N N 69  
ACO C7P C6P  sing N N 70  
ACO C7P H71  sing N N 71  
ACO C7P H72  sing N N 72  
ACO C6P C5P  sing N N 73  
ACO C6P H61  sing N N 74  
ACO C6P H62  sing N N 75  
ACO C5P O5P  doub N N 76  
ACO C5P N4P  sing N N 77  
ACO N4P C3P  sing N N 78  
ACO N4P HN4  sing N N 79  
ACO C3P C2P  sing N N 80  
ACO C3P H31  sing N N 81  
ACO C3P H32  sing N N 82  
ACO C2P S1P  sing N N 83  
ACO C2P H21  sing N N 84  
ACO C2P H22  sing N N 85  
ACO S1P C    sing N N 86  
ACO C   O    doub N N 87  
ACO C   CH3  sing N N 88  
ACO CH3 HH31 sing N N 89  
ACO CH3 HH32 sing N N 90  
ACO CH3 HH33 sing N N 91  
ALA N   CA   sing N N 92  
ALA N   H    sing N N 93  
ALA N   H2   sing N N 94  
ALA CA  C    sing N N 95  
ALA CA  CB   sing N N 96  
ALA CA  HA   sing N N 97  
ALA C   O    doub N N 98  
ALA C   OXT  sing N N 99  
ALA CB  HB1  sing N N 100 
ALA CB  HB2  sing N N 101 
ALA CB  HB3  sing N N 102 
ALA OXT HXT  sing N N 103 
ARG N   CA   sing N N 104 
ARG N   H    sing N N 105 
ARG N   H2   sing N N 106 
ARG CA  C    sing N N 107 
ARG CA  CB   sing N N 108 
ARG CA  HA   sing N N 109 
ARG C   O    doub N N 110 
ARG C   OXT  sing N N 111 
ARG CB  CG   sing N N 112 
ARG CB  HB2  sing N N 113 
ARG CB  HB3  sing N N 114 
ARG CG  CD   sing N N 115 
ARG CG  HG2  sing N N 116 
ARG CG  HG3  sing N N 117 
ARG CD  NE   sing N N 118 
ARG CD  HD2  sing N N 119 
ARG CD  HD3  sing N N 120 
ARG NE  CZ   sing N N 121 
ARG NE  HE   sing N N 122 
ARG CZ  NH1  sing N N 123 
ARG CZ  NH2  doub N N 124 
ARG NH1 HH11 sing N N 125 
ARG NH1 HH12 sing N N 126 
ARG NH2 HH21 sing N N 127 
ARG NH2 HH22 sing N N 128 
ARG OXT HXT  sing N N 129 
ASN N   CA   sing N N 130 
ASN N   H    sing N N 131 
ASN N   H2   sing N N 132 
ASN CA  C    sing N N 133 
ASN CA  CB   sing N N 134 
ASN CA  HA   sing N N 135 
ASN C   O    doub N N 136 
ASN C   OXT  sing N N 137 
ASN CB  CG   sing N N 138 
ASN CB  HB2  sing N N 139 
ASN CB  HB3  sing N N 140 
ASN CG  OD1  doub N N 141 
ASN CG  ND2  sing N N 142 
ASN ND2 HD21 sing N N 143 
ASN ND2 HD22 sing N N 144 
ASN OXT HXT  sing N N 145 
ASP N   CA   sing N N 146 
ASP N   H    sing N N 147 
ASP N   H2   sing N N 148 
ASP CA  C    sing N N 149 
ASP CA  CB   sing N N 150 
ASP CA  HA   sing N N 151 
ASP C   O    doub N N 152 
ASP C   OXT  sing N N 153 
ASP CB  CG   sing N N 154 
ASP CB  HB2  sing N N 155 
ASP CB  HB3  sing N N 156 
ASP CG  OD1  doub N N 157 
ASP CG  OD2  sing N N 158 
ASP OD2 HD2  sing N N 159 
ASP OXT HXT  sing N N 160 
CIT C1  O1   doub N N 161 
CIT C1  O2   sing N N 162 
CIT C1  C2   sing N N 163 
CIT O2  HO2  sing N N 164 
CIT C2  C3   sing N N 165 
CIT C2  H21  sing N N 166 
CIT C2  H22  sing N N 167 
CIT C3  O7   sing N N 168 
CIT C3  C4   sing N N 169 
CIT C3  C6   sing N N 170 
CIT O7  HO7  sing N N 171 
CIT C4  C5   sing N N 172 
CIT C4  H41  sing N N 173 
CIT C4  H42  sing N N 174 
CIT C5  O3   doub N N 175 
CIT C5  O4   sing N N 176 
CIT O4  HO4  sing N N 177 
CIT C6  O5   doub N N 178 
CIT C6  O6   sing N N 179 
CIT O6  HO6  sing N N 180 
CYS N   CA   sing N N 181 
CYS N   H    sing N N 182 
CYS N   H2   sing N N 183 
CYS CA  C    sing N N 184 
CYS CA  CB   sing N N 185 
CYS CA  HA   sing N N 186 
CYS C   O    doub N N 187 
CYS C   OXT  sing N N 188 
CYS CB  SG   sing N N 189 
CYS CB  HB2  sing N N 190 
CYS CB  HB3  sing N N 191 
CYS SG  HG   sing N N 192 
CYS OXT HXT  sing N N 193 
GLN N   CA   sing N N 194 
GLN N   H    sing N N 195 
GLN N   H2   sing N N 196 
GLN CA  C    sing N N 197 
GLN CA  CB   sing N N 198 
GLN CA  HA   sing N N 199 
GLN C   O    doub N N 200 
GLN C   OXT  sing N N 201 
GLN CB  CG   sing N N 202 
GLN CB  HB2  sing N N 203 
GLN CB  HB3  sing N N 204 
GLN CG  CD   sing N N 205 
GLN CG  HG2  sing N N 206 
GLN CG  HG3  sing N N 207 
GLN CD  OE1  doub N N 208 
GLN CD  NE2  sing N N 209 
GLN NE2 HE21 sing N N 210 
GLN NE2 HE22 sing N N 211 
GLN OXT HXT  sing N N 212 
GLU N   CA   sing N N 213 
GLU N   H    sing N N 214 
GLU N   H2   sing N N 215 
GLU CA  C    sing N N 216 
GLU CA  CB   sing N N 217 
GLU CA  HA   sing N N 218 
GLU C   O    doub N N 219 
GLU C   OXT  sing N N 220 
GLU CB  CG   sing N N 221 
GLU CB  HB2  sing N N 222 
GLU CB  HB3  sing N N 223 
GLU CG  CD   sing N N 224 
GLU CG  HG2  sing N N 225 
GLU CG  HG3  sing N N 226 
GLU CD  OE1  doub N N 227 
GLU CD  OE2  sing N N 228 
GLU OE2 HE2  sing N N 229 
GLU OXT HXT  sing N N 230 
GLY N   CA   sing N N 231 
GLY N   H    sing N N 232 
GLY N   H2   sing N N 233 
GLY CA  C    sing N N 234 
GLY CA  HA2  sing N N 235 
GLY CA  HA3  sing N N 236 
GLY C   O    doub N N 237 
GLY C   OXT  sing N N 238 
GLY OXT HXT  sing N N 239 
HIS N   CA   sing N N 240 
HIS N   H    sing N N 241 
HIS N   H2   sing N N 242 
HIS CA  C    sing N N 243 
HIS CA  CB   sing N N 244 
HIS CA  HA   sing N N 245 
HIS C   O    doub N N 246 
HIS C   OXT  sing N N 247 
HIS CB  CG   sing N N 248 
HIS CB  HB2  sing N N 249 
HIS CB  HB3  sing N N 250 
HIS CG  ND1  sing Y N 251 
HIS CG  CD2  doub Y N 252 
HIS ND1 CE1  doub Y N 253 
HIS ND1 HD1  sing N N 254 
HIS CD2 NE2  sing Y N 255 
HIS CD2 HD2  sing N N 256 
HIS CE1 NE2  sing Y N 257 
HIS CE1 HE1  sing N N 258 
HIS NE2 HE2  sing N N 259 
HIS OXT HXT  sing N N 260 
HOH O   H1   sing N N 261 
HOH O   H2   sing N N 262 
ILE N   CA   sing N N 263 
ILE N   H    sing N N 264 
ILE N   H2   sing N N 265 
ILE CA  C    sing N N 266 
ILE CA  CB   sing N N 267 
ILE CA  HA   sing N N 268 
ILE C   O    doub N N 269 
ILE C   OXT  sing N N 270 
ILE CB  CG1  sing N N 271 
ILE CB  CG2  sing N N 272 
ILE CB  HB   sing N N 273 
ILE CG1 CD1  sing N N 274 
ILE CG1 HG12 sing N N 275 
ILE CG1 HG13 sing N N 276 
ILE CG2 HG21 sing N N 277 
ILE CG2 HG22 sing N N 278 
ILE CG2 HG23 sing N N 279 
ILE CD1 HD11 sing N N 280 
ILE CD1 HD12 sing N N 281 
ILE CD1 HD13 sing N N 282 
ILE OXT HXT  sing N N 283 
LEU N   CA   sing N N 284 
LEU N   H    sing N N 285 
LEU N   H2   sing N N 286 
LEU CA  C    sing N N 287 
LEU CA  CB   sing N N 288 
LEU CA  HA   sing N N 289 
LEU C   O    doub N N 290 
LEU C   OXT  sing N N 291 
LEU CB  CG   sing N N 292 
LEU CB  HB2  sing N N 293 
LEU CB  HB3  sing N N 294 
LEU CG  CD1  sing N N 295 
LEU CG  CD2  sing N N 296 
LEU CG  HG   sing N N 297 
LEU CD1 HD11 sing N N 298 
LEU CD1 HD12 sing N N 299 
LEU CD1 HD13 sing N N 300 
LEU CD2 HD21 sing N N 301 
LEU CD2 HD22 sing N N 302 
LEU CD2 HD23 sing N N 303 
LEU OXT HXT  sing N N 304 
LYS N   CA   sing N N 305 
LYS N   H    sing N N 306 
LYS N   H2   sing N N 307 
LYS CA  C    sing N N 308 
LYS CA  CB   sing N N 309 
LYS CA  HA   sing N N 310 
LYS C   O    doub N N 311 
LYS C   OXT  sing N N 312 
LYS CB  CG   sing N N 313 
LYS CB  HB2  sing N N 314 
LYS CB  HB3  sing N N 315 
LYS CG  CD   sing N N 316 
LYS CG  HG2  sing N N 317 
LYS CG  HG3  sing N N 318 
LYS CD  CE   sing N N 319 
LYS CD  HD2  sing N N 320 
LYS CD  HD3  sing N N 321 
LYS CE  NZ   sing N N 322 
LYS CE  HE2  sing N N 323 
LYS CE  HE3  sing N N 324 
LYS NZ  HZ1  sing N N 325 
LYS NZ  HZ2  sing N N 326 
LYS NZ  HZ3  sing N N 327 
LYS OXT HXT  sing N N 328 
MET N   CA   sing N N 329 
MET N   H    sing N N 330 
MET N   H2   sing N N 331 
MET CA  C    sing N N 332 
MET CA  CB   sing N N 333 
MET CA  HA   sing N N 334 
MET C   O    doub N N 335 
MET C   OXT  sing N N 336 
MET CB  CG   sing N N 337 
MET CB  HB2  sing N N 338 
MET CB  HB3  sing N N 339 
MET CG  SD   sing N N 340 
MET CG  HG2  sing N N 341 
MET CG  HG3  sing N N 342 
MET SD  CE   sing N N 343 
MET CE  HE1  sing N N 344 
MET CE  HE2  sing N N 345 
MET CE  HE3  sing N N 346 
MET OXT HXT  sing N N 347 
PHE N   CA   sing N N 348 
PHE N   H    sing N N 349 
PHE N   H2   sing N N 350 
PHE CA  C    sing N N 351 
PHE CA  CB   sing N N 352 
PHE CA  HA   sing N N 353 
PHE C   O    doub N N 354 
PHE C   OXT  sing N N 355 
PHE CB  CG   sing N N 356 
PHE CB  HB2  sing N N 357 
PHE CB  HB3  sing N N 358 
PHE CG  CD1  doub Y N 359 
PHE CG  CD2  sing Y N 360 
PHE CD1 CE1  sing Y N 361 
PHE CD1 HD1  sing N N 362 
PHE CD2 CE2  doub Y N 363 
PHE CD2 HD2  sing N N 364 
PHE CE1 CZ   doub Y N 365 
PHE CE1 HE1  sing N N 366 
PHE CE2 CZ   sing Y N 367 
PHE CE2 HE2  sing N N 368 
PHE CZ  HZ   sing N N 369 
PHE OXT HXT  sing N N 370 
PRO N   CA   sing N N 371 
PRO N   CD   sing N N 372 
PRO N   H    sing N N 373 
PRO CA  C    sing N N 374 
PRO CA  CB   sing N N 375 
PRO CA  HA   sing N N 376 
PRO C   O    doub N N 377 
PRO C   OXT  sing N N 378 
PRO CB  CG   sing N N 379 
PRO CB  HB2  sing N N 380 
PRO CB  HB3  sing N N 381 
PRO CG  CD   sing N N 382 
PRO CG  HG2  sing N N 383 
PRO CG  HG3  sing N N 384 
PRO CD  HD2  sing N N 385 
PRO CD  HD3  sing N N 386 
PRO OXT HXT  sing N N 387 
SER N   CA   sing N N 388 
SER N   H    sing N N 389 
SER N   H2   sing N N 390 
SER CA  C    sing N N 391 
SER CA  CB   sing N N 392 
SER CA  HA   sing N N 393 
SER C   O    doub N N 394 
SER C   OXT  sing N N 395 
SER CB  OG   sing N N 396 
SER CB  HB2  sing N N 397 
SER CB  HB3  sing N N 398 
SER OG  HG   sing N N 399 
SER OXT HXT  sing N N 400 
THR N   CA   sing N N 401 
THR N   H    sing N N 402 
THR N   H2   sing N N 403 
THR CA  C    sing N N 404 
THR CA  CB   sing N N 405 
THR CA  HA   sing N N 406 
THR C   O    doub N N 407 
THR C   OXT  sing N N 408 
THR CB  OG1  sing N N 409 
THR CB  CG2  sing N N 410 
THR CB  HB   sing N N 411 
THR OG1 HG1  sing N N 412 
THR CG2 HG21 sing N N 413 
THR CG2 HG22 sing N N 414 
THR CG2 HG23 sing N N 415 
THR OXT HXT  sing N N 416 
TRP N   CA   sing N N 417 
TRP N   H    sing N N 418 
TRP N   H2   sing N N 419 
TRP CA  C    sing N N 420 
TRP CA  CB   sing N N 421 
TRP CA  HA   sing N N 422 
TRP C   O    doub N N 423 
TRP C   OXT  sing N N 424 
TRP CB  CG   sing N N 425 
TRP CB  HB2  sing N N 426 
TRP CB  HB3  sing N N 427 
TRP CG  CD1  doub Y N 428 
TRP CG  CD2  sing Y N 429 
TRP CD1 NE1  sing Y N 430 
TRP CD1 HD1  sing N N 431 
TRP CD2 CE2  doub Y N 432 
TRP CD2 CE3  sing Y N 433 
TRP NE1 CE2  sing Y N 434 
TRP NE1 HE1  sing N N 435 
TRP CE2 CZ2  sing Y N 436 
TRP CE3 CZ3  doub Y N 437 
TRP CE3 HE3  sing N N 438 
TRP CZ2 CH2  doub Y N 439 
TRP CZ2 HZ2  sing N N 440 
TRP CZ3 CH2  sing Y N 441 
TRP CZ3 HZ3  sing N N 442 
TRP CH2 HH2  sing N N 443 
TRP OXT HXT  sing N N 444 
TYR N   CA   sing N N 445 
TYR N   H    sing N N 446 
TYR N   H2   sing N N 447 
TYR CA  C    sing N N 448 
TYR CA  CB   sing N N 449 
TYR CA  HA   sing N N 450 
TYR C   O    doub N N 451 
TYR C   OXT  sing N N 452 
TYR CB  CG   sing N N 453 
TYR CB  HB2  sing N N 454 
TYR CB  HB3  sing N N 455 
TYR CG  CD1  doub Y N 456 
TYR CG  CD2  sing Y N 457 
TYR CD1 CE1  sing Y N 458 
TYR CD1 HD1  sing N N 459 
TYR CD2 CE2  doub Y N 460 
TYR CD2 HD2  sing N N 461 
TYR CE1 CZ   doub Y N 462 
TYR CE1 HE1  sing N N 463 
TYR CE2 CZ   sing Y N 464 
TYR CE2 HE2  sing N N 465 
TYR CZ  OH   sing N N 466 
TYR OH  HH   sing N N 467 
TYR OXT HXT  sing N N 468 
VAL N   CA   sing N N 469 
VAL N   H    sing N N 470 
VAL N   H2   sing N N 471 
VAL CA  C    sing N N 472 
VAL CA  CB   sing N N 473 
VAL CA  HA   sing N N 474 
VAL C   O    doub N N 475 
VAL C   OXT  sing N N 476 
VAL CB  CG1  sing N N 477 
VAL CB  CG2  sing N N 478 
VAL CB  HB   sing N N 479 
VAL CG1 HG11 sing N N 480 
VAL CG1 HG12 sing N N 481 
VAL CG1 HG13 sing N N 482 
VAL CG2 HG21 sing N N 483 
VAL CG2 HG22 sing N N 484 
VAL CG2 HG23 sing N N 485 
VAL OXT HXT  sing N N 486 
# 
_pdbx_initial_refinement_model.id               1 
_pdbx_initial_refinement_model.entity_id_list   ? 
_pdbx_initial_refinement_model.type             'experimental model' 
_pdbx_initial_refinement_model.source_name      PDB 
_pdbx_initial_refinement_model.accession_code   2CNM 
_pdbx_initial_refinement_model.details          ? 
# 
_atom_sites.entry_id                    5WJD 
_atom_sites.fract_transf_matrix[1][1]   -0.02302513 
_atom_sites.fract_transf_matrix[1][2]   -0.00561750 
_atom_sites.fract_transf_matrix[1][3]   0.00370937 
_atom_sites.fract_transf_matrix[2][1]   0.00078492 
_atom_sites.fract_transf_matrix[2][2]   -0.01090038 
_atom_sites.fract_transf_matrix[2][3]   -0.01163542 
_atom_sites.fract_transf_matrix[3][1]   0.00433309 
_atom_sites.fract_transf_matrix[3][2]   -0.01085347 
_atom_sites.fract_transf_matrix[3][3]   0.01046013 
_atom_sites.fract_transf_vector[1]      1.200517 
_atom_sites.fract_transf_vector[2]      0.039552 
_atom_sites.fract_transf_vector[3]      0.139273 
# 
loop_
_atom_type.symbol 
C 
N 
O 
P 
S 
# 
loop_
_atom_site.group_PDB 
_atom_site.id 
_atom_site.type_symbol 
_atom_site.label_atom_id 
_atom_site.label_alt_id 
_atom_site.label_comp_id 
_atom_site.label_asym_id 
_atom_site.label_entity_id 
_atom_site.label_seq_id 
_atom_site.pdbx_PDB_ins_code 
_atom_site.Cartn_x 
_atom_site.Cartn_y 
_atom_site.Cartn_z 
_atom_site.occupancy 
_atom_site.B_iso_or_equiv 
_atom_site.pdbx_formal_charge 
_atom_site.auth_seq_id 
_atom_site.auth_comp_id 
_atom_site.auth_asym_id 
_atom_site.auth_atom_id 
_atom_site.pdbx_PDB_model_num 
ATOM   1    N N   . PRO A 1 3   ? 19.368  -7.885  6.885   1.00 35.98 ? 12  PRO A N   1 
ATOM   2    C CA  . PRO A 1 3   ? 19.722  -7.740  5.468   1.00 33.34 ? 12  PRO A CA  1 
ATOM   3    C C   . PRO A 1 3   ? 18.656  -7.014  4.638   1.00 32.17 ? 12  PRO A C   1 
ATOM   4    O O   . PRO A 1 3   ? 18.912  -6.688  3.477   1.00 34.36 ? 12  PRO A O   1 
ATOM   5    C CB  . PRO A 1 3   ? 19.873  -9.188  5.002   1.00 36.01 ? 12  PRO A CB  1 
ATOM   6    C CG  . PRO A 1 3   ? 18.922  -9.947  5.863   1.00 35.26 ? 12  PRO A CG  1 
ATOM   7    C CD  . PRO A 1 3   ? 18.945  -9.260  7.209   1.00 41.80 ? 12  PRO A CD  1 
ATOM   8    N N   . PHE A 1 4   ? 17.479  -6.779  5.216   1.00 25.27 ? 13  PHE A N   1 
ATOM   9    C CA  . PHE A 1 4   ? 16.426  -6.018  4.557   1.00 23.73 ? 13  PHE A CA  1 
ATOM   10   C C   . PHE A 1 4   ? 15.912  -4.945  5.506   1.00 23.01 ? 13  PHE A C   1 
ATOM   11   O O   . PHE A 1 4   ? 15.965  -5.100  6.728   1.00 27.56 ? 13  PHE A O   1 
ATOM   12   C CB  . PHE A 1 4   ? 15.266  -6.919  4.103   1.00 24.14 ? 13  PHE A CB  1 
ATOM   13   C CG  . PHE A 1 4   ? 15.687  -8.002  3.154   1.00 26.46 ? 13  PHE A CG  1 
ATOM   14   C CD1 . PHE A 1 4   ? 16.032  -7.698  1.846   1.00 23.30 ? 13  PHE A CD1 1 
ATOM   15   C CD2 . PHE A 1 4   ? 15.767  -9.318  3.575   1.00 28.20 ? 13  PHE A CD2 1 
ATOM   16   C CE1 . PHE A 1 4   ? 16.437  -8.689  0.972   1.00 25.62 ? 13  PHE A CE1 1 
ATOM   17   C CE2 . PHE A 1 4   ? 16.169  -10.316 2.705   1.00 29.48 ? 13  PHE A CE2 1 
ATOM   18   C CZ  . PHE A 1 4   ? 16.506  -10.000 1.402   1.00 27.62 ? 13  PHE A CZ  1 
ATOM   19   N N   . ASN A 1 5   ? 15.430  -3.848  4.923   1.00 19.17 ? 14  ASN A N   1 
ATOM   20   C CA  . ASN A 1 5   ? 14.852  -2.738  5.662   1.00 21.73 ? 14  ASN A CA  1 
ATOM   21   C C   . ASN A 1 5   ? 13.513  -2.364  5.042   1.00 17.90 ? 14  ASN A C   1 
ATOM   22   O O   . ASN A 1 5   ? 13.316  -2.492  3.832   1.00 17.32 ? 14  ASN A O   1 
ATOM   23   C CB  . ASN A 1 5   ? 15.761  -1.493  5.651   1.00 21.97 ? 14  ASN A CB  1 
ATOM   24   C CG  . ASN A 1 5   ? 17.178  -1.786  6.124   1.00 33.72 ? 14  ASN A CG  1 
ATOM   25   O OD1 . ASN A 1 5   ? 17.388  -2.302  7.224   1.00 35.14 ? 14  ASN A OD1 1 
ATOM   26   N ND2 . ASN A 1 5   ? 18.160  -1.445  5.291   1.00 30.84 ? 14  ASN A ND2 1 
ATOM   27   N N   . VAL A 1 6   ? 12.592  -1.898  5.882   1.00 18.56 ? 15  VAL A N   1 
ATOM   28   C CA  . VAL A 1 6   ? 11.350  -1.284  5.425   1.00 16.43 ? 15  VAL A CA  1 
ATOM   29   C C   . VAL A 1 6   ? 11.304  0.113   6.019   1.00 17.68 ? 15  VAL A C   1 
ATOM   30   O O   . VAL A 1 6   ? 11.365  0.272   7.244   1.00 20.04 ? 15  VAL A O   1 
ATOM   31   C CB  . VAL A 1 6   ? 10.110  -2.099  5.824   1.00 16.88 ? 15  VAL A CB  1 
ATOM   32   C CG1 . VAL A 1 6   ? 8.844   -1.413  5.306   1.00 16.28 ? 15  VAL A CG1 1 
ATOM   33   C CG2 . VAL A 1 6   ? 10.201  -3.516  5.279   1.00 17.80 ? 15  VAL A CG2 1 
ATOM   34   N N   . VAL A 1 7   ? 11.222  1.124   5.160   1.00 15.80 ? 16  VAL A N   1 
ATOM   35   C CA  . VAL A 1 7   ? 11.347  2.512   5.594   1.00 17.83 ? 16  VAL A CA  1 
ATOM   36   C C   . VAL A 1 7   ? 10.245  3.355   4.963   1.00 18.85 ? 16  VAL A C   1 
ATOM   37   O O   . VAL A 1 7   ? 9.802   3.059   3.843   1.00 17.51 ? 16  VAL A O   1 
ATOM   38   C CB  . VAL A 1 7   ? 12.729  3.085   5.234   1.00 18.74 ? 16  VAL A CB  1 
ATOM   39   C CG1 . VAL A 1 7   ? 13.828  2.366   6.011   1.00 19.66 ? 16  VAL A CG1 1 
ATOM   40   C CG2 . VAL A 1 7   ? 12.981  2.981   3.730   1.00 17.55 ? 16  VAL A CG2 1 
ATOM   41   N N   . PRO A 1 8   ? 9.775   4.406   5.633   1.00 21.18 ? 17  PRO A N   1 
ATOM   42   C CA  . PRO A 1 8   ? 8.882   5.354   4.962   1.00 18.65 ? 17  PRO A CA  1 
ATOM   43   C C   . PRO A 1 8   ? 9.655   6.134   3.913   1.00 18.39 ? 17  PRO A C   1 
ATOM   44   O O   . PRO A 1 8   ? 10.784  6.567   4.147   1.00 19.25 ? 17  PRO A O   1 
ATOM   45   C CB  . PRO A 1 8   ? 8.398   6.267   6.098   1.00 19.27 ? 17  PRO A CB  1 
ATOM   46   C CG  . PRO A 1 8   ? 8.816   5.586   7.371   1.00 23.86 ? 17  PRO A CG  1 
ATOM   47   C CD  . PRO A 1 8   ? 10.031  4.790   7.030   1.00 23.24 ? 17  PRO A CD  1 
ATOM   48   N N   . ILE A 1 9   ? 9.034   6.308   2.745   1.00 15.59 ? 18  ILE A N   1 
ATOM   49   C CA  . ILE A 1 9   ? 9.742   6.878   1.600   1.00 17.01 ? 18  ILE A CA  1 
ATOM   50   C C   . ILE A 1 9   ? 10.160  8.319   1.867   1.00 18.54 ? 18  ILE A C   1 
ATOM   51   O O   . ILE A 1 9   ? 11.194  8.773   1.358   1.00 17.70 ? 18  ILE A O   1 
ATOM   52   C CB  . ILE A 1 9   ? 8.883   6.759   0.320   1.00 18.01 ? 18  ILE A CB  1 
ATOM   53   C CG1 . ILE A 1 9   ? 9.693   7.134   -0.924  1.00 18.37 ? 18  ILE A CG1 1 
ATOM   54   C CG2 . ILE A 1 9   ? 7.663   7.657   0.394   1.00 16.77 ? 18  ILE A CG2 1 
ATOM   55   C CD1 . ILE A 1 9   ? 10.573  6.035   -1.452  1.00 16.86 ? 18  ILE A CD1 1 
ATOM   56   N N   . HIS A 1 10  ? 9.391   9.060   2.675   1.00 18.41 ? 19  HIS A N   1 
ATOM   57   C CA  . HIS A 1 10  ? 9.720   10.468  2.890   1.00 20.38 ? 19  HIS A CA  1 
ATOM   58   C C   . HIS A 1 10  ? 11.002  10.648  3.697   1.00 23.28 ? 19  HIS A C   1 
ATOM   59   O O   . HIS A 1 10  ? 11.570  11.744  3.692   1.00 23.73 ? 19  HIS A O   1 
ATOM   60   C CB  . HIS A 1 10  ? 8.555   11.207  3.564   1.00 17.71 ? 19  HIS A CB  1 
ATOM   61   C CG  . HIS A 1 10  ? 8.112   10.609  4.865   1.00 20.60 ? 19  HIS A CG  1 
ATOM   62   N ND1 . HIS A 1 10  ? 7.114   9.661   4.949   1.00 17.50 ? 19  HIS A ND1 1 
ATOM   63   C CD2 . HIS A 1 10  ? 8.510   10.848  6.137   1.00 19.62 ? 19  HIS A CD2 1 
ATOM   64   C CE1 . HIS A 1 10  ? 6.927   9.333   6.214   1.00 20.43 ? 19  HIS A CE1 1 
ATOM   65   N NE2 . HIS A 1 10  ? 7.762   10.038  6.956   1.00 25.94 ? 19  HIS A NE2 1 
ATOM   66   N N   . ASN A 1 11  ? 11.475  9.607   4.377   1.00 22.22 ? 20  ASN A N   1 
ATOM   67   C CA  . ASN A 1 11  ? 12.765  9.662   5.047   1.00 23.67 ? 20  ASN A CA  1 
ATOM   68   C C   . ASN A 1 11  ? 13.926  9.326   4.120   1.00 25.18 ? 20  ASN A C   1 
ATOM   69   O O   . ASN A 1 11  ? 15.081  9.534   4.507   1.00 25.37 ? 20  ASN A O   1 
ATOM   70   C CB  . ASN A 1 11  ? 12.785  8.712   6.246   1.00 22.52 ? 20  ASN A CB  1 
ATOM   71   C CG  . ASN A 1 11  ? 11.909  9.196   7.387   1.00 28.65 ? 20  ASN A CG  1 
ATOM   72   O OD1 . ASN A 1 11  ? 11.554  10.375  7.457   1.00 27.05 ? 20  ASN A OD1 1 
ATOM   73   N ND2 . ASN A 1 11  ? 11.556  8.284   8.291   1.00 27.43 ? 20  ASN A ND2 1 
ATOM   74   N N   . TYR A 1 12  ? 13.654  8.815   2.918   1.00 21.62 ? 21  TYR A N   1 
ATOM   75   C CA  . TYR A 1 12  ? 14.694  8.436   1.956   1.00 23.75 ? 21  TYR A CA  1 
ATOM   76   C C   . TYR A 1 12  ? 14.239  8.804   0.551   1.00 22.66 ? 21  TYR A C   1 
ATOM   77   O O   . TYR A 1 12  ? 13.972  7.932   -0.282  1.00 23.77 ? 21  TYR A O   1 
ATOM   78   C CB  . TYR A 1 12  ? 15.009  6.942   2.055   1.00 23.97 ? 21  TYR A CB  1 
ATOM   79   C CG  . TYR A 1 12  ? 15.543  6.529   3.401   1.00 26.28 ? 21  TYR A CG  1 
ATOM   80   C CD1 . TYR A 1 12  ? 16.901  6.601   3.679   1.00 29.16 ? 21  TYR A CD1 1 
ATOM   81   C CD2 . TYR A 1 12  ? 14.689  6.081   4.402   1.00 23.98 ? 21  TYR A CD2 1 
ATOM   82   C CE1 . TYR A 1 12  ? 17.396  6.234   4.912   1.00 27.81 ? 21  TYR A CE1 1 
ATOM   83   C CE2 . TYR A 1 12  ? 15.178  5.712   5.640   1.00 21.62 ? 21  TYR A CE2 1 
ATOM   84   C CZ  . TYR A 1 12  ? 16.531  5.790   5.887   1.00 27.39 ? 21  TYR A CZ  1 
ATOM   85   O OH  . TYR A 1 12  ? 17.027  5.423   7.119   1.00 31.35 ? 21  TYR A OH  1 
ATOM   86   N N   . PRO A 1 13  ? 14.152  10.104  0.247   1.00 25.14 ? 22  PRO A N   1 
ATOM   87   C CA  . PRO A 1 13  ? 13.659  10.518  -1.078  1.00 23.76 ? 22  PRO A CA  1 
ATOM   88   C C   . PRO A 1 13  ? 14.547  10.081  -2.233  1.00 27.73 ? 22  PRO A C   1 
ATOM   89   O O   . PRO A 1 13  ? 14.090  10.107  -3.385  1.00 22.77 ? 22  PRO A O   1 
ATOM   90   C CB  . PRO A 1 13  ? 13.600  12.048  -0.970  1.00 30.93 ? 22  PRO A CB  1 
ATOM   91   C CG  . PRO A 1 13  ? 14.560  12.395  0.126   1.00 28.10 ? 22  PRO A CG  1 
ATOM   92   C CD  . PRO A 1 13  ? 14.485  11.256  1.103   1.00 24.61 ? 22  PRO A CD  1 
ATOM   93   N N   . GLU A 1 14  ? 15.789  9.669   -1.970  1.00 27.54 ? 23  GLU A N   1 
ATOM   94   C CA  . GLU A 1 14  ? 16.639  9.171   -3.043  1.00 25.89 ? 23  GLU A CA  1 
ATOM   95   C C   . GLU A 1 14  ? 16.120  7.865   -3.640  1.00 25.15 ? 23  GLU A C   1 
ATOM   96   O O   . GLU A 1 14  ? 16.586  7.466   -4.712  1.00 25.63 ? 23  GLU A O   1 
ATOM   97   C CB  . GLU A 1 14  ? 18.080  9.006   -2.538  1.00 27.32 ? 23  GLU A CB  1 
ATOM   98   C CG  . GLU A 1 14  ? 18.268  8.020   -1.387  1.00 26.06 ? 23  GLU A CG  1 
ATOM   99   C CD  . GLU A 1 14  ? 18.152  8.661   -0.006  1.00 34.30 ? 23  GLU A CD  1 
ATOM   100  O OE1 . GLU A 1 14  ? 17.404  9.655   0.147   1.00 29.92 ? 23  GLU A OE1 1 
ATOM   101  O OE2 . GLU A 1 14  ? 18.812  8.165   0.933   1.00 35.00 ? 23  GLU A OE2 1 
ATOM   102  N N   . LEU A 1 15  ? 15.156  7.210   -2.997  1.00 22.61 ? 24  LEU A N   1 
ATOM   103  C CA  . LEU A 1 15  ? 14.549  5.993   -3.522  1.00 20.06 ? 24  LEU A CA  1 
ATOM   104  C C   . LEU A 1 15  ? 13.318  6.261   -4.381  1.00 20.22 ? 24  LEU A C   1 
ATOM   105  O O   . LEU A 1 15  ? 12.757  5.318   -4.947  1.00 20.04 ? 24  LEU A O   1 
ATOM   106  C CB  . LEU A 1 15  ? 14.170  5.056   -2.367  1.00 20.88 ? 24  LEU A CB  1 
ATOM   107  C CG  . LEU A 1 15  ? 15.321  4.554   -1.491  1.00 23.67 ? 24  LEU A CG  1 
ATOM   108  C CD1 . LEU A 1 15  ? 14.801  3.705   -0.335  1.00 24.02 ? 24  LEU A CD1 1 
ATOM   109  C CD2 . LEU A 1 15  ? 16.326  3.771   -2.326  1.00 25.50 ? 24  LEU A CD2 1 
ATOM   110  N N   . MET A 1 16  ? 12.893  7.521   -4.506  1.00 18.29 ? 25  MET A N   1 
ATOM   111  C CA  . MET A 1 16  ? 11.598  7.798   -5.122  1.00 20.60 ? 25  MET A CA  1 
ATOM   112  C C   . MET A 1 16  ? 11.583  7.414   -6.598  1.00 19.49 ? 25  MET A C   1 
ATOM   113  O O   . MET A 1 16  ? 10.594  6.857   -7.089  1.00 19.17 ? 25  MET A O   1 
ATOM   114  C CB  . MET A 1 16  ? 11.240  9.270   -4.925  1.00 19.18 ? 25  MET A CB  1 
ATOM   115  C CG  . MET A 1 16  ? 10.888  9.596   -3.480  1.00 22.08 ? 25  MET A CG  1 
ATOM   116  S SD  . MET A 1 16  ? 10.177  11.238  -3.272  1.00 32.24 ? 25  MET A SD  1 
ATOM   117  C CE  . MET A 1 16  ? 9.642   11.167  -1.561  1.00 25.14 ? 25  MET A CE  1 
ATOM   118  N N   . LYS A 1 17  ? 12.680  7.677   -7.316  1.00 24.66 ? 26  LYS A N   1 
ATOM   119  C CA  . LYS A 1 17  ? 12.712  7.378   -8.746  1.00 24.24 ? 26  LYS A CA  1 
ATOM   120  C C   . LYS A 1 17  ? 12.565  5.883   -9.000  1.00 23.19 ? 26  LYS A C   1 
ATOM   121  O O   . LYS A 1 17  ? 11.781  5.462   -9.859  1.00 23.29 ? 26  LYS A O   1 
ATOM   122  C CB  . LYS A 1 17  ? 14.006  7.908   -9.364  1.00 28.51 ? 26  LYS A CB  1 
ATOM   123  C CG  . LYS A 1 17  ? 14.029  7.863   -10.888 1.00 30.31 ? 26  LYS A CG  1 
ATOM   124  N N   . ASP A 1 18  ? 13.310  5.063   -8.255  1.00 25.28 ? 27  ASP A N   1 
ATOM   125  C CA  . ASP A 1 18  ? 13.181  3.614   -8.388  1.00 23.97 ? 27  ASP A CA  1 
ATOM   126  C C   . ASP A 1 18  ? 11.796  3.137   -7.955  1.00 18.55 ? 27  ASP A C   1 
ATOM   127  O O   . ASP A 1 18  ? 11.238  2.204   -8.547  1.00 22.08 ? 27  ASP A O   1 
ATOM   128  C CB  . ASP A 1 18  ? 14.268  2.916   -7.570  1.00 27.87 ? 27  ASP A CB  1 
ATOM   129  C CG  . ASP A 1 18  ? 15.661  3.110   -8.156  1.00 36.89 ? 27  ASP A CG  1 
ATOM   130  O OD1 . ASP A 1 18  ? 15.771  3.345   -9.379  1.00 35.32 ? 27  ASP A OD1 1 
ATOM   131  O OD2 . ASP A 1 18  ? 16.649  3.020   -7.393  1.00 42.56 ? 27  ASP A OD2 1 
ATOM   132  N N   . THR A 1 19  ? 11.225  3.756   -6.921  1.00 19.92 ? 28  THR A N   1 
ATOM   133  C CA  . THR A 1 19  ? 9.894   3.348   -6.472  1.00 18.80 ? 28  THR A CA  1 
ATOM   134  C C   . THR A 1 19  ? 8.836   3.659   -7.530  1.00 18.91 ? 28  THR A C   1 
ATOM   135  O O   . THR A 1 19  ? 7.917   2.860   -7.753  1.00 18.96 ? 28  THR A O   1 
ATOM   136  C CB  . THR A 1 19  ? 9.551   4.028   -5.143  1.00 19.04 ? 28  THR A CB  1 
ATOM   137  O OG1 . THR A 1 19  ? 10.544  3.705   -4.162  1.00 20.18 ? 28  THR A OG1 1 
ATOM   138  C CG2 . THR A 1 19  ? 8.196   3.556   -4.634  1.00 15.77 ? 28  THR A CG2 1 
ATOM   139  N N   . CYS A 1 20  ? 8.953   4.810   -8.200  1.00 18.81 ? 29  CYS A N   1 
ATOM   140  C CA  . CYS A 1 20  ? 8.027   5.124   -9.283  1.00 18.42 ? 29  CYS A CA  1 
ATOM   141  C C   . CYS A 1 20  ? 8.084   4.072   -10.379 1.00 20.93 ? 29  CYS A C   1 
ATOM   142  O O   . CYS A 1 20  ? 7.042   3.607   -10.853 1.00 19.55 ? 29  CYS A O   1 
ATOM   143  C CB  . CYS A 1 20  ? 8.332   6.504   -9.864  1.00 18.68 ? 29  CYS A CB  1 
ATOM   144  S SG  . CYS A 1 20  ? 8.001   7.862   -8.747  1.00 22.57 ? 29  CYS A SG  1 
ATOM   145  N N   . ALA A 1 21  ? 9.293   3.687   -10.801 1.00 22.32 ? 30  ALA A N   1 
ATOM   146  C CA  . ALA A 1 21  ? 9.419   2.686   -11.855 1.00 21.69 ? 30  ALA A CA  1 
ATOM   147  C C   . ALA A 1 21  ? 8.827   1.355   -11.421 1.00 22.16 ? 30  ALA A C   1 
ATOM   148  O O   . ALA A 1 21  ? 8.194   0.657   -12.222 1.00 25.70 ? 30  ALA A O   1 
ATOM   149  C CB  . ALA A 1 21  ? 10.887  2.519   -12.253 1.00 22.60 ? 30  ALA A CB  1 
ATOM   150  N N   . LEU A 1 22  ? 9.012   0.992   -10.151 1.00 20.78 ? 31  LEU A N   1 
ATOM   151  C CA  . LEU A 1 22  ? 8.431   -0.246  -9.642  1.00 20.41 ? 31  LEU A CA  1 
ATOM   152  C C   . LEU A 1 22  ? 6.916   -0.233  -9.791  1.00 20.91 ? 31  LEU A C   1 
ATOM   153  O O   . LEU A 1 22  ? 6.326   -1.170  -10.340 1.00 20.10 ? 31  LEU A O   1 
ATOM   154  C CB  . LEU A 1 22  ? 8.830   -0.446  -8.178  1.00 17.33 ? 31  LEU A CB  1 
ATOM   155  C CG  . LEU A 1 22  ? 8.108   -1.556  -7.411  1.00 20.40 ? 31  LEU A CG  1 
ATOM   156  C CD1 . LEU A 1 22  ? 8.395   -2.912  -8.030  1.00 23.49 ? 31  LEU A CD1 1 
ATOM   157  C CD2 . LEU A 1 22  ? 8.516   -1.540  -5.944  1.00 19.34 ? 31  LEU A CD2 1 
ATOM   158  N N   . ILE A 1 23  ? 6.271   0.836   -9.320  1.00 21.33 ? 32  ILE A N   1 
ATOM   159  C CA  . ILE A 1 23  ? 4.816   0.930   -9.393  1.00 18.97 ? 32  ILE A CA  1 
ATOM   160  C C   . ILE A 1 23  ? 4.351   1.023   -10.841 1.00 22.56 ? 32  ILE A C   1 
ATOM   161  O O   . ILE A 1 23  ? 3.377   0.372   -11.235 1.00 24.26 ? 32  ILE A O   1 
ATOM   162  C CB  . ILE A 1 23  ? 4.320   2.133   -8.570  1.00 23.29 ? 32  ILE A CB  1 
ATOM   163  C CG1 . ILE A 1 23  ? 4.820   2.047   -7.128  1.00 17.46 ? 32  ILE A CG1 1 
ATOM   164  C CG2 . ILE A 1 23  ? 2.798   2.213   -8.601  1.00 23.40 ? 32  ILE A CG2 1 
ATOM   165  C CD1 . ILE A 1 23  ? 4.677   3.346   -6.366  1.00 19.61 ? 32  ILE A CD1 1 
ATOM   166  N N   . ASN A 1 24  ? 5.037   1.832   -11.654 1.00 23.85 ? 33  ASN A N   1 
ATOM   167  C CA  . ASN A 1 24  ? 4.579   2.073   -13.020 1.00 24.47 ? 33  ASN A CA  1 
ATOM   168  C C   . ASN A 1 24  ? 4.769   0.851   -13.909 1.00 29.54 ? 33  ASN A C   1 
ATOM   169  O O   . ASN A 1 24  ? 4.029   0.680   -14.885 1.00 30.96 ? 33  ASN A O   1 
ATOM   170  C CB  . ASN A 1 24  ? 5.303   3.283   -13.615 1.00 24.72 ? 33  ASN A CB  1 
ATOM   171  C CG  . ASN A 1 24  ? 4.663   4.596   -13.209 1.00 22.74 ? 33  ASN A CG  1 
ATOM   172  O OD1 . ASN A 1 24  ? 3.458   4.660   -12.954 1.00 25.33 ? 33  ASN A OD1 1 
ATOM   173  N ND2 . ASN A 1 24  ? 5.464   5.649   -13.141 1.00 20.40 ? 33  ASN A ND2 1 
ATOM   174  N N   . ALA A 1 25  ? 5.742   -0.007  -13.589 1.00 29.29 ? 34  ALA A N   1 
ATOM   175  C CA  . ALA A 1 25  ? 5.892   -1.256  -14.328 1.00 27.15 ? 34  ALA A CA  1 
ATOM   176  C C   . ALA A 1 25  ? 4.651   -2.128  -14.200 1.00 26.06 ? 34  ALA A C   1 
ATOM   177  O O   . ALA A 1 25  ? 4.360   -2.928  -15.097 1.00 32.27 ? 34  ALA A O   1 
ATOM   178  C CB  . ALA A 1 25  ? 7.131   -2.015  -13.842 1.00 25.35 ? 34  ALA A CB  1 
ATOM   179  N N   . GLU A 1 26  ? 3.903   -1.981  -13.110 1.00 26.20 ? 35  GLU A N   1 
ATOM   180  C CA  . GLU A 1 26  ? 2.682   -2.746  -12.879 1.00 28.90 ? 35  GLU A CA  1 
ATOM   181  C C   . GLU A 1 26  ? 1.427   -2.003  -13.324 1.00 30.60 ? 35  GLU A C   1 
ATOM   182  O O   . GLU A 1 26  ? 0.575   -2.576  -14.010 1.00 29.54 ? 35  GLU A O   1 
ATOM   183  C CB  . GLU A 1 26  ? 2.568   -3.114  -11.393 1.00 27.30 ? 35  GLU A CB  1 
ATOM   184  C CG  . GLU A 1 26  ? 1.751   -4.364  -11.128 1.00 27.82 ? 35  GLU A CG  1 
ATOM   185  C CD  . GLU A 1 26  ? 2.447   -5.626  -11.607 1.00 30.28 ? 35  GLU A CD  1 
ATOM   186  O OE1 . GLU A 1 26  ? 3.697   -5.648  -11.657 1.00 27.83 ? 35  GLU A OE1 1 
ATOM   187  O OE2 . GLU A 1 26  ? 1.741   -6.597  -11.940 1.00 37.20 ? 35  GLU A OE2 1 
ATOM   188  N N   . TRP A 1 27  ? 1.285   -0.742  -12.922 1.00 28.07 ? 36  TRP A N   1 
ATOM   189  C CA  . TRP A 1 27  ? 0.130   0.086   -13.278 1.00 28.42 ? 36  TRP A CA  1 
ATOM   190  C C   . TRP A 1 27  ? 0.650   1.343   -13.957 1.00 30.11 ? 36  TRP A C   1 
ATOM   191  O O   . TRP A 1 27  ? 1.056   2.301   -13.272 1.00 27.09 ? 36  TRP A O   1 
ATOM   192  C CB  . TRP A 1 27  ? -0.700  0.426   -12.043 1.00 30.11 ? 36  TRP A CB  1 
ATOM   193  C CG  . TRP A 1 27  ? -1.127  -0.796  -11.294 1.00 29.16 ? 36  TRP A CG  1 
ATOM   194  C CD1 . TRP A 1 27  ? -2.056  -1.711  -11.690 1.00 25.84 ? 36  TRP A CD1 1 
ATOM   195  C CD2 . TRP A 1 27  ? -0.623  -1.257  -10.031 1.00 26.32 ? 36  TRP A CD2 1 
ATOM   196  N NE1 . TRP A 1 27  ? -2.169  -2.710  -10.752 1.00 26.47 ? 36  TRP A NE1 1 
ATOM   197  C CE2 . TRP A 1 27  ? -1.299  -2.454  -9.725  1.00 25.94 ? 36  TRP A CE2 1 
ATOM   198  C CE3 . TRP A 1 27  ? 0.331   -0.771  -9.132  1.00 26.84 ? 36  TRP A CE3 1 
ATOM   199  C CZ2 . TRP A 1 27  ? -1.057  -3.168  -8.555  1.00 27.85 ? 36  TRP A CZ2 1 
ATOM   200  C CZ3 . TRP A 1 27  ? 0.572   -1.482  -7.972  1.00 23.00 ? 36  TRP A CZ3 1 
ATOM   201  C CH2 . TRP A 1 27  ? -0.118  -2.668  -7.693  1.00 24.16 ? 36  TRP A CH2 1 
ATOM   202  N N   . PRO A 1 28  ? 0.673   1.389   -15.287 1.00 31.66 ? 37  PRO A N   1 
ATOM   203  C CA  . PRO A 1 28  ? 1.402   2.459   -15.989 1.00 33.76 ? 37  PRO A CA  1 
ATOM   204  C C   . PRO A 1 28  ? 0.737   3.812   -15.782 1.00 28.75 ? 37  PRO A C   1 
ATOM   205  O O   . PRO A 1 28  ? -0.434  4.003   -16.113 1.00 30.91 ? 37  PRO A O   1 
ATOM   206  C CB  . PRO A 1 28  ? 1.353   2.024   -17.459 1.00 35.09 ? 37  PRO A CB  1 
ATOM   207  C CG  . PRO A 1 28  ? 0.883   0.606   -17.443 1.00 34.67 ? 37  PRO A CG  1 
ATOM   208  C CD  . PRO A 1 28  ? 0.039   0.452   -16.226 1.00 34.23 ? 37  PRO A CD  1 
ATOM   209  N N   . ARG A 1 29  ? 1.495   4.741   -15.206 1.00 26.64 ? 38  ARG A N   1 
ATOM   210  C CA  . ARG A 1 29  ? 1.112   6.137   -15.078 1.00 25.21 ? 38  ARG A CA  1 
ATOM   211  C C   . ARG A 1 29  ? 2.362   6.971   -15.318 1.00 23.86 ? 38  ARG A C   1 
ATOM   212  O O   . ARG A 1 29  ? 3.472   6.444   -15.418 1.00 27.92 ? 38  ARG A O   1 
ATOM   213  C CB  . ARG A 1 29  ? 0.505   6.448   -13.701 1.00 23.11 ? 38  ARG A CB  1 
ATOM   214  C CG  . ARG A 1 29  ? -0.757  5.667   -13.357 1.00 24.89 ? 38  ARG A CG  1 
ATOM   215  C CD  . ARG A 1 29  ? -2.020  6.343   -13.879 1.00 21.89 ? 38  ARG A CD  1 
ATOM   216  N NE  . ARG A 1 29  ? -2.090  7.752   -13.503 1.00 20.18 ? 38  ARG A NE  1 
ATOM   217  C CZ  . ARG A 1 29  ? -2.668  8.206   -12.398 1.00 28.56 ? 38  ARG A CZ  1 
ATOM   218  N NH1 . ARG A 1 29  ? -3.238  7.358   -11.548 1.00 23.91 ? 38  ARG A NH1 1 
ATOM   219  N NH2 . ARG A 1 29  ? -2.682  9.510   -12.143 1.00 25.04 ? 38  ARG A NH2 1 
ATOM   220  N N   . SER A 1 30  ? 2.184   8.284   -15.418 1.00 21.56 ? 39  SER A N   1 
ATOM   221  C CA  . SER A 1 30  ? 3.338   9.156   -15.561 1.00 22.14 ? 39  SER A CA  1 
ATOM   222  C C   . SER A 1 30  ? 4.222   9.057   -14.322 1.00 24.80 ? 39  SER A C   1 
ATOM   223  O O   . SER A 1 30  ? 3.770   8.691   -13.232 1.00 23.03 ? 39  SER A O   1 
ATOM   224  C CB  . SER A 1 30  ? 2.901   10.603  -15.773 1.00 23.76 ? 39  SER A CB  1 
ATOM   225  O OG  . SER A 1 30  ? 2.342   11.140  -14.586 1.00 21.06 ? 39  SER A OG  1 
ATOM   226  N N   . GLU A 1 31  ? 5.507   9.372   -14.502 1.00 21.10 ? 40  GLU A N   1 
ATOM   227  C CA  . GLU A 1 31  ? 6.399   9.458   -13.352 1.00 24.37 ? 40  GLU A CA  1 
ATOM   228  C C   . GLU A 1 31  ? 5.960   10.569  -12.408 1.00 24.52 ? 40  GLU A C   1 
ATOM   229  O O   . GLU A 1 31  ? 6.018   10.413  -11.182 1.00 23.59 ? 40  GLU A O   1 
ATOM   230  C CB  . GLU A 1 31  ? 7.841   9.683   -13.807 1.00 24.03 ? 40  GLU A CB  1 
ATOM   231  C CG  . GLU A 1 31  ? 8.847   9.680   -12.657 1.00 25.53 ? 40  GLU A CG  1 
ATOM   232  C CD  . GLU A 1 31  ? 10.267  9.995   -13.106 1.00 36.04 ? 40  GLU A CD  1 
ATOM   233  O OE1 . GLU A 1 31  ? 10.466  11.001  -13.819 1.00 36.79 ? 40  GLU A OE1 1 
ATOM   234  O OE2 . GLU A 1 31  ? 11.186  9.230   -12.745 1.00 35.91 ? 40  GLU A OE2 1 
ATOM   235  N N   . THR A 1 32  ? 5.507   11.696  -12.964 1.00 19.69 ? 41  THR A N   1 
ATOM   236  C CA  . THR A 1 32  ? 5.075   12.811  -12.131 1.00 20.33 ? 41  THR A CA  1 
ATOM   237  C C   . THR A 1 32  ? 3.918   12.413  -11.222 1.00 20.38 ? 41  THR A C   1 
ATOM   238  O O   . THR A 1 32  ? 3.903   12.773  -10.039 1.00 20.15 ? 41  THR A O   1 
ATOM   239  C CB  . THR A 1 32  ? 4.686   13.998  -13.012 1.00 22.42 ? 41  THR A CB  1 
ATOM   240  O OG1 . THR A 1 32  ? 5.753   14.283  -13.923 1.00 22.38 ? 41  THR A OG1 1 
ATOM   241  C CG2 . THR A 1 32  ? 4.412   15.232  -12.164 1.00 21.92 ? 41  THR A CG2 1 
ATOM   242  N N   . ALA A 1 33  ? 2.942   11.666  -11.752 1.00 18.90 ? 42  ALA A N   1 
ATOM   243  C CA  . ALA A 1 33  ? 1.799   11.266  -10.933 1.00 21.81 ? 42  ALA A CA  1 
ATOM   244  C C   . ALA A 1 33  ? 2.240   10.408  -9.756  1.00 20.70 ? 42  ALA A C   1 
ATOM   245  O O   . ALA A 1 33  ? 1.770   10.600  -8.630  1.00 20.94 ? 42  ALA A O   1 
ATOM   246  C CB  . ALA A 1 33  ? 0.766   10.524  -11.783 1.00 20.21 ? 42  ALA A CB  1 
ATOM   247  N N   . ARG A 1 34  ? 3.160   9.468   -9.991  1.00 20.60 ? 43  ARG A N   1 
ATOM   248  C CA  . ARG A 1 34  ? 3.667   8.650   -8.895  1.00 20.68 ? 43  ARG A CA  1 
ATOM   249  C C   . ARG A 1 34  ? 4.468   9.487   -7.908  1.00 20.35 ? 43  ARG A C   1 
ATOM   250  O O   . ARG A 1 34  ? 4.379   9.275   -6.692  1.00 17.57 ? 43  ARG A O   1 
ATOM   251  C CB  . ARG A 1 34  ? 4.520   7.505   -9.439  1.00 19.47 ? 43  ARG A CB  1 
ATOM   252  C CG  . ARG A 1 34  ? 3.767   6.548   -10.338 1.00 23.75 ? 43  ARG A CG  1 
ATOM   253  C CD  . ARG A 1 34  ? 2.556   5.973   -9.637  1.00 28.67 ? 43  ARG A CD  1 
ATOM   254  N NE  . ARG A 1 34  ? 1.903   4.933   -10.425 1.00 28.89 ? 43  ARG A NE  1 
ATOM   255  C CZ  . ARG A 1 34  ? 0.673   4.487   -10.190 1.00 28.33 ? 43  ARG A CZ  1 
ATOM   256  N NH1 . ARG A 1 34  ? -0.034  4.998   -9.191  1.00 28.92 ? 43  ARG A NH1 1 
ATOM   257  N NH2 . ARG A 1 34  ? 0.152   3.533   -10.950 1.00 26.06 ? 43  ARG A NH2 1 
ATOM   258  N N   . MET A 1 35  ? 5.259   10.440  -8.412  1.00 18.52 ? 44  MET A N   1 
ATOM   259  C CA  . MET A 1 35  ? 6.027   11.311  -7.529  1.00 16.71 ? 44  MET A CA  1 
ATOM   260  C C   . MET A 1 35  ? 5.115   12.101  -6.598  1.00 19.89 ? 44  MET A C   1 
ATOM   261  O O   . MET A 1 35  ? 5.408   12.238  -5.404  1.00 20.08 ? 44  MET A O   1 
ATOM   262  C CB  . MET A 1 35  ? 6.900   12.261  -8.351  1.00 21.00 ? 44  MET A CB  1 
ATOM   263  C CG  . MET A 1 35  ? 8.123   11.595  -8.977  1.00 23.29 ? 44  MET A CG  1 
ATOM   264  S SD  . MET A 1 35  ? 9.317   10.948  -7.776  1.00 24.89 ? 44  MET A SD  1 
ATOM   265  C CE  . MET A 1 35  ? 9.759   12.414  -6.856  1.00 22.46 ? 44  MET A CE  1 
ATOM   266  N N   . ARG A 1 36  ? 4.005   12.629  -7.125  1.00 18.55 ? 45  ARG A N   1 
ATOM   267  C CA  . ARG A 1 36  ? 3.065   13.365  -6.282  1.00 20.70 ? 45  ARG A CA  1 
ATOM   268  C C   . ARG A 1 36  ? 2.575   12.498  -5.131  1.00 19.71 ? 45  ARG A C   1 
ATOM   269  O O   . ARG A 1 36  ? 2.454   12.968  -3.993  1.00 20.37 ? 45  ARG A O   1 
ATOM   270  C CB  . ARG A 1 36  ? 1.879   13.866  -7.118  1.00 22.27 ? 45  ARG A CB  1 
ATOM   271  C CG  . ARG A 1 36  ? 2.094   15.210  -7.809  1.00 22.07 ? 45  ARG A CG  1 
ATOM   272  C CD  . ARG A 1 36  ? 0.764   15.807  -8.302  1.00 18.76 ? 45  ARG A CD  1 
ATOM   273  N NE  . ARG A 1 36  ? 0.019   14.866  -9.140  1.00 18.83 ? 45  ARG A NE  1 
ATOM   274  C CZ  . ARG A 1 36  ? 0.076   14.842  -10.469 1.00 20.87 ? 45  ARG A CZ  1 
ATOM   275  N NH1 . ARG A 1 36  ? 0.842   15.708  -11.121 1.00 15.88 ? 45  ARG A NH1 1 
ATOM   276  N NH2 . ARG A 1 36  ? -0.629  13.948  -11.152 1.00 17.53 ? 45  ARG A NH2 1 
ATOM   277  N N   . SER A 1 37  ? 2.311   11.221  -5.405  1.00 18.59 ? 46  SER A N   1 
ATOM   278  C CA  . SER A 1 37  ? 1.846   10.314  -4.361  1.00 22.62 ? 46  SER A CA  1 
ATOM   279  C C   . SER A 1 37  ? 2.942   10.037  -3.337  1.00 20.93 ? 46  SER A C   1 
ATOM   280  O O   . SER A 1 37  ? 2.692   10.052  -2.127  1.00 20.86 ? 46  SER A O   1 
ATOM   281  C CB  . SER A 1 37  ? 1.345   9.015   -4.989  1.00 23.84 ? 46  SER A CB  1 
ATOM   282  O OG  . SER A 1 37  ? 0.996   8.078   -3.991  1.00 29.37 ? 46  SER A OG  1 
ATOM   283  N N   . LEU A 1 38  ? 4.169   9.781   -3.802  1.00 19.83 ? 47  LEU A N   1 
ATOM   284  C CA  . LEU A 1 38  ? 5.263   9.522   -2.867  1.00 19.35 ? 47  LEU A CA  1 
ATOM   285  C C   . LEU A 1 38  ? 5.585   10.757  -2.035  1.00 17.45 ? 47  LEU A C   1 
ATOM   286  O O   . LEU A 1 38  ? 5.913   10.644  -0.847  1.00 17.16 ? 47  LEU A O   1 
ATOM   287  C CB  . LEU A 1 38  ? 6.509   9.048   -3.618  1.00 16.99 ? 47  LEU A CB  1 
ATOM   288  C CG  . LEU A 1 38  ? 6.407   7.701   -4.339  1.00 17.35 ? 47  LEU A CG  1 
ATOM   289  C CD1 . LEU A 1 38  ? 7.716   7.369   -5.042  1.00 19.10 ? 47  LEU A CD1 1 
ATOM   290  C CD2 . LEU A 1 38  ? 6.017   6.597   -3.367  1.00 16.11 ? 47  LEU A CD2 1 
ATOM   291  N N   . GLU A 1 39  ? 5.502   11.943  -2.637  1.00 19.15 ? 48  GLU A N   1 
ATOM   292  C CA  . GLU A 1 39  ? 5.783   13.179  -1.916  1.00 20.95 ? 48  GLU A CA  1 
ATOM   293  C C   . GLU A 1 39  ? 4.717   13.512  -0.881  1.00 20.89 ? 48  GLU A C   1 
ATOM   294  O O   . GLU A 1 39  ? 4.969   14.347  -0.008  1.00 18.31 ? 48  GLU A O   1 
ATOM   295  C CB  . GLU A 1 39  ? 5.938   14.342  -2.902  1.00 19.36 ? 48  GLU A CB  1 
ATOM   296  C CG  . GLU A 1 39  ? 7.225   14.287  -3.715  1.00 24.38 ? 48  GLU A CG  1 
ATOM   297  C CD  . GLU A 1 39  ? 7.156   15.102  -4.995  1.00 28.28 ? 48  GLU A CD  1 
ATOM   298  O OE1 . GLU A 1 39  ? 6.108   15.732  -5.253  1.00 30.14 ? 48  GLU A OE1 1 
ATOM   299  O OE2 . GLU A 1 39  ? 8.146   15.090  -5.758  1.00 32.38 ? 48  GLU A OE2 1 
ATOM   300  N N   . ALA A 1 40  ? 3.543   12.885  -0.951  1.00 16.69 ? 49  ALA A N   1 
ATOM   301  C CA  . ALA A 1 40  ? 2.521   13.083  0.068   1.00 18.69 ? 49  ALA A CA  1 
ATOM   302  C C   . ALA A 1 40  ? 2.784   12.270  1.330   1.00 18.11 ? 49  ALA A C   1 
ATOM   303  O O   . ALA A 1 40  ? 2.131   12.512  2.352   1.00 17.68 ? 49  ALA A O   1 
ATOM   304  C CB  . ALA A 1 40  ? 1.139   12.725  -0.493  1.00 20.23 ? 49  ALA A CB  1 
ATOM   305  N N   . SER A 1 41  ? 3.715   11.320  1.282   1.00 18.45 ? 50  SER A N   1 
ATOM   306  C CA  . SER A 1 41  ? 4.009   10.493  2.444   1.00 16.60 ? 50  SER A CA  1 
ATOM   307  C C   . SER A 1 41  ? 4.453   11.361  3.616   1.00 15.93 ? 50  SER A C   1 
ATOM   308  O O   . SER A 1 41  ? 5.208   12.318  3.450   1.00 15.40 ? 50  SER A O   1 
ATOM   309  C CB  . SER A 1 41  ? 5.095   9.471   2.097   1.00 17.96 ? 50  SER A CB  1 
ATOM   310  O OG  . SER A 1 41  ? 5.254   8.509   3.128   1.00 15.72 ? 50  SER A OG  1 
ATOM   311  N N   . CYS A 1 42  ? 3.962   11.030  4.806   1.00 18.63 ? 51  CYS A N   1 
ATOM   312  C CA  . CYS A 1 42  ? 4.264   11.789  6.011   1.00 18.72 ? 51  CYS A CA  1 
ATOM   313  C C   . CYS A 1 42  ? 4.194   10.834  7.193   1.00 21.97 ? 51  CYS A C   1 
ATOM   314  O O   . CYS A 1 42  ? 3.899   9.647   7.035   1.00 21.42 ? 51  CYS A O   1 
ATOM   315  C CB  . CYS A 1 42  ? 3.305   12.973  6.176   1.00 21.02 ? 51  CYS A CB  1 
ATOM   316  S SG  . CYS A 1 42  ? 1.569   12.506  6.395   1.00 24.96 ? 51  CYS A SG  1 
ATOM   317  N N   . ASP A 1 43  ? 4.474   11.352  8.388   1.00 22.87 ? 52  ASP A N   1 
ATOM   318  C CA  . ASP A 1 43  ? 4.549   10.490  9.559   1.00 23.89 ? 52  ASP A CA  1 
ATOM   319  C C   . ASP A 1 43  ? 3.187   10.218  10.195  1.00 25.45 ? 52  ASP A C   1 
ATOM   320  O O   . ASP A 1 43  ? 3.133   9.745   11.336  1.00 25.52 ? 52  ASP A O   1 
ATOM   321  C CB  . ASP A 1 43  ? 5.515   11.084  10.584  1.00 32.64 ? 52  ASP A CB  1 
ATOM   322  C CG  . ASP A 1 43  ? 6.965   11.012  10.122  1.00 37.06 ? 52  ASP A CG  1 
ATOM   323  O OD1 . ASP A 1 43  ? 7.473   9.884   9.891   1.00 34.96 ? 52  ASP A OD1 1 
ATOM   324  O OD2 . ASP A 1 43  ? 7.582   12.089  9.965   1.00 41.69 ? 52  ASP A OD2 1 
ATOM   325  N N   . SER A 1 44  ? 2.091   10.508  9.496   1.00 24.00 ? 53  SER A N   1 
ATOM   326  C CA  . SER A 1 44  ? 0.800   9.952   9.875   1.00 22.14 ? 53  SER A CA  1 
ATOM   327  C C   . SER A 1 44  ? 0.218   9.199   8.684   1.00 21.92 ? 53  SER A C   1 
ATOM   328  O O   . SER A 1 44  ? 0.690   8.109   8.344   1.00 24.00 ? 53  SER A O   1 
ATOM   329  C CB  . SER A 1 44  ? -0.150  11.048  10.365  1.00 26.11 ? 53  SER A CB  1 
ATOM   330  O OG  . SER A 1 44  ? -0.304  12.071  9.398   1.00 31.46 ? 53  SER A OG  1 
ATOM   331  N N   . LEU A 1 45  ? -0.794  9.773   8.039   1.00 20.42 ? 54  LEU A N   1 
ATOM   332  C CA  . LEU A 1 45  ? -1.357  9.250   6.804   1.00 17.64 ? 54  LEU A CA  1 
ATOM   333  C C   . LEU A 1 45  ? -1.511  10.394  5.811   1.00 20.59 ? 54  LEU A C   1 
ATOM   334  O O   . LEU A 1 45  ? -1.802  11.525  6.214   1.00 19.93 ? 54  LEU A O   1 
ATOM   335  C CB  . LEU A 1 45  ? -2.721  8.579   7.048   1.00 16.67 ? 54  LEU A CB  1 
ATOM   336  C CG  . LEU A 1 45  ? -2.685  7.290   7.874   1.00 17.97 ? 54  LEU A CG  1 
ATOM   337  C CD1 . LEU A 1 45  ? -4.092  6.760   8.143   1.00 17.61 ? 54  LEU A CD1 1 
ATOM   338  C CD2 . LEU A 1 45  ? -1.844  6.243   7.159   1.00 20.01 ? 54  LEU A CD2 1 
ATOM   339  N N   . PRO A 1 46  ? -1.294  10.150  4.510   1.00 17.67 ? 55  PRO A N   1 
ATOM   340  C CA  . PRO A 1 46  ? -0.888  8.867   3.944   1.00 15.29 ? 55  PRO A CA  1 
ATOM   341  C C   . PRO A 1 46  ? 0.597   8.592   4.183   1.00 19.01 ? 55  PRO A C   1 
ATOM   342  O O   . PRO A 1 46  ? 1.340   9.506   4.566   1.00 17.50 ? 55  PRO A O   1 
ATOM   343  C CB  . PRO A 1 46  ? -1.188  9.037   2.456   1.00 19.71 ? 55  PRO A CB  1 
ATOM   344  C CG  . PRO A 1 46  ? -0.968  10.497  2.212   1.00 19.84 ? 55  PRO A CG  1 
ATOM   345  C CD  . PRO A 1 46  ? -1.389  11.201  3.477   1.00 20.44 ? 55  PRO A CD  1 
ATOM   346  N N   . CYS A 1 47  ? 1.014   7.345   3.973   1.00 14.99 ? 56  CYS A N   1 
ATOM   347  C CA  . CYS A 1 47  ? 2.409   6.960   4.138   1.00 17.15 ? 56  CYS A CA  1 
ATOM   348  C C   . CYS A 1 47  ? 2.735   5.845   3.158   1.00 20.31 ? 56  CYS A C   1 
ATOM   349  O O   . CYS A 1 47  ? 2.018   4.843   3.103   1.00 19.78 ? 56  CYS A O   1 
ATOM   350  C CB  . CYS A 1 47  ? 2.693   6.495   5.573   1.00 18.03 ? 56  CYS A CB  1 
ATOM   351  S SG  . CYS A 1 47  ? 4.405   5.918   5.859   1.00 21.49 ? 56  CYS A SG  1 
ATOM   352  N N   . SER A 1 48  ? 3.812   6.016   2.396   1.00 16.21 ? 57  SER A N   1 
ATOM   353  C CA  . SER A 1 48  ? 4.316   4.968   1.522   1.00 17.63 ? 57  SER A CA  1 
ATOM   354  C C   . SER A 1 48  ? 5.512   4.304   2.190   1.00 16.06 ? 57  SER A C   1 
ATOM   355  O O   . SER A 1 48  ? 6.440   4.987   2.640   1.00 14.87 ? 57  SER A O   1 
ATOM   356  C CB  . SER A 1 48  ? 4.700   5.528   0.152   1.00 15.87 ? 57  SER A CB  1 
ATOM   357  O OG  . SER A 1 48  ? 3.545   5.997   -0.535  1.00 25.14 ? 57  SER A OG  1 
ATOM   358  N N   . LEU A 1 49  ? 5.466   2.981   2.288   1.00 14.88 ? 58  LEU A N   1 
ATOM   359  C CA  . LEU A 1 49  ? 6.553   2.189   2.842   1.00 17.16 ? 58  LEU A CA  1 
ATOM   360  C C   . LEU A 1 49  ? 7.224   1.424   1.710   1.00 14.75 ? 58  LEU A C   1 
ATOM   361  O O   . LEU A 1 49  ? 6.545   0.923   0.809   1.00 15.06 ? 58  LEU A O   1 
ATOM   362  C CB  . LEU A 1 49  ? 6.040   1.214   3.908   1.00 12.53 ? 58  LEU A CB  1 
ATOM   363  C CG  . LEU A 1 49  ? 5.270   1.781   5.105   1.00 12.63 ? 58  LEU A CG  1 
ATOM   364  C CD1 . LEU A 1 49  ? 4.743   0.641   5.968   1.00 10.94 ? 58  LEU A CD1 1 
ATOM   365  C CD2 . LEU A 1 49  ? 6.149   2.703   5.930   1.00 16.28 ? 58  LEU A CD2 1 
ATOM   366  N N   . VAL A 1 50  ? 8.554   1.350   1.741   1.00 12.83 ? 59  VAL A N   1 
ATOM   367  C CA  . VAL A 1 50  ? 9.305   0.608   0.735   1.00 14.54 ? 59  VAL A CA  1 
ATOM   368  C C   . VAL A 1 50  ? 10.210  -0.407  1.419   1.00 15.22 ? 59  VAL A C   1 
ATOM   369  O O   . VAL A 1 50  ? 10.874  -0.103  2.417   1.00 15.37 ? 59  VAL A O   1 
ATOM   370  C CB  . VAL A 1 50  ? 10.125  1.527   -0.199  1.00 13.79 ? 59  VAL A CB  1 
ATOM   371  C CG1 . VAL A 1 50  ? 9.199   2.314   -1.125  1.00 13.79 ? 59  VAL A CG1 1 
ATOM   372  C CG2 . VAL A 1 50  ? 11.028  2.464   0.596   1.00 16.01 ? 59  VAL A CG2 1 
ATOM   373  N N   . LEU A 1 51  ? 10.224  -1.615  0.873   1.00 14.47 ? 60  LEU A N   1 
ATOM   374  C CA  . LEU A 1 51  ? 11.138  -2.673  1.269   1.00 16.96 ? 60  LEU A CA  1 
ATOM   375  C C   . LEU A 1 51  ? 12.382  -2.582  0.398   1.00 14.96 ? 60  LEU A C   1 
ATOM   376  O O   . LEU A 1 51  ? 12.274  -2.523  -0.831  1.00 16.86 ? 60  LEU A O   1 
ATOM   377  C CB  . LEU A 1 51  ? 10.453  -4.027  1.083   1.00 14.73 ? 60  LEU A CB  1 
ATOM   378  C CG  . LEU A 1 51  ? 10.820  -5.339  1.784   1.00 23.33 ? 60  LEU A CG  1 
ATOM   379  C CD1 . LEU A 1 51  ? 10.601  -6.508  0.809   1.00 19.99 ? 60  LEU A CD1 1 
ATOM   380  C CD2 . LEU A 1 51  ? 12.218  -5.356  2.354   1.00 18.88 ? 60  LEU A CD2 1 
ATOM   381  N N   . THR A 1 52  ? 13.557  -2.567  1.025   1.00 17.55 ? 61  THR A N   1 
ATOM   382  C CA  . THR A 1 52  ? 14.825  -2.469  0.308   1.00 19.68 ? 61  THR A CA  1 
ATOM   383  C C   . THR A 1 52  ? 15.835  -3.451  0.890   1.00 21.57 ? 61  THR A C   1 
ATOM   384  O O   . THR A 1 52  ? 15.650  -4.003  1.978   1.00 20.49 ? 61  THR A O   1 
ATOM   385  C CB  . THR A 1 52  ? 15.429  -1.057  0.378   1.00 20.54 ? 61  THR A CB  1 
ATOM   386  O OG1 . THR A 1 52  ? 16.045  -0.873  1.658   1.00 22.85 ? 61  THR A OG1 1 
ATOM   387  C CG2 . THR A 1 52  ? 14.378  0.021   0.166   1.00 20.49 ? 61  THR A CG2 1 
ATOM   388  N N   . THR A 1 53  ? 16.928  -3.645  0.150   1.00 21.38 ? 62  THR A N   1 
ATOM   389  C CA  . THR A 1 53  ? 18.090  -4.349  0.673   1.00 25.08 ? 62  THR A CA  1 
ATOM   390  C C   . THR A 1 53  ? 18.761  -3.526  1.769   1.00 25.73 ? 62  THR A C   1 
ATOM   391  O O   . THR A 1 53  ? 18.465  -2.342  1.972   1.00 26.38 ? 62  THR A O   1 
ATOM   392  C CB  . THR A 1 53  ? 19.103  -4.631  -0.437  1.00 24.81 ? 62  THR A CB  1 
ATOM   393  O OG1 . THR A 1 53  ? 19.569  -3.387  -0.978  1.00 23.40 ? 62  THR A OG1 1 
ATOM   394  C CG2 . THR A 1 53  ? 18.474  -5.456  -1.551  1.00 24.59 ? 62  THR A CG2 1 
ATOM   395  N N   . GLU A 1 54  ? 19.705  -4.168  2.465   1.00 27.76 ? 63  GLU A N   1 
ATOM   396  C CA  . GLU A 1 54  ? 20.420  -3.513  3.559   1.00 29.51 ? 63  GLU A CA  1 
ATOM   397  C C   . GLU A 1 54  ? 21.061  -2.207  3.102   1.00 26.74 ? 63  GLU A C   1 
ATOM   398  O O   . GLU A 1 54  ? 20.985  -1.189  3.799   1.00 29.69 ? 63  GLU A O   1 
ATOM   399  C CB  . GLU A 1 54  ? 21.480  -4.460  4.130   1.00 33.14 ? 63  GLU A CB  1 
ATOM   400  N N   . GLY A 1 55  ? 21.697  -2.218  1.933   1.00 25.65 ? 64  GLY A N   1 
ATOM   401  C CA  . GLY A 1 55  ? 22.344  -1.030  1.410   1.00 24.05 ? 64  GLY A CA  1 
ATOM   402  C C   . GLY A 1 55  ? 21.431  -0.041  0.727   1.00 25.75 ? 64  GLY A C   1 
ATOM   403  O O   . GLY A 1 55  ? 21.895  1.006   0.266   1.00 20.39 ? 64  GLY A O   1 
ATOM   404  N N   . MET A 1 56  ? 20.134  -0.351  0.650   1.00 26.49 ? 65  MET A N   1 
ATOM   405  C CA  . MET A 1 56  ? 19.147  0.496   -0.022  1.00 22.07 ? 65  MET A CA  1 
ATOM   406  C C   . MET A 1 56  ? 19.511  0.726   -1.485  1.00 23.39 ? 65  MET A C   1 
ATOM   407  O O   . MET A 1 56  ? 19.313  1.813   -2.030  1.00 25.12 ? 65  MET A O   1 
ATOM   408  C CB  . MET A 1 56  ? 18.972  1.829   0.705   1.00 23.00 ? 65  MET A CB  1 
ATOM   409  C CG  . MET A 1 56  ? 18.604  1.682   2.167   1.00 27.25 ? 65  MET A CG  1 
ATOM   410  S SD  . MET A 1 56  ? 17.651  3.090   2.762   1.00 32.44 ? 65  MET A SD  1 
ATOM   411  C CE  . MET A 1 56  ? 17.398  2.584   4.462   1.00 31.78 ? 65  MET A CE  1 
ATOM   412  N N   . CYS A 1 57  ? 20.048  -0.304  -2.134  1.00 23.96 ? 66  CYS A N   1 
ATOM   413  C CA  . CYS A 1 57  ? 20.413  -0.211  -3.541  1.00 23.13 ? 66  CYS A CA  1 
ATOM   414  C C   . CYS A 1 57  ? 19.383  -0.850  -4.458  1.00 25.07 ? 66  CYS A C   1 
ATOM   415  O O   . CYS A 1 57  ? 19.541  -0.787  -5.684  1.00 22.08 ? 66  CYS A O   1 
ATOM   416  C CB  . CYS A 1 57  ? 21.787  -0.844  -3.780  1.00 23.05 ? 66  CYS A CB  1 
ATOM   417  S SG  . CYS A 1 57  ? 22.021  -2.387  -2.908  1.00 29.35 ? 66  CYS A SG  1 
ATOM   418  N N   . ARG A 1 58  ? 18.342  -1.469  -3.901  1.00 20.07 ? 67  ARG A N   1 
ATOM   419  C CA  . ARG A 1 58  ? 17.229  -1.946  -4.708  1.00 19.77 ? 67  ARG A CA  1 
ATOM   420  C C   . ARG A 1 58  ? 15.946  -1.869  -3.899  1.00 19.01 ? 67  ARG A C   1 
ATOM   421  O O   . ARG A 1 58  ? 15.913  -2.302  -2.743  1.00 18.16 ? 67  ARG A O   1 
ATOM   422  C CB  . ARG A 1 58  ? 17.445  -3.383  -5.192  1.00 22.04 ? 67  ARG A CB  1 
ATOM   423  C CG  . ARG A 1 58  ? 16.335  -3.841  -6.137  1.00 23.59 ? 67  ARG A CG  1 
ATOM   424  C CD  . ARG A 1 58  ? 16.651  -5.164  -6.786  1.00 28.93 ? 67  ARG A CD  1 
ATOM   425  N NE  . ARG A 1 58  ? 17.828  -5.084  -7.650  1.00 21.81 ? 67  ARG A NE  1 
ATOM   426  C CZ  . ARG A 1 58  ? 18.325  -6.126  -8.305  1.00 29.54 ? 67  ARG A CZ  1 
ATOM   427  N NH1 . ARG A 1 58  ? 19.399  -5.985  -9.073  1.00 23.28 ? 67  ARG A NH1 1 
ATOM   428  N NH2 . ARG A 1 58  ? 17.738  -7.312  -8.190  1.00 21.11 ? 67  ARG A NH2 1 
ATOM   429  N N   . VAL A 1 59  ? 14.897  -1.334  -4.516  1.00 18.01 ? 68  VAL A N   1 
ATOM   430  C CA  . VAL A 1 59  ? 13.572  -1.280  -3.912  1.00 17.71 ? 68  VAL A CA  1 
ATOM   431  C C   . VAL A 1 59  ? 12.857  -2.582  -4.256  1.00 16.59 ? 68  VAL A C   1 
ATOM   432  O O   . VAL A 1 59  ? 12.461  -2.800  -5.403  1.00 18.91 ? 68  VAL A O   1 
ATOM   433  C CB  . VAL A 1 59  ? 12.782  -0.060  -4.398  1.00 17.02 ? 68  VAL A CB  1 
ATOM   434  C CG1 . VAL A 1 59  ? 11.357  -0.094  -3.848  1.00 16.81 ? 68  VAL A CG1 1 
ATOM   435  C CG2 . VAL A 1 59  ? 13.482  1.212   -3.972  1.00 18.87 ? 68  VAL A CG2 1 
ATOM   436  N N   . ILE A 1 60  ? 12.701  -3.451  -3.261  1.00 15.85 ? 69  ILE A N   1 
ATOM   437  C CA  . ILE A 1 60  ? 12.090  -4.756  -3.509  1.00 18.88 ? 69  ILE A CA  1 
ATOM   438  C C   . ILE A 1 60  ? 10.566  -4.675  -3.528  1.00 16.42 ? 69  ILE A C   1 
ATOM   439  O O   . ILE A 1 60  ? 9.916   -5.420  -4.272  1.00 17.43 ? 69  ILE A O   1 
ATOM   440  C CB  . ILE A 1 60  ? 12.573  -5.774  -2.461  1.00 18.85 ? 69  ILE A CB  1 
ATOM   441  C CG1 . ILE A 1 60  ? 14.096  -5.905  -2.505  1.00 18.95 ? 69  ILE A CG1 1 
ATOM   442  C CG2 . ILE A 1 60  ? 11.905  -7.136  -2.672  1.00 17.29 ? 69  ILE A CG2 1 
ATOM   443  C CD1 . ILE A 1 60  ? 14.678  -6.581  -1.277  1.00 17.55 ? 69  ILE A CD1 1 
ATOM   444  N N   . ALA A 1 61  ? 9.965   -3.789  -2.734  1.00 13.52 ? 70  ALA A N   1 
ATOM   445  C CA  . ALA A 1 61  ? 8.507   -3.739  -2.672  1.00 15.00 ? 70  ALA A CA  1 
ATOM   446  C C   . ALA A 1 61  ? 8.038   -2.374  -2.191  1.00 16.08 ? 70  ALA A C   1 
ATOM   447  O O   . ALA A 1 61  ? 8.802   -1.596  -1.613  1.00 14.49 ? 70  ALA A O   1 
ATOM   448  C CB  . ALA A 1 61  ? 7.943   -4.836  -1.761  1.00 12.45 ? 70  ALA A CB  1 
ATOM   449  N N   . HIS A 1 62  ? 6.754   -2.102  -2.427  1.00 13.24 ? 71  HIS A N   1 
ATOM   450  C CA  . HIS A 1 62  ? 6.144   -0.845  -2.026  1.00 15.37 ? 71  HIS A CA  1 
ATOM   451  C C   . HIS A 1 62  ? 4.691   -1.087  -1.642  1.00 14.39 ? 71  HIS A C   1 
ATOM   452  O O   . HIS A 1 62  ? 4.006   -1.905  -2.261  1.00 14.68 ? 71  HIS A O   1 
ATOM   453  C CB  . HIS A 1 62  ? 6.221   0.197   -3.150  1.00 11.61 ? 71  HIS A CB  1 
ATOM   454  C CG  . HIS A 1 62  ? 5.230   1.313   -3.011  1.00 16.42 ? 71  HIS A CG  1 
ATOM   455  N ND1 . HIS A 1 62  ? 3.907   1.188   -3.381  1.00 16.63 ? 71  HIS A ND1 1 
ATOM   456  C CD2 . HIS A 1 62  ? 5.373   2.576   -2.547  1.00 15.50 ? 71  HIS A CD2 1 
ATOM   457  C CE1 . HIS A 1 62  ? 3.279   2.326   -3.148  1.00 17.66 ? 71  HIS A CE1 1 
ATOM   458  N NE2 . HIS A 1 62  ? 4.147   3.187   -2.646  1.00 15.92 ? 71  HIS A NE2 1 
ATOM   459  N N   . LEU A 1 63  ? 4.226   -0.371  -0.623  1.00 15.34 ? 72  LEU A N   1 
ATOM   460  C CA  . LEU A 1 63  ? 2.797   -0.243  -0.379  1.00 15.76 ? 72  LEU A CA  1 
ATOM   461  C C   . LEU A 1 63  ? 2.516   1.161   0.133   1.00 15.90 ? 72  LEU A C   1 
ATOM   462  O O   . LEU A 1 63  ? 3.391   1.823   0.694   1.00 14.67 ? 72  LEU A O   1 
ATOM   463  C CB  . LEU A 1 63  ? 2.269   -1.301  0.607   1.00 18.20 ? 72  LEU A CB  1 
ATOM   464  C CG  . LEU A 1 63  ? 2.806   -1.394  2.039   1.00 16.34 ? 72  LEU A CG  1 
ATOM   465  C CD1 . LEU A 1 63  ? 2.181   -0.358  2.979   1.00 15.89 ? 72  LEU A CD1 1 
ATOM   466  C CD2 . LEU A 1 63  ? 2.554   -2.795  2.564   1.00 16.43 ? 72  LEU A CD2 1 
ATOM   467  N N   . LYS A 1 64  ? 1.273   1.602   -0.061  1.00 16.91 ? 73  LYS A N   1 
ATOM   468  C CA  . LYS A 1 64  ? 0.815   2.910   0.386   1.00 17.41 ? 73  LYS A CA  1 
ATOM   469  C C   . LYS A 1 64  ? -0.323  2.735   1.382   1.00 15.71 ? 73  LYS A C   1 
ATOM   470  O O   . LYS A 1 64  ? -1.246  1.950   1.147   1.00 17.84 ? 73  LYS A O   1 
ATOM   471  C CB  . LYS A 1 64  ? 0.360   3.769   -0.795  1.00 18.11 ? 73  LYS A CB  1 
ATOM   472  C CG  . LYS A 1 64  ? -0.306  5.066   -0.386  1.00 19.89 ? 73  LYS A CG  1 
ATOM   473  C CD  . LYS A 1 64  ? -0.399  6.040   -1.546  1.00 25.87 ? 73  LYS A CD  1 
ATOM   474  C CE  . LYS A 1 64  ? -1.127  7.306   -1.126  1.00 28.81 ? 73  LYS A CE  1 
ATOM   475  N NZ  . LYS A 1 64  ? -0.456  8.541   -1.622  1.00 32.70 ? 73  LYS A NZ  1 
ATOM   476  N N   . LEU A 1 65  ? -0.244  3.455   2.494   1.00 14.66 ? 74  LEU A N   1 
ATOM   477  C CA  . LEU A 1 65  ? -1.293  3.481   3.506   1.00 17.36 ? 74  LEU A CA  1 
ATOM   478  C C   . LEU A 1 65  ? -2.045  4.799   3.377   1.00 16.37 ? 74  LEU A C   1 
ATOM   479  O O   . LEU A 1 65  ? -1.437  5.868   3.467   1.00 17.60 ? 74  LEU A O   1 
ATOM   480  C CB  . LEU A 1 65  ? -0.694  3.338   4.905   1.00 14.96 ? 74  LEU A CB  1 
ATOM   481  C CG  . LEU A 1 65  ? 0.201   2.114   5.085   1.00 16.18 ? 74  LEU A CG  1 
ATOM   482  C CD1 . LEU A 1 65  ? 1.097   2.299   6.282   1.00 18.79 ? 74  LEU A CD1 1 
ATOM   483  C CD2 . LEU A 1 65  ? -0.659  0.872   5.232   1.00 16.52 ? 74  LEU A CD2 1 
ATOM   484  N N   . SER A 1 66  ? -3.354  4.724   3.144   1.00 17.12 ? 75  SER A N   1 
ATOM   485  C CA  . SER A 1 66  ? -4.129  5.929   2.899   1.00 16.14 ? 75  SER A CA  1 
ATOM   486  C C   . SER A 1 66  ? -5.199  6.115   3.967   1.00 18.57 ? 75  SER A C   1 
ATOM   487  O O   . SER A 1 66  ? -5.748  5.135   4.483   1.00 15.55 ? 75  SER A O   1 
ATOM   488  C CB  . SER A 1 66  ? -4.794  5.890   1.516   1.00 21.26 ? 75  SER A CB  1 
ATOM   489  O OG  . SER A 1 66  ? -3.825  5.883   0.481   1.00 26.75 ? 75  SER A OG  1 
ATOM   490  N N   . PRO A 1 67  ? -5.526  7.357   4.308   1.00 16.66 ? 76  PRO A N   1 
ATOM   491  C CA  . PRO A 1 67  ? -6.576  7.597   5.303   1.00 15.90 ? 76  PRO A CA  1 
ATOM   492  C C   . PRO A 1 67  ? -7.952  7.230   4.772   1.00 18.75 ? 76  PRO A C   1 
ATOM   493  O O   . PRO A 1 67  ? -8.197  7.174   3.566   1.00 19.77 ? 76  PRO A O   1 
ATOM   494  C CB  . PRO A 1 67  ? -6.470  9.102   5.572   1.00 19.71 ? 76  PRO A CB  1 
ATOM   495  C CG  . PRO A 1 67  ? -5.907  9.666   4.305   1.00 17.36 ? 76  PRO A CG  1 
ATOM   496  C CD  . PRO A 1 67  ? -4.968  8.613   3.770   1.00 17.95 ? 76  PRO A CD  1 
ATOM   497  N N   . ILE A 1 68  ? -8.862  6.975   5.709   1.00 18.81 ? 77  ILE A N   1 
ATOM   498  C CA  . ILE A 1 68  ? -10.270 6.734   5.414   1.00 21.62 ? 77  ILE A CA  1 
ATOM   499  C C   . ILE A 1 68  ? -11.068 7.829   6.108   1.00 26.46 ? 77  ILE A C   1 
ATOM   500  O O   . ILE A 1 68  ? -11.000 7.967   7.336   1.00 24.88 ? 77  ILE A O   1 
ATOM   501  C CB  . ILE A 1 68  ? -10.729 5.344   5.878   1.00 21.84 ? 77  ILE A CB  1 
ATOM   502  C CG1 . ILE A 1 68  ? -10.006 4.250   5.094   1.00 21.83 ? 77  ILE A CG1 1 
ATOM   503  C CG2 . ILE A 1 68  ? -12.246 5.207   5.725   1.00 26.18 ? 77  ILE A CG2 1 
ATOM   504  C CD1 . ILE A 1 68  ? -10.090 2.880   5.733   1.00 21.36 ? 77  ILE A CD1 1 
ATOM   505  N N   . ASN A 1 69  ? -11.827 8.598   5.323   1.00 24.58 ? 78  ASN A N   1 
ATOM   506  C CA  . ASN A 1 69  ? -12.493 9.786   5.853   1.00 31.07 ? 78  ASN A CA  1 
ATOM   507  C C   . ASN A 1 69  ? -13.434 9.446   7.007   1.00 30.02 ? 78  ASN A C   1 
ATOM   508  O O   . ASN A 1 69  ? -13.513 10.191  7.991   1.00 37.13 ? 78  ASN A O   1 
ATOM   509  C CB  . ASN A 1 69  ? -13.250 10.494  4.728   1.00 34.81 ? 78  ASN A CB  1 
ATOM   510  C CG  . ASN A 1 69  ? -13.810 11.835  5.157   1.00 39.85 ? 78  ASN A CG  1 
ATOM   511  O OD1 . ASN A 1 69  ? -15.025 12.016  5.241   1.00 39.22 ? 78  ASN A OD1 1 
ATOM   512  N ND2 . ASN A 1 69  ? -12.925 12.783  5.435   1.00 42.42 ? 78  ASN A ND2 1 
ATOM   513  N N   . SER A 1 70  ? -14.145 8.329   6.917   1.00 30.18 ? 79  SER A N   1 
ATOM   514  C CA  . SER A 1 70  ? -15.145 7.982   7.920   1.00 34.46 ? 79  SER A CA  1 
ATOM   515  C C   . SER A 1 70  ? -14.599 7.156   9.080   1.00 32.81 ? 79  SER A C   1 
ATOM   516  O O   . SER A 1 70  ? -15.371 6.809   9.980   1.00 34.78 ? 79  SER A O   1 
ATOM   517  C CB  . SER A 1 70  ? -16.307 7.227   7.260   1.00 33.55 ? 79  SER A CB  1 
ATOM   518  O OG  . SER A 1 70  ? -15.843 6.104   6.527   1.00 34.68 ? 79  SER A OG  1 
ATOM   519  N N   . LYS A 1 71  ? -13.302 6.832   9.097   1.00 30.81 ? 80  LYS A N   1 
ATOM   520  C CA  . LYS A 1 71  ? -12.743 5.927   10.107  1.00 26.93 ? 80  LYS A CA  1 
ATOM   521  C C   . LYS A 1 71  ? -11.377 6.448   10.548  1.00 27.47 ? 80  LYS A C   1 
ATOM   522  O O   . LYS A 1 71  ? -10.360 6.170   9.905   1.00 27.04 ? 80  LYS A O   1 
ATOM   523  C CB  . LYS A 1 71  ? -12.639 4.506   9.567   1.00 30.12 ? 80  LYS A CB  1 
ATOM   524  C CG  . LYS A 1 71  ? -13.980 3.830   9.320   1.00 31.11 ? 80  LYS A CG  1 
ATOM   525  C CD  . LYS A 1 71  ? -13.806 2.452   8.703   1.00 29.55 ? 80  LYS A CD  1 
ATOM   526  C CE  . LYS A 1 71  ? -15.124 1.694   8.668   1.00 33.69 ? 80  LYS A CE  1 
ATOM   527  N NZ  . LYS A 1 71  ? -15.602 1.367   10.042  1.00 34.46 ? 80  LYS A NZ  1 
ATOM   528  N N   . LYS A 1 72  ? -11.353 7.175   11.665  1.00 29.44 ? 81  LYS A N   1 
ATOM   529  C CA  . LYS A 1 72  ? -10.112 7.765   12.156  1.00 29.18 ? 81  LYS A CA  1 
ATOM   530  C C   . LYS A 1 72  ? -9.119  6.723   12.659  1.00 24.48 ? 81  LYS A C   1 
ATOM   531  O O   . LYS A 1 72  ? -7.919  7.008   12.705  1.00 29.08 ? 81  LYS A O   1 
ATOM   532  C CB  . LYS A 1 72  ? -10.413 8.767   13.272  1.00 28.04 ? 81  LYS A CB  1 
ATOM   533  N N   . LYS A 1 73  ? -9.577  5.529   13.031  1.00 22.30 ? 82  LYS A N   1 
ATOM   534  C CA  . LYS A 1 73  ? -8.697  4.501   13.576  1.00 21.91 ? 82  LYS A CA  1 
ATOM   535  C C   . LYS A 1 73  ? -8.406  3.390   12.576  1.00 20.99 ? 82  LYS A C   1 
ATOM   536  O O   . LYS A 1 73  ? -8.013  2.287   12.974  1.00 20.98 ? 82  LYS A O   1 
ATOM   537  C CB  . LYS A 1 73  ? -9.295  3.912   14.855  1.00 24.73 ? 82  LYS A CB  1 
ATOM   538  C CG  . LYS A 1 73  ? -9.288  4.867   16.042  1.00 28.82 ? 82  LYS A CG  1 
ATOM   539  N N   . ALA A 1 74  ? -8.585  3.656   11.287  1.00 20.72 ? 83  ALA A N   1 
ATOM   540  C CA  . ALA A 1 74  ? -8.353  2.665   10.251  1.00 20.74 ? 83  ALA A CA  1 
ATOM   541  C C   . ALA A 1 74  ? -7.598  3.319   9.106   1.00 18.16 ? 83  ALA A C   1 
ATOM   542  O O   . ALA A 1 74  ? -7.483  4.546   9.024   1.00 19.32 ? 83  ALA A O   1 
ATOM   543  C CB  . ALA A 1 74  ? -9.666  2.050   9.754   1.00 17.00 ? 83  ALA A CB  1 
ATOM   544  N N   . CYS A 1 75  ? -7.057  2.485   8.225   1.00 17.36 ? 84  CYS A N   1 
ATOM   545  C CA  . CYS A 1 75  ? -6.475  2.983   6.991   1.00 14.23 ? 84  CYS A CA  1 
ATOM   546  C C   . CYS A 1 75  ? -6.720  1.968   5.885   1.00 16.41 ? 84  CYS A C   1 
ATOM   547  O O   . CYS A 1 75  ? -7.143  0.832   6.124   1.00 15.53 ? 84  CYS A O   1 
ATOM   548  C CB  . CYS A 1 75  ? -4.979  3.287   7.140   1.00 15.45 ? 84  CYS A CB  1 
ATOM   549  S SG  . CYS A 1 75  ? -3.923  1.826   7.137   1.00 20.37 ? 84  CYS A SG  1 
ATOM   550  N N   . PHE A 1 76  ? -6.467  2.421   4.665   1.00 15.32 ? 85  PHE A N   1 
ATOM   551  C CA  . PHE A 1 76  ? -6.616  1.651   3.442   1.00 15.84 ? 85  PHE A CA  1 
ATOM   552  C C   . PHE A 1 76  ? -5.223  1.415   2.871   1.00 18.68 ? 85  PHE A C   1 
ATOM   553  O O   . PHE A 1 76  ? -4.431  2.356   2.770   1.00 19.56 ? 85  PHE A O   1 
ATOM   554  C CB  . PHE A 1 76  ? -7.485  2.436   2.454   1.00 21.08 ? 85  PHE A CB  1 
ATOM   555  C CG  . PHE A 1 76  ? -8.122  1.605   1.388   1.00 24.05 ? 85  PHE A CG  1 
ATOM   556  C CD1 . PHE A 1 76  ? -9.278  0.884   1.648   1.00 27.88 ? 85  PHE A CD1 1 
ATOM   557  C CD2 . PHE A 1 76  ? -7.590  1.576   0.109   1.00 31.46 ? 85  PHE A CD2 1 
ATOM   558  C CE1 . PHE A 1 76  ? -9.876  0.127   0.660   1.00 25.94 ? 85  PHE A CE1 1 
ATOM   559  C CE2 . PHE A 1 76  ? -8.184  0.820   -0.887  1.00 30.72 ? 85  PHE A CE2 1 
ATOM   560  C CZ  . PHE A 1 76  ? -9.329  0.095   -0.610  1.00 25.99 ? 85  PHE A CZ  1 
ATOM   561  N N   . VAL A 1 77  ? -4.907  0.167   2.529   1.00 17.73 ? 86  VAL A N   1 
ATOM   562  C CA  . VAL A 1 77  ? -3.626  -0.160  1.907   1.00 17.05 ? 86  VAL A CA  1 
ATOM   563  C C   . VAL A 1 77  ? -3.848  -0.373  0.414   1.00 16.49 ? 86  VAL A C   1 
ATOM   564  O O   . VAL A 1 77  ? -4.846  -0.981  0.000   1.00 21.15 ? 86  VAL A O   1 
ATOM   565  C CB  . VAL A 1 77  ? -2.967  -1.389  2.575   1.00 17.85 ? 86  VAL A CB  1 
ATOM   566  C CG1 . VAL A 1 77  ? -3.801  -2.641  2.393   1.00 19.56 ? 86  VAL A CG1 1 
ATOM   567  C CG2 . VAL A 1 77  ? -1.548  -1.598  2.052   1.00 18.16 ? 86  VAL A CG2 1 
ATOM   568  N N   . GLU A 1 78  ? -2.935  0.155   -0.401  1.00 16.74 ? 87  GLU A N   1 
ATOM   569  C CA  . GLU A 1 78  ? -3.091  0.128   -1.849  1.00 21.28 ? 87  GLU A CA  1 
ATOM   570  C C   . GLU A 1 78  ? -1.719  0.132   -2.510  1.00 17.63 ? 87  GLU A C   1 
ATOM   571  O O   . GLU A 1 78  ? -0.693  0.372   -1.866  1.00 19.97 ? 87  GLU A O   1 
ATOM   572  C CB  . GLU A 1 78  ? -3.929  1.313   -2.348  1.00 22.73 ? 87  GLU A CB  1 
ATOM   573  C CG  . GLU A 1 78  ? -3.372  2.674   -1.964  1.00 23.59 ? 87  GLU A CG  1 
ATOM   574  C CD  . GLU A 1 78  ? -4.294  3.827   -2.341  1.00 34.81 ? 87  GLU A CD  1 
ATOM   575  O OE1 . GLU A 1 78  ? -4.983  3.733   -3.380  1.00 34.06 ? 87  GLU A OE1 1 
ATOM   576  O OE2 . GLU A 1 78  ? -4.337  4.824   -1.586  1.00 32.95 ? 87  GLU A OE2 1 
ATOM   577  N N   . SER A 1 79  ? -1.716  -0.144  -3.816  1.00 16.94 ? 88  SER A N   1 
ATOM   578  C CA  . SER A 1 79  ? -0.495  -0.146  -4.626  1.00 19.33 ? 88  SER A CA  1 
ATOM   579  C C   . SER A 1 79  ? 0.566   -1.074  -4.039  1.00 18.77 ? 88  SER A C   1 
ATOM   580  O O   . SER A 1 79  ? 1.755   -0.746  -4.012  1.00 17.32 ? 88  SER A O   1 
ATOM   581  C CB  . SER A 1 79  ? 0.063   1.270   -4.790  1.00 19.77 ? 88  SER A CB  1 
ATOM   582  O OG  . SER A 1 79  ? -0.825  2.082   -5.536  1.00 30.92 ? 88  SER A OG  1 
ATOM   583  N N   . VAL A 1 80  ? 0.127   -2.235  -3.561  1.00 16.75 ? 89  VAL A N   1 
ATOM   584  C CA  . VAL A 1 80  ? 1.028   -3.258  -3.039  1.00 18.46 ? 89  VAL A CA  1 
ATOM   585  C C   . VAL A 1 80  ? 1.679   -3.969  -4.218  1.00 19.78 ? 89  VAL A C   1 
ATOM   586  O O   . VAL A 1 80  ? 0.997   -4.617  -5.019  1.00 18.70 ? 89  VAL A O   1 
ATOM   587  C CB  . VAL A 1 80  ? 0.273   -4.258  -2.152  1.00 19.21 ? 89  VAL A CB  1 
ATOM   588  C CG1 . VAL A 1 80  ? 1.215   -5.339  -1.654  1.00 17.84 ? 89  VAL A CG1 1 
ATOM   589  C CG2 . VAL A 1 80  ? -0.404  -3.538  -0.992  1.00 20.98 ? 89  VAL A CG2 1 
ATOM   590  N N   . VAL A 1 81  ? 2.999   -3.857  -4.328  1.00 16.90 ? 90  VAL A N   1 
ATOM   591  C CA  . VAL A 1 81  ? 3.696   -4.431  -5.474  1.00 16.90 ? 90  VAL A CA  1 
ATOM   592  C C   . VAL A 1 81  ? 5.088   -4.865  -5.039  1.00 18.52 ? 90  VAL A C   1 
ATOM   593  O O   . VAL A 1 81  ? 5.797   -4.134  -4.340  1.00 15.28 ? 90  VAL A O   1 
ATOM   594  C CB  . VAL A 1 81  ? 3.740   -3.436  -6.661  1.00 18.44 ? 90  VAL A CB  1 
ATOM   595  C CG1 . VAL A 1 81  ? 4.309   -2.084  -6.236  1.00 17.46 ? 90  VAL A CG1 1 
ATOM   596  C CG2 . VAL A 1 81  ? 4.522   -4.017  -7.823  1.00 18.41 ? 90  VAL A CG2 1 
ATOM   597  N N   . VAL A 1 82  ? 5.466   -6.074  -5.443  1.00 18.59 ? 91  VAL A N   1 
ATOM   598  C CA  . VAL A 1 82  ? 6.816   -6.592  -5.272  1.00 17.14 ? 91  VAL A CA  1 
ATOM   599  C C   . VAL A 1 82  ? 7.486   -6.614  -6.641  1.00 18.36 ? 91  VAL A C   1 
ATOM   600  O O   . VAL A 1 82  ? 6.844   -6.931  -7.648  1.00 15.41 ? 91  VAL A O   1 
ATOM   601  C CB  . VAL A 1 82  ? 6.801   -7.993  -4.629  1.00 17.96 ? 91  VAL A CB  1 
ATOM   602  C CG1 . VAL A 1 82  ? 8.206   -8.609  -4.599  1.00 17.94 ? 91  VAL A CG1 1 
ATOM   603  C CG2 . VAL A 1 82  ? 6.207   -7.923  -3.223  1.00 17.70 ? 91  VAL A CG2 1 
ATOM   604  N N   . ASP A 1 83  ? 8.766   -6.241  -6.676  1.00 17.60 ? 92  ASP A N   1 
ATOM   605  C CA  . ASP A 1 83  ? 9.549   -6.280  -7.907  1.00 16.39 ? 92  ASP A CA  1 
ATOM   606  C C   . ASP A 1 83  ? 9.444   -7.647  -8.577  1.00 17.35 ? 92  ASP A C   1 
ATOM   607  O O   . ASP A 1 83  ? 9.555   -8.686  -7.923  1.00 18.34 ? 92  ASP A O   1 
ATOM   608  C CB  . ASP A 1 83  ? 11.009  -5.946  -7.590  1.00 17.07 ? 92  ASP A CB  1 
ATOM   609  C CG  . ASP A 1 83  ? 11.863  -5.779  -8.838  1.00 23.94 ? 92  ASP A CG  1 
ATOM   610  O OD1 . ASP A 1 83  ? 12.118  -6.787  -9.532  1.00 23.70 ? 92  ASP A OD1 1 
ATOM   611  O OD2 . ASP A 1 83  ? 12.278  -4.636  -9.121  1.00 22.36 ? 92  ASP A OD2 1 
ATOM   612  N N   . LYS A 1 84  ? 9.234   -7.634  -9.899  1.00 19.31 ? 93  LYS A N   1 
ATOM   613  C CA  . LYS A 1 84  ? 9.002   -8.872  -10.644 1.00 20.57 ? 93  LYS A CA  1 
ATOM   614  C C   . LYS A 1 84  ? 10.167  -9.850  -10.529 1.00 22.35 ? 93  LYS A C   1 
ATOM   615  O O   . LYS A 1 84  ? 9.975   -11.059 -10.685 1.00 20.52 ? 93  LYS A O   1 
ATOM   616  C CB  . LYS A 1 84  ? 8.738   -8.561  -12.119 1.00 25.31 ? 93  LYS A CB  1 
ATOM   617  C CG  . LYS A 1 84  ? 7.374   -7.959  -12.406 1.00 23.30 ? 93  LYS A CG  1 
ATOM   618  C CD  . LYS A 1 84  ? 7.350   -7.277  -13.767 1.00 30.53 ? 93  LYS A CD  1 
ATOM   619  C CE  . LYS A 1 84  ? 5.926   -6.995  -14.207 1.00 33.55 ? 93  LYS A CE  1 
ATOM   620  N NZ  . LYS A 1 84  ? 5.143   -8.260  -14.322 1.00 39.66 ? 93  LYS A NZ  1 
ATOM   621  N N   . ARG A 1 85  ? 11.379  -9.358  -10.264 1.00 19.17 ? 94  ARG A N   1 
ATOM   622  C CA  . ARG A 1 85  ? 12.505  -10.270 -10.098 1.00 19.48 ? 94  ARG A CA  1 
ATOM   623  C C   . ARG A 1 85  ? 12.464  -11.039 -8.783  1.00 20.29 ? 94  ARG A C   1 
ATOM   624  O O   . ARG A 1 85  ? 13.212  -12.011 -8.633  1.00 23.51 ? 94  ARG A O   1 
ATOM   625  C CB  . ARG A 1 85  ? 13.826  -9.502  -10.185 1.00 15.76 ? 94  ARG A CB  1 
ATOM   626  C CG  . ARG A 1 85  ? 14.044  -8.765  -11.496 1.00 18.31 ? 94  ARG A CG  1 
ATOM   627  C CD  . ARG A 1 85  ? 15.192  -7.759  -11.396 1.00 19.68 ? 94  ARG A CD  1 
ATOM   628  N NE  . ARG A 1 85  ? 14.776  -6.505  -10.765 1.00 21.13 ? 94  ARG A NE  1 
ATOM   629  C CZ  . ARG A 1 85  ? 15.540  -5.419  -10.684 1.00 25.37 ? 94  ARG A CZ  1 
ATOM   630  N NH1 . ARG A 1 85  ? 16.765  -5.430  -11.198 1.00 25.49 ? 94  ARG A NH1 1 
ATOM   631  N NH2 . ARG A 1 85  ? 15.082  -4.323  -10.090 1.00 21.42 ? 94  ARG A NH2 1 
ATOM   632  N N   . HIS A 1 86  ? 11.628  -10.635 -7.829  1.00 16.95 ? 95  HIS A N   1 
ATOM   633  C CA  . HIS A 1 86  ? 11.724  -11.143 -6.466  1.00 20.45 ? 95  HIS A CA  1 
ATOM   634  C C   . HIS A 1 86  ? 10.379  -11.627 -5.932  1.00 19.95 ? 95  HIS A C   1 
ATOM   635  O O   . HIS A 1 86  ? 10.150  -11.613 -4.720  1.00 21.36 ? 95  HIS A O   1 
ATOM   636  C CB  . HIS A 1 86  ? 12.302  -10.080 -5.532  1.00 19.79 ? 95  HIS A CB  1 
ATOM   637  C CG  . HIS A 1 86  ? 13.601  -9.502  -6.002  1.00 22.60 ? 95  HIS A CG  1 
ATOM   638  N ND1 . HIS A 1 86  ? 14.788  -10.203 -5.956  1.00 21.43 ? 95  HIS A ND1 1 
ATOM   639  C CD2 . HIS A 1 86  ? 13.900  -8.288  -6.524  1.00 22.38 ? 95  HIS A CD2 1 
ATOM   640  C CE1 . HIS A 1 86  ? 15.763  -9.445  -6.428  1.00 24.08 ? 95  HIS A CE1 1 
ATOM   641  N NE2 . HIS A 1 86  ? 15.251  -8.279  -6.779  1.00 22.26 ? 95  HIS A NE2 1 
ATOM   642  N N   . ARG A 1 87  ? 9.487   -12.072 -6.805  1.00 20.80 ? 96  ARG A N   1 
ATOM   643  C CA  . ARG A 1 87  ? 8.169   -12.495 -6.360  1.00 24.58 ? 96  ARG A CA  1 
ATOM   644  C C   . ARG A 1 87  ? 8.173   -13.971 -5.990  1.00 25.48 ? 96  ARG A C   1 
ATOM   645  O O   . ARG A 1 87  ? 9.065   -14.730 -6.372  1.00 26.16 ? 96  ARG A O   1 
ATOM   646  C CB  . ARG A 1 87  ? 7.119   -12.219 -7.434  1.00 23.38 ? 96  ARG A CB  1 
ATOM   647  C CG  . ARG A 1 87  ? 6.714   -10.767 -7.486  1.00 22.33 ? 96  ARG A CG  1 
ATOM   648  C CD  . ARG A 1 87  ? 5.828   -10.471 -8.668  1.00 23.21 ? 96  ARG A CD  1 
ATOM   649  N NE  . ARG A 1 87  ? 5.768   -9.036  -8.918  1.00 21.96 ? 96  ARG A NE  1 
ATOM   650  C CZ  . ARG A 1 87  ? 5.080   -8.484  -9.908  1.00 25.85 ? 96  ARG A CZ  1 
ATOM   651  N NH1 . ARG A 1 87  ? 4.393   -9.253  -10.739 1.00 27.31 ? 96  ARG A NH1 1 
ATOM   652  N NH2 . ARG A 1 87  ? 5.079   -7.167  -10.067 1.00 25.51 ? 96  ARG A NH2 1 
ATOM   653  N N   . GLY A 1 88  ? 7.154   -14.367 -5.228  1.00 23.29 ? 97  GLY A N   1 
ATOM   654  C CA  . GLY A 1 88  ? 7.047   -15.738 -4.778  1.00 21.95 ? 97  GLY A CA  1 
ATOM   655  C C   . GLY A 1 88  ? 8.080   -16.154 -3.758  1.00 27.45 ? 97  GLY A C   1 
ATOM   656  O O   . GLY A 1 88  ? 8.280   -17.353 -3.552  1.00 28.57 ? 97  GLY A O   1 
ATOM   657  N N   . GLN A 1 89  ? 8.741   -15.195 -3.104  1.00 22.43 ? 98  GLN A N   1 
ATOM   658  C CA  . GLN A 1 89  ? 9.818   -15.485 -2.161  1.00 26.30 ? 98  GLN A CA  1 
ATOM   659  C C   . GLN A 1 89  ? 9.554   -14.931 -0.769  1.00 27.16 ? 98  GLN A C   1 
ATOM   660  O O   . GLN A 1 89  ? 10.495  -14.827 0.030   1.00 24.63 ? 98  GLN A O   1 
ATOM   661  C CB  . GLN A 1 89  ? 11.153  -14.925 -2.668  1.00 25.75 ? 98  GLN A CB  1 
ATOM   662  C CG  . GLN A 1 89  ? 11.303  -14.905 -4.175  1.00 29.27 ? 98  GLN A CG  1 
ATOM   663  C CD  . GLN A 1 89  ? 12.726  -14.627 -4.618  1.00 27.33 ? 98  GLN A CD  1 
ATOM   664  O OE1 . GLN A 1 89  ? 12.970  -14.262 -5.770  1.00 30.01 ? 98  GLN A OE1 1 
ATOM   665  N NE2 . GLN A 1 89  ? 13.670  -14.778 -3.700  1.00 27.20 ? 98  GLN A NE2 1 
ATOM   666  N N   . GLY A 1 90  ? 8.317   -14.542 -0.461  1.00 20.93 ? 99  GLY A N   1 
ATOM   667  C CA  . GLY A 1 90  ? 7.990   -14.047 0.857   1.00 22.36 ? 99  GLY A CA  1 
ATOM   668  C C   . GLY A 1 90  ? 8.095   -12.548 1.062   1.00 17.10 ? 99  GLY A C   1 
ATOM   669  O O   . GLY A 1 90  ? 7.840   -12.078 2.178   1.00 18.81 ? 99  GLY A O   1 
ATOM   670  N N   . PHE A 1 91  ? 8.445   -11.774 0.032   1.00 17.26 ? 100 PHE A N   1 
ATOM   671  C CA  . PHE A 1 91  ? 8.626   -10.339 0.233   1.00 19.85 ? 100 PHE A CA  1 
ATOM   672  C C   . PHE A 1 91  ? 7.297   -9.591  0.333   1.00 18.57 ? 100 PHE A C   1 
ATOM   673  O O   . PHE A 1 91  ? 7.210   -8.599  1.065   1.00 16.87 ? 100 PHE A O   1 
ATOM   674  C CB  . PHE A 1 91  ? 9.484   -9.747  -0.885  1.00 16.23 ? 100 PHE A CB  1 
ATOM   675  C CG  . PHE A 1 91  ? 10.933  -10.154 -0.810  1.00 17.87 ? 100 PHE A CG  1 
ATOM   676  C CD1 . PHE A 1 91  ? 11.675  -9.913  0.337   1.00 19.77 ? 100 PHE A CD1 1 
ATOM   677  C CD2 . PHE A 1 91  ? 11.551  -10.778 -1.881  1.00 20.83 ? 100 PHE A CD2 1 
ATOM   678  C CE1 . PHE A 1 91  ? 13.013  -10.282 0.414   1.00 22.89 ? 100 PHE A CE1 1 
ATOM   679  C CE2 . PHE A 1 91  ? 12.885  -11.154 -1.810  1.00 22.52 ? 100 PHE A CE2 1 
ATOM   680  C CZ  . PHE A 1 91  ? 13.614  -10.905 -0.659  1.00 20.42 ? 100 PHE A CZ  1 
ATOM   681  N N   . GLY A 1 92  ? 6.266   -10.034 -0.388  1.00 17.61 ? 101 GLY A N   1 
ATOM   682  C CA  . GLY A 1 92  ? 4.949   -9.446  -0.195  1.00 18.72 ? 101 GLY A CA  1 
ATOM   683  C C   . GLY A 1 92  ? 4.430   -9.676  1.212   1.00 15.90 ? 101 GLY A C   1 
ATOM   684  O O   . GLY A 1 92  ? 3.952   -8.752  1.874   1.00 15.55 ? 101 GLY A O   1 
ATOM   685  N N   . LYS A 1 93  ? 4.541   -10.915 1.692   1.00 15.57 ? 102 LYS A N   1 
ATOM   686  C CA  . LYS A 1 93  ? 4.218   -11.233 3.079   1.00 18.32 ? 102 LYS A CA  1 
ATOM   687  C C   . LYS A 1 93  ? 5.005   -10.365 4.057   1.00 18.01 ? 102 LYS A C   1 
ATOM   688  O O   . LYS A 1 93  ? 4.455   -9.880  5.055   1.00 14.87 ? 102 LYS A O   1 
ATOM   689  C CB  . LYS A 1 93  ? 4.503   -12.712 3.326   1.00 19.67 ? 102 LYS A CB  1 
ATOM   690  C CG  . LYS A 1 93  ? 3.956   -13.278 4.619   1.00 33.42 ? 102 LYS A CG  1 
ATOM   691  C CD  . LYS A 1 93  ? 4.321   -14.753 4.728   1.00 36.12 ? 102 LYS A CD  1 
ATOM   692  C CE  . LYS A 1 93  ? 3.858   -15.356 6.041   1.00 48.31 ? 102 LYS A CE  1 
ATOM   693  N NZ  . LYS A 1 93  ? 4.300   -16.777 6.157   1.00 56.75 ? 102 LYS A NZ  1 
ATOM   694  N N   . LEU A 1 94  ? 6.297   -10.163 3.791   1.00 17.59 ? 103 LEU A N   1 
ATOM   695  C CA  . LEU A 1 94  ? 7.149   -9.389  4.690   1.00 16.96 ? 103 LEU A CA  1 
ATOM   696  C C   . LEU A 1 94  ? 6.648   -7.956  4.827   1.00 13.64 ? 103 LEU A C   1 
ATOM   697  O O   . LEU A 1 94  ? 6.422   -7.463  5.938   1.00 15.17 ? 103 LEU A O   1 
ATOM   698  C CB  . LEU A 1 94  ? 8.590   -9.407  4.172   1.00 16.22 ? 103 LEU A CB  1 
ATOM   699  C CG  . LEU A 1 94  ? 9.760   -8.877  5.019   1.00 22.15 ? 103 LEU A CG  1 
ATOM   700  C CD1 . LEU A 1 94  ? 11.066  -9.280  4.376   1.00 20.27 ? 103 LEU A CD1 1 
ATOM   701  C CD2 . LEU A 1 94  ? 9.732   -7.364  5.210   1.00 19.77 ? 103 LEU A CD2 1 
ATOM   702  N N   . ILE A 1 95  ? 6.492   -7.259  3.700   1.00 14.75 ? 104 ILE A N   1 
ATOM   703  C CA  . ILE A 1 95  ? 6.146   -5.844  3.779   1.00 16.81 ? 104 ILE A CA  1 
ATOM   704  C C   . ILE A 1 95  ? 4.734   -5.657  4.326   1.00 13.07 ? 104 ILE A C   1 
ATOM   705  O O   . ILE A 1 95  ? 4.458   -4.664  5.010   1.00 14.65 ? 104 ILE A O   1 
ATOM   706  C CB  . ILE A 1 95  ? 6.338   -5.160  2.411   1.00 12.63 ? 104 ILE A CB  1 
ATOM   707  C CG1 . ILE A 1 95  ? 6.333   -3.639  2.575   1.00 15.23 ? 104 ILE A CG1 1 
ATOM   708  C CG2 . ILE A 1 95  ? 5.278   -5.614  1.405   1.00 13.75 ? 104 ILE A CG2 1 
ATOM   709  C CD1 . ILE A 1 95  ? 6.624   -2.873  1.288   1.00 17.59 ? 104 ILE A CD1 1 
ATOM   710  N N   . MET A 1 96  ? 3.827   -6.607  4.072   1.00 13.63 ? 105 MET A N   1 
ATOM   711  C CA  . MET A 1 96  ? 2.475   -6.475  4.613   1.00 15.16 ? 105 MET A CA  1 
ATOM   712  C C   . MET A 1 96  ? 2.473   -6.646  6.126   1.00 16.44 ? 105 MET A C   1 
ATOM   713  O O   . MET A 1 96  ? 1.729   -5.958  6.836   1.00 14.87 ? 105 MET A O   1 
ATOM   714  C CB  . MET A 1 96  ? 1.532   -7.493  3.970   1.00 12.85 ? 105 MET A CB  1 
ATOM   715  C CG  . MET A 1 96  ? 1.168   -7.189  2.520   1.00 16.81 ? 105 MET A CG  1 
ATOM   716  S SD  . MET A 1 96  ? 0.114   -5.739  2.342   1.00 19.03 ? 105 MET A SD  1 
ATOM   717  C CE  . MET A 1 96  ? -1.224  -6.161  3.459   1.00 20.97 ? 105 MET A CE  1 
ATOM   718  N N   . LYS A 1 97  ? 3.292   -7.564  6.640   1.00 17.50 ? 106 LYS A N   1 
ATOM   719  C CA  . LYS A 1 97  ? 3.378   -7.738  8.086   1.00 18.59 ? 106 LYS A CA  1 
ATOM   720  C C   . LYS A 1 97  ? 4.021   -6.522  8.744   1.00 17.41 ? 106 LYS A C   1 
ATOM   721  O O   . LYS A 1 97  ? 3.596   -6.094  9.824   1.00 18.81 ? 106 LYS A O   1 
ATOM   722  C CB  . LYS A 1 97  ? 4.156   -9.015  8.415   1.00 18.96 ? 106 LYS A CB  1 
ATOM   723  C CG  . LYS A 1 97  ? 4.257   -9.318  9.902   1.00 23.48 ? 106 LYS A CG  1 
ATOM   724  C CD  . LYS A 1 97  ? 2.879   -9.405  10.550  1.00 30.32 ? 106 LYS A CD  1 
ATOM   725  C CE  . LYS A 1 97  ? 2.976   -9.780  12.027  1.00 32.57 ? 106 LYS A CE  1 
ATOM   726  N NZ  . LYS A 1 97  ? 2.305   -8.777  12.902  1.00 32.27 ? 106 LYS A NZ  1 
ATOM   727  N N   . PHE A 1 98  ? 5.041   -5.949  8.102   1.00 15.19 ? 107 PHE A N   1 
ATOM   728  C CA  . PHE A 1 98  ? 5.653   -4.732  8.627   1.00 15.62 ? 107 PHE A CA  1 
ATOM   729  C C   . PHE A 1 98  ? 4.649   -3.589  8.658   1.00 14.11 ? 107 PHE A C   1 
ATOM   730  O O   . PHE A 1 98  ? 4.590   -2.835  9.635   1.00 14.45 ? 107 PHE A O   1 
ATOM   731  C CB  . PHE A 1 98  ? 6.870   -4.342  7.785   1.00 15.90 ? 107 PHE A CB  1 
ATOM   732  C CG  . PHE A 1 98  ? 7.718   -3.271  8.411   1.00 15.39 ? 107 PHE A CG  1 
ATOM   733  C CD1 . PHE A 1 98  ? 7.360   -1.936  8.319   1.00 15.40 ? 107 PHE A CD1 1 
ATOM   734  C CD2 . PHE A 1 98  ? 8.867   -3.604  9.113   1.00 18.49 ? 107 PHE A CD2 1 
ATOM   735  C CE1 . PHE A 1 98  ? 8.144   -0.946  8.900   1.00 18.01 ? 107 PHE A CE1 1 
ATOM   736  C CE2 . PHE A 1 98  ? 9.654   -2.624  9.697   1.00 20.35 ? 107 PHE A CE2 1 
ATOM   737  C CZ  . PHE A 1 98  ? 9.294   -1.294  9.589   1.00 19.15 ? 107 PHE A CZ  1 
ATOM   738  N N   . ALA A 1 99  ? 3.855   -3.443  7.593   1.00 15.09 ? 108 ALA A N   1 
ATOM   739  C CA  . ALA A 1 99  ? 2.851   -2.384  7.548   1.00 14.53 ? 108 ALA A CA  1 
ATOM   740  C C   . ALA A 1 99  ? 1.835   -2.541  8.668   1.00 12.21 ? 108 ALA A C   1 
ATOM   741  O O   . ALA A 1 99  ? 1.386   -1.550  9.251   1.00 13.38 ? 108 ALA A O   1 
ATOM   742  C CB  . ALA A 1 99  ? 2.148   -2.378  6.191   1.00 13.12 ? 108 ALA A CB  1 
ATOM   743  N N   . GLU A 1 100 ? 1.465   -3.783  8.986   1.00 14.27 ? 109 GLU A N   1 
ATOM   744  C CA  . GLU A 1 100 ? 0.493   -4.023  10.048  1.00 13.61 ? 109 GLU A CA  1 
ATOM   745  C C   . GLU A 1 100 ? 1.055   -3.630  11.408  1.00 16.33 ? 109 GLU A C   1 
ATOM   746  O O   . GLU A 1 100 ? 0.378   -2.963  12.200  1.00 15.15 ? 109 GLU A O   1 
ATOM   747  C CB  . GLU A 1 100 ? 0.061   -5.489  10.028  1.00 14.88 ? 109 GLU A CB  1 
ATOM   748  C CG  . GLU A 1 100 ? -0.924  -5.771  8.903   1.00 18.31 ? 109 GLU A CG  1 
ATOM   749  C CD  . GLU A 1 100 ? -0.961  -7.234  8.497   1.00 25.27 ? 109 GLU A CD  1 
ATOM   750  O OE1 . GLU A 1 100 ? -0.532  -8.092  9.299   1.00 19.16 ? 109 GLU A OE1 1 
ATOM   751  O OE2 . GLU A 1 100 ? -1.425  -7.519  7.370   1.00 22.42 ? 109 GLU A OE2 1 
ATOM   752  N N   . ASP A 1 101 ? 2.290   -4.050  11.705  1.00 13.60 ? 110 ASP A N   1 
ATOM   753  C CA  . ASP A 1 101 ? 2.962   -3.586  12.916  1.00 14.67 ? 110 ASP A CA  1 
ATOM   754  C C   . ASP A 1 101 ? 3.079   -2.066  12.932  1.00 12.44 ? 110 ASP A C   1 
ATOM   755  O O   . ASP A 1 101 ? 2.855   -1.427  13.964  1.00 12.66 ? 110 ASP A O   1 
ATOM   756  C CB  . ASP A 1 101 ? 4.361   -4.204  13.021  1.00 19.75 ? 110 ASP A CB  1 
ATOM   757  C CG  . ASP A 1 101 ? 4.336   -5.726  13.097  1.00 26.23 ? 110 ASP A CG  1 
ATOM   758  O OD1 . ASP A 1 101 ? 3.271   -6.296  13.413  1.00 20.97 ? 110 ASP A OD1 1 
ATOM   759  O OD2 . ASP A 1 101 ? 5.395   -6.346  12.846  1.00 27.21 ? 110 ASP A OD2 1 
ATOM   760  N N   . TYR A 1 102 ? 3.448   -1.477  11.795  1.00 12.10 ? 111 TYR A N   1 
ATOM   761  C CA  . TYR A 1 102 ? 3.609   -0.029  11.713  1.00 13.28 ? 111 TYR A CA  1 
ATOM   762  C C   . TYR A 1 102 ? 2.298   0.687   12.017  1.00 14.92 ? 111 TYR A C   1 
ATOM   763  O O   . TYR A 1 102 ? 2.260   1.621   12.826  1.00 13.53 ? 111 TYR A O   1 
ATOM   764  C CB  . TYR A 1 102 ? 4.132   0.345   10.325  1.00 14.43 ? 111 TYR A CB  1 
ATOM   765  C CG  . TYR A 1 102 ? 4.404   1.816   10.127  1.00 16.97 ? 111 TYR A CG  1 
ATOM   766  C CD1 . TYR A 1 102 ? 5.650   2.359   10.423  1.00 17.06 ? 111 TYR A CD1 1 
ATOM   767  C CD2 . TYR A 1 102 ? 3.418   2.663   9.636   1.00 18.54 ? 111 TYR A CD2 1 
ATOM   768  C CE1 . TYR A 1 102 ? 5.901   3.705   10.242  1.00 17.93 ? 111 TYR A CE1 1 
ATOM   769  C CE2 . TYR A 1 102 ? 3.663   4.015   9.449   1.00 18.51 ? 111 TYR A CE2 1 
ATOM   770  C CZ  . TYR A 1 102 ? 4.906   4.529   9.753   1.00 21.91 ? 111 TYR A CZ  1 
ATOM   771  O OH  . TYR A 1 102 ? 5.153   5.875   9.569   1.00 21.72 ? 111 TYR A OH  1 
ATOM   772  N N   . CYS A 1 103 ? 1.206   0.251   11.384  1.00 11.87 ? 112 CYS A N   1 
ATOM   773  C CA  . CYS A 1 103 ? -0.090  0.879   11.624  1.00 13.38 ? 112 CYS A CA  1 
ATOM   774  C C   . CYS A 1 103 ? -0.531  0.724   13.075  1.00 15.82 ? 112 CYS A C   1 
ATOM   775  O O   . CYS A 1 103 ? -1.092  1.654   13.666  1.00 16.52 ? 112 CYS A O   1 
ATOM   776  C CB  . CYS A 1 103 ? -1.141  0.279   10.694  1.00 15.10 ? 112 CYS A CB  1 
ATOM   777  S SG  . CYS A 1 103 ? -0.942  0.753   8.972   1.00 18.76 ? 112 CYS A SG  1 
ATOM   778  N N   . ARG A 1 104 ? -0.311  -0.451  13.660  1.00 13.07 ? 113 ARG A N   1 
ATOM   779  C CA  . ARG A 1 104 ? -0.772  -0.680  15.025  1.00 15.71 ? 113 ARG A CA  1 
ATOM   780  C C   . ARG A 1 104 ? 0.073   0.096   16.026  1.00 16.26 ? 113 ARG A C   1 
ATOM   781  O O   . ARG A 1 104 ? -0.459  0.794   16.898  1.00 18.66 ? 113 ARG A O   1 
ATOM   782  C CB  . ARG A 1 104 ? -0.748  -2.176  15.348  1.00 15.98 ? 113 ARG A CB  1 
ATOM   783  C CG  . ARG A 1 104 ? -1.122  -2.489  16.794  1.00 18.63 ? 113 ARG A CG  1 
ATOM   784  C CD  . ARG A 1 104 ? -1.149  -3.973  17.071  1.00 19.11 ? 113 ARG A CD  1 
ATOM   785  N NE  . ARG A 1 104 ? 0.162   -4.602  16.935  1.00 20.20 ? 113 ARG A NE  1 
ATOM   786  C CZ  . ARG A 1 104 ? 1.080   -4.630  17.896  1.00 22.86 ? 113 ARG A CZ  1 
ATOM   787  N NH1 . ARG A 1 104 ? 0.843   -4.047  19.063  1.00 22.32 ? 113 ARG A NH1 1 
ATOM   788  N NH2 . ARG A 1 104 ? 2.242   -5.232  17.688  1.00 21.91 ? 113 ARG A NH2 1 
ATOM   789  N N   . VAL A 1 105 ? 1.392   0.007   15.897  1.00 15.94 ? 114 VAL A N   1 
ATOM   790  C CA  . VAL A 1 105 ? 2.313   0.518   16.910  1.00 15.76 ? 114 VAL A CA  1 
ATOM   791  C C   . VAL A 1 105 ? 2.655   1.983   16.673  1.00 18.04 ? 114 VAL A C   1 
ATOM   792  O O   . VAL A 1 105 ? 2.563   2.807   17.585  1.00 18.36 ? 114 VAL A O   1 
ATOM   793  C CB  . VAL A 1 105 ? 3.582   -0.359  16.933  1.00 17.18 ? 114 VAL A CB  1 
ATOM   794  C CG1 . VAL A 1 105 ? 4.615   0.219   17.890  1.00 20.50 ? 114 VAL A CG1 1 
ATOM   795  C CG2 . VAL A 1 105 ? 3.219   -1.793  17.303  1.00 20.61 ? 114 VAL A CG2 1 
ATOM   796  N N   . VAL A 1 106 ? 3.072   2.332   15.455  1.00 16.48 ? 115 VAL A N   1 
ATOM   797  C CA  . VAL A 1 106 ? 3.497   3.705   15.188  1.00 15.00 ? 115 VAL A CA  1 
ATOM   798  C C   . VAL A 1 106 ? 2.298   4.631   15.025  1.00 17.92 ? 115 VAL A C   1 
ATOM   799  O O   . VAL A 1 106 ? 2.303   5.762   15.525  1.00 18.84 ? 115 VAL A O   1 
ATOM   800  C CB  . VAL A 1 106 ? 4.414   3.749   13.955  1.00 15.92 ? 115 VAL A CB  1 
ATOM   801  C CG1 . VAL A 1 106 ? 4.689   5.188   13.554  1.00 20.33 ? 115 VAL A CG1 1 
ATOM   802  C CG2 . VAL A 1 106 ? 5.721   3.027   14.239  1.00 19.89 ? 115 VAL A CG2 1 
ATOM   803  N N   . LEU A 1 107 ? 1.258   4.178   14.321  1.00 17.17 ? 116 LEU A N   1 
ATOM   804  C CA  . LEU A 1 107 ? 0.110   5.017   13.997  1.00 17.00 ? 116 LEU A CA  1 
ATOM   805  C C   . LEU A 1 107 ? -1.084  4.808   14.919  1.00 21.33 ? 116 LEU A C   1 
ATOM   806  O O   . LEU A 1 107 ? -2.054  5.566   14.818  1.00 22.66 ? 116 LEU A O   1 
ATOM   807  C CB  . LEU A 1 107 ? -0.327  4.773   12.547  1.00 16.78 ? 116 LEU A CB  1 
ATOM   808  C CG  . LEU A 1 107 ? 0.696   5.155   11.480  1.00 19.11 ? 116 LEU A CG  1 
ATOM   809  C CD1 . LEU A 1 107 ? 0.103   5.015   10.082  1.00 19.01 ? 116 LEU A CD1 1 
ATOM   810  C CD2 . LEU A 1 107 ? 1.197   6.572   11.719  1.00 22.01 ? 116 LEU A CD2 1 
ATOM   811  N N   . ASP A 1 108 ? -1.050  3.800   15.793  1.00 20.63 ? 117 ASP A N   1 
ATOM   812  C CA  . ASP A 1 108 ? -2.137  3.537   16.738  1.00 24.01 ? 117 ASP A CA  1 
ATOM   813  C C   . ASP A 1 108 ? -3.454  3.243   16.018  1.00 20.10 ? 117 ASP A C   1 
ATOM   814  O O   . ASP A 1 108 ? -4.531  3.624   16.475  1.00 20.52 ? 117 ASP A O   1 
ATOM   815  C CB  . ASP A 1 108 ? -2.304  4.698   17.726  1.00 24.94 ? 117 ASP A CB  1 
ATOM   816  C CG  . ASP A 1 108 ? -1.300  4.644   18.864  1.00 30.74 ? 117 ASP A CG  1 
ATOM   817  O OD1 . ASP A 1 108 ? -1.254  3.615   19.569  1.00 31.68 ? 117 ASP A OD1 1 
ATOM   818  O OD2 . ASP A 1 108 ? -0.547  5.626   19.044  1.00 34.85 ? 117 ASP A OD2 1 
ATOM   819  N N   . LEU A 1 109 ? -3.372  2.562   14.882  1.00 16.63 ? 118 LEU A N   1 
ATOM   820  C CA  . LEU A 1 109 ? -4.569  2.215   14.132  1.00 19.07 ? 118 LEU A CA  1 
ATOM   821  C C   . LEU A 1 109 ? -5.085  0.845   14.564  1.00 17.25 ? 118 LEU A C   1 
ATOM   822  O O   . LEU A 1 109 ? -4.369  0.049   15.173  1.00 14.26 ? 118 LEU A O   1 
ATOM   823  C CB  . LEU A 1 109 ? -4.288  2.237   12.629  1.00 16.38 ? 118 LEU A CB  1 
ATOM   824  C CG  . LEU A 1 109 ? -3.878  3.624   12.114  1.00 17.20 ? 118 LEU A CG  1 
ATOM   825  C CD1 . LEU A 1 109 ? -3.447  3.573   10.655  1.00 17.21 ? 118 LEU A CD1 1 
ATOM   826  C CD2 . LEU A 1 109 ? -5.009  4.621   12.311  1.00 19.07 ? 118 LEU A CD2 1 
ATOM   827  N N   . LYS A 1 110 ? -6.353  0.582   14.241  1.00 15.26 ? 119 LYS A N   1 
ATOM   828  C CA  . LYS A 1 110 ? -7.026  -0.630  14.686  1.00 19.89 ? 119 LYS A CA  1 
ATOM   829  C C   . LYS A 1 110 ? -7.370  -1.599  13.565  1.00 17.47 ? 119 LYS A C   1 
ATOM   830  O O   . LYS A 1 110 ? -7.520  -2.795  13.835  1.00 14.33 ? 119 LYS A O   1 
ATOM   831  C CB  . LYS A 1 110 ? -8.320  -0.273  15.439  1.00 20.60 ? 119 LYS A CB  1 
ATOM   832  C CG  . LYS A 1 110 ? -8.096  0.095   16.906  1.00 27.46 ? 119 LYS A CG  1 
ATOM   833  C CD  . LYS A 1 110 ? -9.372  0.602   17.564  1.00 32.26 ? 119 LYS A CD  1 
ATOM   834  N N   . THR A 1 111 ? -7.489  -1.123  12.326  1.00 15.21 ? 120 THR A N   1 
ATOM   835  C CA  . THR A 1 111 ? -7.962  -1.940  11.219  1.00 16.50 ? 120 THR A CA  1 
ATOM   836  C C   . THR A 1 111 ? -7.308  -1.466  9.930   1.00 15.91 ? 120 THR A C   1 
ATOM   837  O O   . THR A 1 111 ? -7.090  -0.265  9.748   1.00 17.48 ? 120 THR A O   1 
ATOM   838  C CB  . THR A 1 111 ? -9.489  -1.854  11.081  1.00 19.11 ? 120 THR A CB  1 
ATOM   839  O OG1 . THR A 1 111 ? -10.096 -1.961  12.372  1.00 20.95 ? 120 THR A OG1 1 
ATOM   840  C CG2 . THR A 1 111 ? -10.021 -2.960  10.183  1.00 18.45 ? 120 THR A CG2 1 
ATOM   841  N N   . ILE A 1 112 ? -6.997  -2.410  9.044   1.00 14.15 ? 121 ILE A N   1 
ATOM   842  C CA  . ILE A 1 112 ? -6.539  -2.116  7.690   1.00 14.10 ? 121 ILE A CA  1 
ATOM   843  C C   . ILE A 1 112 ? -7.565  -2.678  6.719   1.00 13.14 ? 121 ILE A C   1 
ATOM   844  O O   . ILE A 1 112 ? -7.960  -3.840  6.840   1.00 13.66 ? 121 ILE A O   1 
ATOM   845  C CB  . ILE A 1 112 ? -5.150  -2.718  7.405   1.00 15.22 ? 121 ILE A CB  1 
ATOM   846  C CG1 . ILE A 1 112 ? -4.086  -2.088  8.304   1.00 17.96 ? 121 ILE A CG1 1 
ATOM   847  C CG2 . ILE A 1 112 ? -4.776  -2.530  5.931   1.00 15.46 ? 121 ILE A CG2 1 
ATOM   848  C CD1 . ILE A 1 112 ? -2.671  -2.539  7.970   1.00 17.00 ? 121 ILE A CD1 1 
ATOM   849  N N   . TYR A 1 113 ? -7.988  -1.859  5.760   1.00 12.84 ? 122 TYR A N   1 
ATOM   850  C CA  . TYR A 1 113 ? -8.907  -2.267  4.707   1.00 12.29 ? 122 TYR A CA  1 
ATOM   851  C C   . TYR A 1 113 ? -8.191  -2.275  3.363   1.00 14.34 ? 122 TYR A C   1 
ATOM   852  O O   . TYR A 1 113 ? -7.190  -1.582  3.167   1.00 13.12 ? 122 TYR A O   1 
ATOM   853  C CB  . TYR A 1 113 ? -10.110 -1.325  4.625   1.00 14.23 ? 122 TYR A CB  1 
ATOM   854  C CG  . TYR A 1 113 ? -11.049 -1.386  5.810   1.00 16.85 ? 122 TYR A CG  1 
ATOM   855  C CD1 . TYR A 1 113 ? -10.834 -0.594  6.931   1.00 16.51 ? 122 TYR A CD1 1 
ATOM   856  C CD2 . TYR A 1 113 ? -12.160 -2.224  5.797   1.00 18.67 ? 122 TYR A CD2 1 
ATOM   857  C CE1 . TYR A 1 113 ? -11.693 -0.643  8.018   1.00 18.78 ? 122 TYR A CE1 1 
ATOM   858  C CE2 . TYR A 1 113 ? -13.031 -2.276  6.876   1.00 20.49 ? 122 TYR A CE2 1 
ATOM   859  C CZ  . TYR A 1 113 ? -12.792 -1.485  7.984   1.00 24.03 ? 122 TYR A CZ  1 
ATOM   860  O OH  . TYR A 1 113 ? -13.651 -1.535  9.063   1.00 23.40 ? 122 TYR A OH  1 
ATOM   861  N N   . LEU A 1 114 ? -8.736  -3.045  2.424   1.00 12.33 ? 123 LEU A N   1 
ATOM   862  C CA  . LEU A 1 114 ? -8.249  -3.022  1.052   1.00 15.94 ? 123 LEU A CA  1 
ATOM   863  C C   . LEU A 1 114 ? -9.359  -3.491  0.124   1.00 21.01 ? 123 LEU A C   1 
ATOM   864  O O   . LEU A 1 114 ? -10.347 -4.090  0.555   1.00 20.15 ? 123 LEU A O   1 
ATOM   865  C CB  . LEU A 1 114 ? -6.997  -3.898  0.873   1.00 17.07 ? 123 LEU A CB  1 
ATOM   866  C CG  . LEU A 1 114 ? -7.078  -5.374  1.288   1.00 17.01 ? 123 LEU A CG  1 
ATOM   867  C CD1 . LEU A 1 114 ? -7.607  -6.262  0.162   1.00 19.34 ? 123 LEU A CD1 1 
ATOM   868  C CD2 . LEU A 1 114 ? -5.720  -5.865  1.764   1.00 18.83 ? 123 LEU A CD2 1 
ATOM   869  N N   . SER A 1 115 ? -9.168  -3.226  -1.161  1.00 21.43 ? 124 SER A N   1 
ATOM   870  C CA  . SER A 1 115 ? -9.993  -3.798  -2.213  1.00 24.76 ? 124 SER A CA  1 
ATOM   871  C C   . SER A 1 115 ? -9.078  -4.428  -3.252  1.00 27.04 ? 124 SER A C   1 
ATOM   872  O O   . SER A 1 115 ? -7.981  -3.924  -3.501  1.00 30.70 ? 124 SER A O   1 
ATOM   873  C CB  . SER A 1 115 ? -10.888 -2.737  -2.860  1.00 26.65 ? 124 SER A CB  1 
ATOM   874  O OG  . SER A 1 115 ? -10.117 -1.780  -3.561  1.00 31.82 ? 124 SER A OG  1 
ATOM   875  N N   . THR A 1 116 ? -9.518  -5.533  -3.848  1.00 29.46 ? 125 THR A N   1 
ATOM   876  C CA  . THR A 1 116 ? -8.709  -6.197  -4.860  1.00 31.81 ? 125 THR A CA  1 
ATOM   877  C C   . THR A 1 116 ? -9.607  -6.838  -5.906  1.00 35.33 ? 125 THR A C   1 
ATOM   878  O O   . THR A 1 116 ? -10.791 -7.091  -5.672  1.00 29.29 ? 125 THR A O   1 
ATOM   879  C CB  . THR A 1 116 ? -7.789  -7.264  -4.261  1.00 30.87 ? 125 THR A CB  1 
ATOM   880  O OG1 . THR A 1 116 ? -7.000  -7.846  -5.306  1.00 33.99 ? 125 THR A OG1 1 
ATOM   881  C CG2 . THR A 1 116 ? -8.609  -8.353  -3.583  1.00 28.80 ? 125 THR A CG2 1 
ATOM   882  N N   . ILE A 1 117 ? -9.009  -7.117  -7.061  1.00 35.28 ? 126 ILE A N   1 
ATOM   883  C CA  . ILE A 1 117 ? -9.703  -7.739  -8.175  1.00 40.81 ? 126 ILE A CA  1 
ATOM   884  C C   . ILE A 1 117 ? -9.287  -9.195  -8.361  1.00 42.06 ? 126 ILE A C   1 
ATOM   885  O O   . ILE A 1 117 ? -10.137 -10.062 -8.581  1.00 45.79 ? 126 ILE A O   1 
ATOM   886  C CB  . ILE A 1 117 ? -9.484  -6.927  -9.474  1.00 45.91 ? 126 ILE A CB  1 
ATOM   887  C CG1 . ILE A 1 117 ? -10.298 -5.636  -9.432  1.00 39.91 ? 126 ILE A CG1 1 
ATOM   888  C CG2 . ILE A 1 117 ? -9.869  -7.739  -10.701 1.00 49.06 ? 126 ILE A CG2 1 
ATOM   889  C CD1 . ILE A 1 117 ? -9.975  -4.687  -10.555 1.00 48.71 ? 126 ILE A CD1 1 
ATOM   890  N N   . ASP A 1 118 ? -7.989  -9.493  -8.251  1.00 41.57 ? 127 ASP A N   1 
ATOM   891  C CA  . ASP A 1 118 ? -7.488  -10.815 -8.607  1.00 40.95 ? 127 ASP A CA  1 
ATOM   892  C C   . ASP A 1 118 ? -6.609  -11.482 -7.559  1.00 38.71 ? 127 ASP A C   1 
ATOM   893  O O   . ASP A 1 118 ? -6.299  -12.669 -7.718  1.00 40.52 ? 127 ASP A O   1 
ATOM   894  C CB  . ASP A 1 118 ? -6.689  -10.743 -9.916  1.00 46.69 ? 127 ASP A CB  1 
ATOM   895  C CG  . ASP A 1 118 ? -7.570  -10.844 -11.136 1.00 50.21 ? 127 ASP A CG  1 
ATOM   896  O OD1 . ASP A 1 118 ? -8.461  -11.723 -11.146 1.00 46.42 ? 127 ASP A OD1 1 
ATOM   897  O OD2 . ASP A 1 118 ? -7.376  -10.039 -12.076 1.00 53.03 ? 127 ASP A OD2 1 
ATOM   898  N N   . GLN A 1 119 ? -6.197  -10.780 -6.509  1.00 33.63 ? 128 GLN A N   1 
ATOM   899  C CA  . GLN A 1 119 ? -5.212  -11.331 -5.585  1.00 33.20 ? 128 GLN A CA  1 
ATOM   900  C C   . GLN A 1 119 ? -5.761  -11.452 -4.169  1.00 29.63 ? 128 GLN A C   1 
ATOM   901  O O   . GLN A 1 119 ? -4.997  -11.443 -3.202  1.00 25.01 ? 128 GLN A O   1 
ATOM   902  C CB  . GLN A 1 119 ? -3.933  -10.494 -5.611  1.00 35.21 ? 128 GLN A CB  1 
ATOM   903  C CG  . GLN A 1 119 ? -3.205  -10.511 -6.965  1.00 40.34 ? 128 GLN A CG  1 
ATOM   904  C CD  . GLN A 1 119 ? -2.245  -11.682 -7.110  1.00 38.95 ? 128 GLN A CD  1 
ATOM   905  O OE1 . GLN A 1 119 ? -2.469  -12.761 -6.558  1.00 45.97 ? 128 GLN A OE1 1 
ATOM   906  N NE2 . GLN A 1 119 ? -1.162  -11.472 -7.854  1.00 43.49 ? 128 GLN A NE2 1 
ATOM   907  N N   . ASP A 1 120 ? -7.084  -11.595 -4.033  1.00 29.69 ? 129 ASP A N   1 
ATOM   908  C CA  . ASP A 1 120 ? -7.664  -11.816 -2.716  1.00 24.73 ? 129 ASP A CA  1 
ATOM   909  C C   . ASP A 1 120 ? -7.158  -13.104 -2.080  1.00 23.76 ? 129 ASP A C   1 
ATOM   910  O O   . ASP A 1 120 ? -7.187  -13.227 -0.851  1.00 23.28 ? 129 ASP A O   1 
ATOM   911  C CB  . ASP A 1 120 ? -9.196  -11.819 -2.792  1.00 29.05 ? 129 ASP A CB  1 
ATOM   912  C CG  . ASP A 1 120 ? -9.736  -12.690 -3.912  1.00 30.17 ? 129 ASP A CG  1 
ATOM   913  O OD1 . ASP A 1 120 ? -9.336  -12.494 -5.075  1.00 30.86 ? 129 ASP A OD1 1 
ATOM   914  O OD2 . ASP A 1 120 ? -10.578 -13.567 -3.624  1.00 37.03 ? 129 ASP A OD2 1 
ATOM   915  N N   . GLY A 1 121 ? -6.675  -14.054 -2.884  1.00 24.04 ? 130 GLY A N   1 
ATOM   916  C CA  . GLY A 1 121 ? -6.067  -15.250 -2.326  1.00 25.50 ? 130 GLY A CA  1 
ATOM   917  C C   . GLY A 1 121 ? -4.751  -14.977 -1.624  1.00 24.43 ? 130 GLY A C   1 
ATOM   918  O O   . GLY A 1 121 ? -4.401  -15.662 -0.659  1.00 22.34 ? 130 GLY A O   1 
ATOM   919  N N   . PHE A 1 122 ? -3.998  -13.984 -2.099  1.00 25.03 ? 131 PHE A N   1 
ATOM   920  C CA  . PHE A 1 122 ? -2.802  -13.560 -1.381  1.00 18.19 ? 131 PHE A CA  1 
ATOM   921  C C   . PHE A 1 122 ? -3.161  -13.027 0.000   1.00 17.16 ? 131 PHE A C   1 
ATOM   922  O O   . PHE A 1 122 ? -2.622  -13.481 1.013   1.00 19.38 ? 131 PHE A O   1 
ATOM   923  C CB  . PHE A 1 122 ? -2.056  -12.504 -2.196  1.00 19.92 ? 131 PHE A CB  1 
ATOM   924  C CG  . PHE A 1 122 ? -0.997  -11.766 -1.422  1.00 20.05 ? 131 PHE A CG  1 
ATOM   925  C CD1 . PHE A 1 122 ? 0.111   -12.432 -0.927  1.00 21.70 ? 131 PHE A CD1 1 
ATOM   926  C CD2 . PHE A 1 122 ? -1.100  -10.401 -1.213  1.00 18.46 ? 131 PHE A CD2 1 
ATOM   927  C CE1 . PHE A 1 122 ? 1.097   -11.749 -0.218  1.00 20.76 ? 131 PHE A CE1 1 
ATOM   928  C CE2 . PHE A 1 122 ? -0.120  -9.708  -0.509  1.00 21.23 ? 131 PHE A CE2 1 
ATOM   929  C CZ  . PHE A 1 122 ? 0.980   -10.383 -0.012  1.00 20.64 ? 131 PHE A CZ  1 
ATOM   930  N N   . TYR A 1 123 ? -4.088  -12.065 0.057   1.00 18.76 ? 132 TYR A N   1 
ATOM   931  C CA  . TYR A 1 123 ? -4.454  -11.452 1.330   1.00 16.41 ? 132 TYR A CA  1 
ATOM   932  C C   . TYR A 1 123 ? -5.132  -12.445 2.264   1.00 18.83 ? 132 TYR A C   1 
ATOM   933  O O   . TYR A 1 123 ? -4.915  -12.403 3.480   1.00 15.81 ? 132 TYR A O   1 
ATOM   934  C CB  . TYR A 1 123 ? -5.354  -10.244 1.081   1.00 16.82 ? 132 TYR A CB  1 
ATOM   935  C CG  . TYR A 1 123 ? -4.650  -9.187  0.271   1.00 20.42 ? 132 TYR A CG  1 
ATOM   936  C CD1 . TYR A 1 123 ? -3.580  -8.485  0.805   1.00 20.42 ? 132 TYR A CD1 1 
ATOM   937  C CD2 . TYR A 1 123 ? -5.028  -8.913  -1.034  1.00 20.28 ? 132 TYR A CD2 1 
ATOM   938  C CE1 . TYR A 1 123 ? -2.917  -7.529  0.070   1.00 21.80 ? 132 TYR A CE1 1 
ATOM   939  C CE2 . TYR A 1 123 ? -4.375  -7.955  -1.777  1.00 21.52 ? 132 TYR A CE2 1 
ATOM   940  C CZ  . TYR A 1 123 ? -3.319  -7.265  -1.218  1.00 25.00 ? 132 TYR A CZ  1 
ATOM   941  O OH  . TYR A 1 123 ? -2.653  -6.309  -1.946  1.00 29.02 ? 132 TYR A OH  1 
ATOM   942  N N   . GLU A 1 124 ? -5.965  -13.338 1.720   1.00 19.51 ? 133 GLU A N   1 
ATOM   943  C CA  . GLU A 1 124 ? -6.564  -14.378 2.549   1.00 17.69 ? 133 GLU A CA  1 
ATOM   944  C C   . GLU A 1 124 ? -5.494  -15.238 3.212   1.00 16.82 ? 133 GLU A C   1 
ATOM   945  O O   . GLU A 1 124 ? -5.611  -15.587 4.391   1.00 19.44 ? 133 GLU A O   1 
ATOM   946  C CB  . GLU A 1 124 ? -7.510  -15.243 1.714   1.00 23.24 ? 133 GLU A CB  1 
ATOM   947  N N   . ARG A 1 125 ? -4.427  -15.561 2.479   1.00 21.39 ? 134 ARG A N   1 
ATOM   948  C CA  . ARG A 1 125 ? -3.352  -16.370 3.043   1.00 18.68 ? 134 ARG A CA  1 
ATOM   949  C C   . ARG A 1 125 ? -2.645  -15.664 4.196   1.00 20.15 ? 134 ARG A C   1 
ATOM   950  O O   . ARG A 1 125 ? -2.179  -16.325 5.131   1.00 20.55 ? 134 ARG A O   1 
ATOM   951  C CB  . ARG A 1 125 ? -2.348  -16.738 1.946   1.00 23.64 ? 134 ARG A CB  1 
ATOM   952  C CG  . ARG A 1 125 ? -1.171  -17.571 2.425   1.00 25.44 ? 134 ARG A CG  1 
ATOM   953  N N   . ILE A 1 126 ? -2.555  -14.337 4.164   1.00 20.77 ? 135 ILE A N   1 
ATOM   954  C CA  . ILE A 1 126 ? -1.839  -13.603 5.202   1.00 18.80 ? 135 ILE A CA  1 
ATOM   955  C C   . ILE A 1 126 ? -2.794  -12.984 6.228   1.00 23.79 ? 135 ILE A C   1 
ATOM   956  O O   . ILE A 1 126 ? -2.419  -12.050 6.937   1.00 23.57 ? 135 ILE A O   1 
ATOM   957  C CB  . ILE A 1 126 ? -0.891  -12.549 4.607   1.00 19.46 ? 135 ILE A CB  1 
ATOM   958  C CG1 . ILE A 1 126 ? -1.653  -11.505 3.794   1.00 18.90 ? 135 ILE A CG1 1 
ATOM   959  C CG2 . ILE A 1 126 ? 0.184   -13.219 3.751   1.00 22.75 ? 135 ILE A CG2 1 
ATOM   960  C CD1 . ILE A 1 126 ? -0.786  -10.347 3.338   1.00 19.37 ? 135 ILE A CD1 1 
ATOM   961  N N   . GLY A 1 127 ? -4.022  -13.492 6.324   1.00 21.35 ? 136 GLY A N   1 
ATOM   962  C CA  . GLY A 1 127 ? -4.881  -13.187 7.450   1.00 22.70 ? 136 GLY A CA  1 
ATOM   963  C C   . GLY A 1 127 ? -5.985  -12.177 7.214   1.00 21.21 ? 136 GLY A C   1 
ATOM   964  O O   . GLY A 1 127 ? -6.681  -11.821 8.173   1.00 19.93 ? 136 GLY A O   1 
ATOM   965  N N   . TYR A 1 128 ? -6.177  -11.706 5.985   1.00 20.48 ? 137 TYR A N   1 
ATOM   966  C CA  . TYR A 1 128 ? -7.287  -10.803 5.705   1.00 17.68 ? 137 TYR A CA  1 
ATOM   967  C C   . TYR A 1 128 ? -8.576  -11.583 5.469   1.00 19.66 ? 137 TYR A C   1 
ATOM   968  O O   . TYR A 1 128 ? -8.558  -12.744 5.050   1.00 18.29 ? 137 TYR A O   1 
ATOM   969  C CB  . TYR A 1 128 ? -6.969  -9.924  4.494   1.00 17.50 ? 137 TYR A CB  1 
ATOM   970  C CG  . TYR A 1 128 ? -5.979  -8.840  4.844   1.00 17.54 ? 137 TYR A CG  1 
ATOM   971  C CD1 . TYR A 1 128 ? -4.639  -9.142  5.035   1.00 17.93 ? 137 TYR A CD1 1 
ATOM   972  C CD2 . TYR A 1 128 ? -6.391  -7.524  5.029   1.00 16.09 ? 137 TYR A CD2 1 
ATOM   973  C CE1 . TYR A 1 128 ? -3.726  -8.164  5.381   1.00 19.65 ? 137 TYR A CE1 1 
ATOM   974  C CE2 . TYR A 1 128 ? -5.483  -6.535  5.376   1.00 17.23 ? 137 TYR A CE2 1 
ATOM   975  C CZ  . TYR A 1 128 ? -4.155  -6.866  5.556   1.00 18.29 ? 137 TYR A CZ  1 
ATOM   976  O OH  . TYR A 1 128 ? -3.248  -5.889  5.902   1.00 22.45 ? 137 TYR A OH  1 
ATOM   977  N N   . GLU A 1 129 ? -9.705  -10.926 5.746   1.00 18.28 ? 138 GLU A N   1 
ATOM   978  C CA  . GLU A 1 129 ? -11.027 -11.528 5.627   1.00 20.08 ? 138 GLU A CA  1 
ATOM   979  C C   . GLU A 1 129 ? -11.938 -10.627 4.808   1.00 19.35 ? 138 GLU A C   1 
ATOM   980  O O   . GLU A 1 129 ? -11.858 -9.399  4.903   1.00 19.32 ? 138 GLU A O   1 
ATOM   981  C CB  . GLU A 1 129 ? -11.647 -11.786 7.011   1.00 22.75 ? 138 GLU A CB  1 
ATOM   982  C CG  . GLU A 1 129 ? -11.402 -10.686 8.028   1.00 28.71 ? 138 GLU A CG  1 
ATOM   983  N N   . TYR A 1 130 ? -12.802 -11.243 4.001   1.00 18.08 ? 139 TYR A N   1 
ATOM   984  C CA  . TYR A 1 130 ? -13.760 -10.486 3.207   1.00 22.05 ? 139 TYR A CA  1 
ATOM   985  C C   . TYR A 1 130 ? -14.696 -9.691  4.108   1.00 22.41 ? 139 TYR A C   1 
ATOM   986  O O   . TYR A 1 130 ? -15.079 -10.145 5.192   1.00 21.44 ? 139 TYR A O   1 
ATOM   987  C CB  . TYR A 1 130 ? -14.560 -11.432 2.307   1.00 22.66 ? 139 TYR A CB  1 
ATOM   988  C CG  . TYR A 1 130 ? -13.690 -12.157 1.307   1.00 22.16 ? 139 TYR A CG  1 
ATOM   989  C CD1 . TYR A 1 130 ? -13.276 -11.532 0.141   1.00 21.61 ? 139 TYR A CD1 1 
ATOM   990  C CD2 . TYR A 1 130 ? -13.261 -13.456 1.543   1.00 26.68 ? 139 TYR A CD2 1 
ATOM   991  C CE1 . TYR A 1 130 ? -12.473 -12.181 -0.771  1.00 24.74 ? 139 TYR A CE1 1 
ATOM   992  C CE2 . TYR A 1 130 ? -12.451 -14.113 0.636   1.00 29.48 ? 139 TYR A CE2 1 
ATOM   993  C CZ  . TYR A 1 130 ? -12.063 -13.466 -0.522  1.00 26.94 ? 139 TYR A CZ  1 
ATOM   994  O OH  . TYR A 1 130 ? -11.258 -14.107 -1.436  1.00 34.43 ? 139 TYR A OH  1 
ATOM   995  N N   . CYS A 1 131 ? -15.062 -8.489  3.663   1.00 19.16 ? 140 CYS A N   1 
ATOM   996  C CA  . CYS A 1 131 ? -15.911 -7.611  4.455   1.00 23.79 ? 140 CYS A CA  1 
ATOM   997  C C   . CYS A 1 131 ? -16.887 -6.888  3.535   1.00 22.14 ? 140 CYS A C   1 
ATOM   998  O O   . CYS A 1 131 ? -16.846 -7.027  2.309   1.00 21.99 ? 140 CYS A O   1 
ATOM   999  C CB  . CYS A 1 131 ? -15.076 -6.614  5.272   1.00 23.54 ? 140 CYS A CB  1 
ATOM   1000 S SG  . CYS A 1 131 ? -14.111 -5.432  4.286   1.00 20.10 ? 140 CYS A SG  1 
ATOM   1001 N N   . ALA A 1 132 ? -17.787 -6.124  4.146   1.00 25.55 ? 141 ALA A N   1 
ATOM   1002 C CA  . ALA A 1 132 ? -18.746 -5.335  3.398   1.00 27.10 ? 141 ALA A CA  1 
ATOM   1003 C C   . ALA A 1 132 ? -18.030 -4.203  2.662   1.00 27.32 ? 141 ALA A C   1 
ATOM   1004 O O   . ALA A 1 132 ? -16.927 -3.807  3.044   1.00 27.87 ? 141 ALA A O   1 
ATOM   1005 C CB  . ALA A 1 132 ? -19.806 -4.772  4.342   1.00 25.19 ? 141 ALA A CB  1 
ATOM   1006 N N   . PRO A 1 133 ? -18.640 -3.664  1.604   1.00 33.22 ? 142 PRO A N   1 
ATOM   1007 C CA  . PRO A 1 133 ? -17.983 -2.584  0.858   1.00 31.26 ? 142 PRO A CA  1 
ATOM   1008 C C   . PRO A 1 133 ? -17.730 -1.369  1.736   1.00 30.28 ? 142 PRO A C   1 
ATOM   1009 O O   . PRO A 1 133 ? -18.423 -1.128  2.728   1.00 28.81 ? 142 PRO A O   1 
ATOM   1010 C CB  . PRO A 1 133 ? -18.980 -2.265  -0.263  1.00 36.91 ? 142 PRO A CB  1 
ATOM   1011 C CG  . PRO A 1 133 ? -19.835 -3.493  -0.381  1.00 35.03 ? 142 PRO A CG  1 
ATOM   1012 C CD  . PRO A 1 133 ? -19.943 -4.023  1.014   1.00 30.42 ? 142 PRO A CD  1 
ATOM   1013 N N   . ILE A 1 134 ? -16.710 -0.605  1.360   1.00 33.02 ? 143 ILE A N   1 
ATOM   1014 C CA  . ILE A 1 134 ? -16.293 0.569   2.116   1.00 35.17 ? 143 ILE A CA  1 
ATOM   1015 C C   . ILE A 1 134 ? -15.556 1.491   1.159   1.00 37.35 ? 143 ILE A C   1 
ATOM   1016 O O   . ILE A 1 134 ? -14.797 1.036   0.298   1.00 40.42 ? 143 ILE A O   1 
ATOM   1017 C CB  . ILE A 1 134 ? -15.416 0.175   3.329   1.00 30.98 ? 143 ILE A CB  1 
ATOM   1018 C CG1 . ILE A 1 134 ? -14.987 1.410   4.118   1.00 35.77 ? 143 ILE A CG1 1 
ATOM   1019 C CG2 . ILE A 1 134 ? -14.198 -0.615  2.878   1.00 34.83 ? 143 ILE A CG2 1 
ATOM   1020 C CD1 . ILE A 1 134 ? -13.974 1.111   5.202   1.00 32.20 ? 143 ILE A CD1 1 
ATOM   1021 N N   . THR A 1 135 ? -15.796 2.790   1.299   1.00 38.57 ? 144 THR A N   1 
ATOM   1022 C CA  . THR A 1 135 ? -15.197 3.791   0.427   1.00 43.80 ? 144 THR A CA  1 
ATOM   1023 C C   . THR A 1 135 ? -14.112 4.545   1.183   1.00 42.92 ? 144 THR A C   1 
ATOM   1024 O O   . THR A 1 135 ? -14.318 4.959   2.330   1.00 39.94 ? 144 THR A O   1 
ATOM   1025 C CB  . THR A 1 135 ? -16.254 4.761   -0.112  1.00 44.83 ? 144 THR A CB  1 
ATOM   1026 O OG1 . THR A 1 135 ? -15.607 5.901   -0.692  1.00 52.36 ? 144 THR A OG1 1 
ATOM   1027 C CG2 . THR A 1 135 ? -17.197 5.214   0.999   1.00 44.64 ? 144 THR A CG2 1 
ATOM   1028 N N   . MET A 1 136 ? -12.952 4.699   0.540   1.00 44.58 ? 145 MET A N   1 
ATOM   1029 C CA  . MET A 1 136 ? -11.850 5.451   1.135   1.00 41.64 ? 145 MET A CA  1 
ATOM   1030 C C   . MET A 1 136 ? -12.203 6.924   1.297   1.00 42.86 ? 145 MET A C   1 
ATOM   1031 O O   . MET A 1 136 ? -11.822 7.558   2.287   1.00 40.43 ? 145 MET A O   1 
ATOM   1032 C CB  . MET A 1 136 ? -10.602 5.300   0.267   1.00 41.59 ? 145 MET A CB  1 
ATOM   1033 C CG  . MET A 1 136 ? -9.297  5.625   0.961   1.00 42.63 ? 145 MET A CG  1 
ATOM   1034 S SD  . MET A 1 136 ? -7.885  5.051   -0.007  1.00 52.09 ? 145 MET A SD  1 
ATOM   1035 C CE  . MET A 1 136 ? -7.982  6.118   -1.440  1.00 41.79 ? 145 MET A CE  1 
ATOM   1036 N N   . TYR A 1 137 ? -12.931 7.481   0.341   1.00 50.29 ? 146 TYR A N   1 
ATOM   1037 C CA  . TYR A 1 137 ? -13.184 8.911   0.309   1.00 49.03 ? 146 TYR A CA  1 
ATOM   1038 C C   . TYR A 1 137 ? -14.472 9.258   1.048   1.00 48.57 ? 146 TYR A C   1 
ATOM   1039 O O   . TYR A 1 137 ? -15.304 8.397   1.346   1.00 46.84 ? 146 TYR A O   1 
ATOM   1040 C CB  . TYR A 1 137 ? -13.252 9.400   -1.138  1.00 48.17 ? 146 TYR A CB  1 
ATOM   1041 C CG  . TYR A 1 137 ? -12.116 8.888   -1.997  1.00 50.62 ? 146 TYR A CG  1 
ATOM   1042 C CD1 . TYR A 1 137 ? -10.827 9.384   -1.841  1.00 49.15 ? 146 TYR A CD1 1 
ATOM   1043 C CD2 . TYR A 1 137 ? -12.330 7.900   -2.955  1.00 50.84 ? 146 TYR A CD2 1 
ATOM   1044 C CE1 . TYR A 1 137 ? -9.783  8.920   -2.621  1.00 53.41 ? 146 TYR A CE1 1 
ATOM   1045 C CE2 . TYR A 1 137 ? -11.289 7.427   -3.741  1.00 47.74 ? 146 TYR A CE2 1 
ATOM   1046 C CZ  . TYR A 1 137 ? -10.016 7.941   -3.569  1.00 54.56 ? 146 TYR A CZ  1 
ATOM   1047 O OH  . TYR A 1 137 ? -8.972  7.479   -4.343  1.00 60.41 ? 146 TYR A OH  1 
ATOM   1048 N N   . GLY A 1 138 ? -14.618 10.545  1.352   1.00 49.48 ? 147 GLY A N   1 
ATOM   1049 C CA  . GLY A 1 138 ? -15.833 11.060  1.931   1.00 51.24 ? 147 GLY A CA  1 
ATOM   1050 C C   . GLY A 1 138 ? -16.818 11.470  0.857   1.00 51.83 ? 147 GLY A C   1 
ATOM   1051 O O   . GLY A 1 138 ? -16.642 11.165  -0.328  1.00 49.73 ? 147 GLY A O   1 
ATOM   1052 N N   . PRO A 1 139 ? -17.882 12.172  1.252   1.00 52.56 ? 148 PRO A N   1 
ATOM   1053 C CA  . PRO A 1 139 ? -18.873 12.612  0.258   1.00 51.75 ? 148 PRO A CA  1 
ATOM   1054 C C   . PRO A 1 139 ? -18.340 13.654  -0.709  1.00 48.61 ? 148 PRO A C   1 
ATOM   1055 O O   . PRO A 1 139 ? -18.891 13.788  -1.807  1.00 50.88 ? 148 PRO A O   1 
ATOM   1056 C CB  . PRO A 1 139 ? -20.011 13.176  1.120   1.00 51.95 ? 148 PRO A CB  1 
ATOM   1057 C CG  . PRO A 1 139 ? -19.347 13.575  2.401   1.00 59.09 ? 148 PRO A CG  1 
ATOM   1058 C CD  . PRO A 1 139 ? -18.240 12.580  2.621   1.00 57.80 ? 148 PRO A CD  1 
ATOM   1059 N N   . ARG A 1 140 ? -17.286 14.384  -0.344  1.00 48.42 ? 149 ARG A N   1 
ATOM   1060 C CA  . ARG A 1 140 ? -16.684 15.397  -1.214  1.00 44.72 ? 149 ARG A CA  1 
ATOM   1061 C C   . ARG A 1 140 ? -15.800 14.798  -2.302  1.00 44.23 ? 149 ARG A C   1 
ATOM   1062 O O   . ARG A 1 140 ? -14.765 15.370  -2.660  1.00 40.42 ? 149 ARG A O   1 
ATOM   1063 C CB  . ARG A 1 140 ? -15.893 16.389  -0.364  1.00 44.50 ? 149 ARG A CB  1 
ATOM   1064 C CG  . ARG A 1 140 ? -16.764 17.314  0.470   1.00 46.17 ? 149 ARG A CG  1 
ATOM   1065 C CD  . ARG A 1 140 ? -17.800 18.012  -0.390  1.00 38.25 ? 149 ARG A CD  1 
ATOM   1066 N NE  . ARG A 1 140 ? -18.319 19.213  0.255   1.00 33.97 ? 149 ARG A NE  1 
ATOM   1067 C CZ  . ARG A 1 140 ? -19.305 19.211  1.146   1.00 36.82 ? 149 ARG A CZ  1 
ATOM   1068 N NH1 . ARG A 1 140 ? -19.877 18.067  1.494   1.00 41.36 ? 149 ARG A NH1 1 
ATOM   1069 N NH2 . ARG A 1 140 ? -19.722 20.349  1.686   1.00 41.46 ? 149 ARG A NH2 1 
ATOM   1070 N N   . HIS A 1 141 ? -16.191 13.649  -2.848  1.00 43.87 ? 150 HIS A N   1 
ATOM   1071 C CA  . HIS A 1 141 ? -15.420 12.985  -3.885  1.00 43.63 ? 150 HIS A CA  1 
ATOM   1072 C C   . HIS A 1 141 ? -16.377 12.266  -4.824  1.00 42.90 ? 150 HIS A C   1 
ATOM   1073 O O   . HIS A 1 141 ? -17.345 11.643  -4.378  1.00 42.05 ? 150 HIS A O   1 
ATOM   1074 C CB  . HIS A 1 141 ? -14.414 11.997  -3.283  1.00 45.45 ? 150 HIS A CB  1 
ATOM   1075 C CG  . HIS A 1 141 ? -13.444 11.439  -4.277  1.00 45.41 ? 150 HIS A CG  1 
ATOM   1076 N ND1 . HIS A 1 141 ? -13.696 10.294  -5.002  1.00 40.90 ? 150 HIS A ND1 1 
ATOM   1077 C CD2 . HIS A 1 141 ? -12.220 11.870  -4.666  1.00 42.82 ? 150 HIS A CD2 1 
ATOM   1078 C CE1 . HIS A 1 141 ? -12.669 10.043  -5.795  1.00 42.19 ? 150 HIS A CE1 1 
ATOM   1079 N NE2 . HIS A 1 141 ? -11.760 10.984  -5.610  1.00 47.22 ? 150 HIS A NE2 1 
ATOM   1080 N N   . CYS A 1 142 ? -16.109 12.371  -6.123  1.00 32.20 ? 151 CYS A N   1 
ATOM   1081 C CA  . CYS A 1 142 ? -16.875 11.672  -7.146  1.00 31.40 ? 151 CYS A CA  1 
ATOM   1082 C C   . CYS A 1 142 ? -15.928 10.771  -7.922  1.00 31.21 ? 151 CYS A C   1 
ATOM   1083 O O   . CYS A 1 142 ? -14.997 11.258  -8.572  1.00 30.18 ? 151 CYS A O   1 
ATOM   1084 C CB  . CYS A 1 142 ? -17.573 12.656  -8.087  1.00 30.23 ? 151 CYS A CB  1 
ATOM   1085 S SG  . CYS A 1 142 ? -19.009 13.505  -7.373  1.00 34.72 ? 151 CYS A SG  1 
ATOM   1086 N N   . GLU A 1 143 ? -16.161 9.464   -7.854  1.00 27.98 ? 152 GLU A N   1 
ATOM   1087 C CA  . GLU A 1 143 ? -15.345 8.518   -8.600  1.00 26.36 ? 152 GLU A CA  1 
ATOM   1088 C C   . GLU A 1 143 ? -15.760 8.530   -10.064 1.00 25.55 ? 152 GLU A C   1 
ATOM   1089 O O   . GLU A 1 143 ? -16.956 8.535   -10.380 1.00 22.73 ? 152 GLU A O   1 
ATOM   1090 C CB  . GLU A 1 143 ? -15.477 7.111   -8.013  1.00 33.06 ? 152 GLU A CB  1 
ATOM   1091 C CG  . GLU A 1 143 ? -14.593 6.067   -8.689  1.00 34.30 ? 152 GLU A CG  1 
ATOM   1092 C CD  . GLU A 1 143 ? -14.855 4.655   -8.182  1.00 43.04 ? 152 GLU A CD  1 
ATOM   1093 O OE1 . GLU A 1 143 ? -13.906 3.839   -8.159  1.00 48.72 ? 152 GLU A OE1 1 
ATOM   1094 O OE2 . GLU A 1 143 ? -16.008 4.359   -7.803  1.00 46.47 ? 152 GLU A OE2 1 
ATOM   1095 N N   . LEU A 1 144 ? -14.776 8.557   -10.952 1.00 21.70 ? 153 LEU A N   1 
ATOM   1096 C CA  . LEU A 1 144 ? -15.055 8.447   -12.375 1.00 23.33 ? 153 LEU A CA  1 
ATOM   1097 C C   . LEU A 1 144 ? -15.675 7.082   -12.666 1.00 24.63 ? 153 LEU A C   1 
ATOM   1098 O O   . LEU A 1 144 ? -15.097 6.054   -12.293 1.00 25.18 ? 153 LEU A O   1 
ATOM   1099 C CB  . LEU A 1 144 ? -13.767 8.630   -13.179 1.00 23.00 ? 153 LEU A CB  1 
ATOM   1100 C CG  . LEU A 1 144 ? -13.878 8.766   -14.697 1.00 21.23 ? 153 LEU A CG  1 
ATOM   1101 C CD1 . LEU A 1 144 ? -14.493 10.103  -15.084 1.00 19.95 ? 153 LEU A CD1 1 
ATOM   1102 C CD2 . LEU A 1 144 ? -12.510 8.608   -15.321 1.00 21.40 ? 153 LEU A CD2 1 
ATOM   1103 N N   . PRO A 1 145 ? -16.843 7.026   -13.313 1.00 27.86 ? 154 PRO A N   1 
ATOM   1104 C CA  . PRO A 1 145 ? -17.467 5.714   -13.570 1.00 26.25 ? 154 PRO A CA  1 
ATOM   1105 C C   . PRO A 1 145 ? -16.577 4.753   -14.344 1.00 26.90 ? 154 PRO A C   1 
ATOM   1106 O O   . PRO A 1 145 ? -16.646 3.540   -14.111 1.00 30.21 ? 154 PRO A O   1 
ATOM   1107 C CB  . PRO A 1 145 ? -18.734 6.082   -14.356 1.00 30.63 ? 154 PRO A CB  1 
ATOM   1108 C CG  . PRO A 1 145 ? -19.039 7.492   -13.938 1.00 27.88 ? 154 PRO A CG  1 
ATOM   1109 C CD  . PRO A 1 145 ? -17.698 8.146   -13.743 1.00 23.45 ? 154 PRO A CD  1 
ATOM   1110 N N   . SER A 1 146 ? -15.722 5.258   -15.237 1.00 27.30 ? 155 SER A N   1 
ATOM   1111 C CA  . SER A 1 146 ? -14.805 4.416   -16.000 1.00 26.35 ? 155 SER A CA  1 
ATOM   1112 C C   . SER A 1 146 ? -13.784 3.684   -15.134 1.00 29.24 ? 155 SER A C   1 
ATOM   1113 O O   . SER A 1 146 ? -13.093 2.798   -15.647 1.00 31.31 ? 155 SER A O   1 
ATOM   1114 C CB  . SER A 1 146 ? -14.059 5.260   -17.039 1.00 22.88 ? 155 SER A CB  1 
ATOM   1115 O OG  . SER A 1 146 ? -14.957 5.910   -17.919 1.00 32.86 ? 155 SER A OG  1 
ATOM   1116 N N   . LEU A 1 147 ? -13.652 4.033   -13.855 1.00 30.31 ? 156 LEU A N   1 
ATOM   1117 C CA  . LEU A 1 147 ? -12.694 3.378   -12.975 1.00 32.45 ? 156 LEU A CA  1 
ATOM   1118 C C   . LEU A 1 147 ? -13.338 2.349   -12.056 1.00 37.92 ? 156 LEU A C   1 
ATOM   1119 O O   . LEU A 1 147 ? -12.643 1.756   -11.226 1.00 38.69 ? 156 LEU A O   1 
ATOM   1120 C CB  . LEU A 1 147 ? -11.942 4.421   -12.140 1.00 32.37 ? 156 LEU A CB  1 
ATOM   1121 C CG  . LEU A 1 147 ? -10.987 5.308   -12.942 1.00 29.94 ? 156 LEU A CG  1 
ATOM   1122 C CD1 . LEU A 1 147 ? -10.305 6.330   -12.049 1.00 27.71 ? 156 LEU A CD1 1 
ATOM   1123 C CD2 . LEU A 1 147 ? -9.960  4.457   -13.668 1.00 32.28 ? 156 LEU A CD2 1 
ATOM   1124 N N   . GLN A 1 148 ? -14.639 2.122   -12.183 1.00 33.87 ? 157 GLN A N   1 
ATOM   1125 C CA  . GLN A 1 148 ? -15.306 1.104   -11.388 1.00 38.96 ? 157 GLN A CA  1 
ATOM   1126 C C   . GLN A 1 148 ? -15.196 -0.257  -12.069 1.00 40.68 ? 157 GLN A C   1 
ATOM   1127 O O   . GLN A 1 148 ? -15.166 -0.361  -13.299 1.00 36.24 ? 157 GLN A O   1 
ATOM   1128 C CB  . GLN A 1 148 ? -16.768 1.490   -11.171 1.00 36.08 ? 157 GLN A CB  1 
ATOM   1129 C CG  . GLN A 1 148 ? -16.905 2.860   -10.516 1.00 40.44 ? 157 GLN A CG  1 
ATOM   1130 C CD  . GLN A 1 148 ? -18.333 3.351   -10.457 1.00 42.78 ? 157 GLN A CD  1 
ATOM   1131 O OE1 . GLN A 1 148 ? -19.216 2.811   -11.125 1.00 52.03 ? 157 GLN A OE1 1 
ATOM   1132 N NE2 . GLN A 1 148 ? -18.571 4.383   -9.652  1.00 43.69 ? 157 GLN A NE2 1 
ATOM   1133 N N   . ASN A 1 149 ? -15.118 -1.309  -11.255 1.00 34.55 ? 158 ASN A N   1 
ATOM   1134 C CA  . ASN A 1 149 ? -14.942 -2.660  -11.772 1.00 38.60 ? 158 ASN A CA  1 
ATOM   1135 C C   . ASN A 1 149 ? -15.750 -3.636  -10.932 1.00 37.63 ? 158 ASN A C   1 
ATOM   1136 O O   . ASN A 1 149 ? -15.669 -3.616  -9.700  1.00 34.03 ? 158 ASN A O   1 
ATOM   1137 C CB  . ASN A 1 149 ? -13.461 -3.061  -11.783 1.00 39.24 ? 158 ASN A CB  1 
ATOM   1138 C CG  . ASN A 1 149 ? -13.194 -4.279  -12.651 1.00 40.09 ? 158 ASN A CG  1 
ATOM   1139 O OD1 . ASN A 1 149 ? -13.864 -5.306  -12.520 1.00 36.24 ? 158 ASN A OD1 1 
ATOM   1140 N ND2 . ASN A 1 149 ? -12.214 -4.170  -13.544 1.00 39.10 ? 158 ASN A ND2 1 
ATOM   1141 N N   . ALA A 1 150 ? -16.517 -4.498  -11.604 1.00 38.18 ? 159 ALA A N   1 
ATOM   1142 C CA  . ALA A 1 150 ? -17.432 -5.395  -10.907 1.00 40.25 ? 159 ALA A CA  1 
ATOM   1143 C C   . ALA A 1 150 ? -16.715 -6.500  -10.144 1.00 35.85 ? 159 ALA A C   1 
ATOM   1144 O O   . ALA A 1 150 ? -17.327 -7.128  -9.271  1.00 36.35 ? 159 ALA A O   1 
ATOM   1145 C CB  . ALA A 1 150 ? -18.415 -6.011  -11.901 1.00 37.30 ? 159 ALA A CB  1 
ATOM   1146 N N   . LYS A 1 151 ? -15.446 -6.760  -10.450 1.00 35.45 ? 160 LYS A N   1 
ATOM   1147 C CA  . LYS A 1 151 ? -14.693 -7.814  -9.784  1.00 40.63 ? 160 LYS A CA  1 
ATOM   1148 C C   . LYS A 1 151 ? -14.058 -7.362  -8.476  1.00 39.85 ? 160 LYS A C   1 
ATOM   1149 O O   . LYS A 1 151 ? -13.341 -8.150  -7.851  1.00 36.26 ? 160 LYS A O   1 
ATOM   1150 C CB  . LYS A 1 151 ? -13.608 -8.359  -10.721 1.00 35.65 ? 160 LYS A CB  1 
ATOM   1151 N N   . LYS A 1 152 ? -14.310 -6.125  -8.048  1.00 40.99 ? 161 LYS A N   1 
ATOM   1152 C CA  . LYS A 1 152 ? -13.680 -5.580  -6.849  1.00 36.47 ? 161 LYS A CA  1 
ATOM   1153 C C   . LYS A 1 152 ? -14.249 -6.248  -5.601  1.00 37.16 ? 161 LYS A C   1 
ATOM   1154 O O   . LYS A 1 152 ? -15.455 -6.179  -5.347  1.00 38.73 ? 161 LYS A O   1 
ATOM   1155 C CB  . LYS A 1 152 ? -13.895 -4.070  -6.792  1.00 35.38 ? 161 LYS A CB  1 
ATOM   1156 C CG  . LYS A 1 152 ? -12.704 -3.277  -6.282  1.00 41.25 ? 161 LYS A CG  1 
ATOM   1157 C CD  . LYS A 1 152 ? -13.142 -2.067  -5.463  1.00 39.86 ? 161 LYS A CD  1 
ATOM   1158 C CE  . LYS A 1 152 ? -14.265 -1.294  -6.136  1.00 45.17 ? 161 LYS A CE  1 
ATOM   1159 N NZ  . LYS A 1 152 ? -14.813 -0.225  -5.248  1.00 46.09 ? 161 LYS A NZ  1 
ATOM   1160 N N   . LYS A 1 153 ? -13.382 -6.894  -4.825  1.00 33.47 ? 162 LYS A N   1 
ATOM   1161 C CA  . LYS A 1 153 ? -13.746 -7.471  -3.539  1.00 29.92 ? 162 LYS A CA  1 
ATOM   1162 C C   . LYS A 1 153 ? -13.057 -6.695  -2.424  1.00 26.56 ? 162 LYS A C   1 
ATOM   1163 O O   . LYS A 1 153 ? -11.937 -6.209  -2.592  1.00 29.33 ? 162 LYS A O   1 
ATOM   1164 C CB  . LYS A 1 153 ? -13.350 -8.950  -3.461  1.00 31.60 ? 162 LYS A CB  1 
ATOM   1165 C CG  . LYS A 1 153 ? -13.305 -9.656  -4.810  1.00 35.08 ? 162 LYS A CG  1 
ATOM   1166 C CD  . LYS A 1 153 ? -13.802 -11.088 -4.709  1.00 35.84 ? 162 LYS A CD  1 
ATOM   1167 N N   . TYR A 1 154 ? -13.731 -6.586  -1.282  1.00 24.34 ? 163 TYR A N   1 
ATOM   1168 C CA  . TYR A 1 154 ? -13.241 -5.819  -0.142  1.00 24.50 ? 163 TYR A CA  1 
ATOM   1169 C C   . TYR A 1 154 ? -12.808 -6.756  0.978   1.00 23.96 ? 163 TYR A C   1 
ATOM   1170 O O   . TYR A 1 154 ? -13.439 -7.790  1.210   1.00 19.00 ? 163 TYR A O   1 
ATOM   1171 C CB  . TYR A 1 154 ? -14.316 -4.863  0.378   1.00 24.68 ? 163 TYR A CB  1 
ATOM   1172 C CG  . TYR A 1 154 ? -14.799 -3.868  -0.654  1.00 31.37 ? 163 TYR A CG  1 
ATOM   1173 C CD1 . TYR A 1 154 ? -15.825 -4.193  -1.534  1.00 35.13 ? 163 TYR A CD1 1 
ATOM   1174 C CD2 . TYR A 1 154 ? -14.234 -2.604  -0.744  1.00 33.86 ? 163 TYR A CD2 1 
ATOM   1175 C CE1 . TYR A 1 154 ? -16.274 -3.288  -2.477  1.00 37.68 ? 163 TYR A CE1 1 
ATOM   1176 C CE2 . TYR A 1 154 ? -14.675 -1.690  -1.685  1.00 39.95 ? 163 TYR A CE2 1 
ATOM   1177 C CZ  . TYR A 1 154 ? -15.696 -2.038  -2.548  1.00 43.23 ? 163 TYR A CZ  1 
ATOM   1178 O OH  . TYR A 1 154 ? -16.143 -1.132  -3.488  1.00 51.24 ? 163 TYR A OH  1 
ATOM   1179 N N   . MET A 1 155 ? -11.725 -6.393  1.669   1.00 17.82 ? 164 MET A N   1 
ATOM   1180 C CA  . MET A 1 155 ? -11.189 -7.204  2.755   1.00 16.42 ? 164 MET A CA  1 
ATOM   1181 C C   . MET A 1 155 ? -10.657 -6.299  3.858   1.00 17.68 ? 164 MET A C   1 
ATOM   1182 O O   . MET A 1 155 ? -10.353 -5.122  3.640   1.00 15.58 ? 164 MET A O   1 
ATOM   1183 C CB  . MET A 1 155 ? -10.075 -8.149  2.271   1.00 20.18 ? 164 MET A CB  1 
ATOM   1184 C CG  . MET A 1 155 ? -10.378 -8.884  0.962   1.00 18.35 ? 164 MET A CG  1 
ATOM   1185 S SD  . MET A 1 155 ? -9.140  -10.118 0.519   1.00 20.67 ? 164 MET A SD  1 
ATOM   1186 C CE  . MET A 1 155 ? -9.499  -11.405 1.713   1.00 18.34 ? 164 MET A CE  1 
ATOM   1187 N N   . LYS A 1 156 ? -10.543 -6.869  5.057   1.00 15.33 ? 165 LYS A N   1 
ATOM   1188 C CA  . LYS A 1 156 ? -10.007 -6.137  6.195   1.00 18.25 ? 165 LYS A CA  1 
ATOM   1189 C C   . LYS A 1 156 ? -9.242  -7.087  7.109   1.00 17.98 ? 165 LYS A C   1 
ATOM   1190 O O   . LYS A 1 156 ? -9.417  -8.308  7.065   1.00 16.91 ? 165 LYS A O   1 
ATOM   1191 C CB  . LYS A 1 156 ? -11.120 -5.432  6.983   1.00 18.78 ? 165 LYS A CB  1 
ATOM   1192 C CG  . LYS A 1 156 ? -12.000 -6.382  7.770   1.00 20.18 ? 165 LYS A CG  1 
ATOM   1193 C CD  . LYS A 1 156 ? -12.990 -5.623  8.641   1.00 24.65 ? 165 LYS A CD  1 
ATOM   1194 C CE  . LYS A 1 156 ? -13.615 -6.557  9.667   1.00 35.18 ? 165 LYS A CE  1 
ATOM   1195 N NZ  . LYS A 1 156 ? -14.722 -5.903  10.428  1.00 38.16 ? 165 LYS A NZ  1 
ATOM   1196 N N   . LYS A 1 157 ? -8.388  -6.505  7.944   1.00 17.07 ? 166 LYS A N   1 
ATOM   1197 C CA  . LYS A 1 157 ? -7.700  -7.245  8.994   1.00 16.07 ? 166 LYS A CA  1 
ATOM   1198 C C   . LYS A 1 157 ? -7.705  -6.385  10.244  1.00 15.05 ? 166 LYS A C   1 
ATOM   1199 O O   . LYS A 1 157 ? -7.218  -5.251  10.220  1.00 15.70 ? 166 LYS A O   1 
ATOM   1200 C CB  . LYS A 1 157 ? -6.262  -7.607  8.596   1.00 17.58 ? 166 LYS A CB  1 
ATOM   1201 C CG  . LYS A 1 157 ? -5.500  -8.341  9.693   1.00 19.54 ? 166 LYS A CG  1 
ATOM   1202 C CD  . LYS A 1 157 ? -4.026  -8.546  9.345   1.00 18.97 ? 166 LYS A CD  1 
ATOM   1203 C CE  . LYS A 1 157 ? -3.728  -9.996  9.004   1.00 24.60 ? 166 LYS A CE  1 
ATOM   1204 N NZ  . LYS A 1 157 ? -2.270  -10.320 9.087   1.00 24.14 ? 166 LYS A NZ  1 
ATOM   1205 N N   . VAL A 1 158 ? -8.286  -6.905  11.317  1.00 15.38 ? 167 VAL A N   1 
ATOM   1206 C CA  . VAL A 1 158 ? -8.233  -6.239  12.611  1.00 16.21 ? 167 VAL A CA  1 
ATOM   1207 C C   . VAL A 1 158 ? -6.843  -6.471  13.188  1.00 19.96 ? 167 VAL A C   1 
ATOM   1208 O O   . VAL A 1 158 ? -6.416  -7.618  13.358  1.00 19.50 ? 167 VAL A O   1 
ATOM   1209 C CB  . VAL A 1 158 ? -9.329  -6.767  13.550  1.00 20.25 ? 167 VAL A CB  1 
ATOM   1210 C CG1 . VAL A 1 158 ? -9.178  -6.172  14.940  1.00 19.92 ? 167 VAL A CG1 1 
ATOM   1211 C CG2 . VAL A 1 158 ? -10.698 -6.452  12.977  1.00 17.74 ? 167 VAL A CG2 1 
ATOM   1212 N N   . LEU A 1 159 ? -6.132  -5.386  13.471  1.00 18.93 ? 168 LEU A N   1 
ATOM   1213 C CA  . LEU A 1 159 ? -4.723  -5.462  13.846  1.00 19.99 ? 168 LEU A CA  1 
ATOM   1214 C C   . LEU A 1 159 ? -4.520  -6.081  15.222  1.00 24.03 ? 168 LEU A C   1 
ATOM   1215 O O   . LEU A 1 159 ? -5.342  -5.907  16.129  1.00 21.03 ? 168 LEU A O   1 
ATOM   1216 C CB  . LEU A 1 159 ? -4.094  -4.069  13.799  1.00 16.75 ? 168 LEU A CB  1 
ATOM   1217 C CG  . LEU A 1 159 ? -4.103  -3.473  12.389  1.00 16.27 ? 168 LEU A CG  1 
ATOM   1218 C CD1 . LEU A 1 159 ? -3.478  -2.095  12.374  1.00 18.63 ? 168 LEU A CD1 1 
ATOM   1219 C CD2 . LEU A 1 159 ? -3.383  -4.407  11.421  1.00 17.66 ? 168 LEU A CD2 1 
ATOM   1220 O OXT . LEU A 1 159 ? -3.511  -6.766  15.438  1.00 24.41 ? 168 LEU A OXT 1 
HETATM 1221 N N1A . ACO B 2 .   ? -3.223  -15.737 -5.017  1.00 31.66 ? 201 ACO A N1A 1 
HETATM 1222 C C2A . ACO B 2 .   ? -3.259  -16.655 -4.029  1.00 30.79 ? 201 ACO A C2A 1 
HETATM 1223 N N3A . ACO B 2 .   ? -2.222  -16.869 -3.200  1.00 31.08 ? 201 ACO A N3A 1 
HETATM 1224 C C4A . ACO B 2 .   ? -1.055  -16.124 -3.357  1.00 28.40 ? 201 ACO A C4A 1 
HETATM 1225 C C5A . ACO B 2 .   ? -0.971  -15.167 -4.362  1.00 27.39 ? 201 ACO A C5A 1 
HETATM 1226 C C6A . ACO B 2 .   ? -2.140  -14.974 -5.244  1.00 33.90 ? 201 ACO A C6A 1 
HETATM 1227 N N6A . ACO B 2 .   ? -2.116  -13.988 -6.317  1.00 41.41 ? 201 ACO A N6A 1 
HETATM 1228 N N7A . ACO B 2 .   ? 0.287   -14.590 -4.281  1.00 33.35 ? 201 ACO A N7A 1 
HETATM 1229 C C8A . ACO B 2 .   ? 0.946   -15.183 -3.257  1.00 30.94 ? 201 ACO A C8A 1 
HETATM 1230 N N9A . ACO B 2 .   ? 0.182   -16.101 -2.691  1.00 32.65 ? 201 ACO A N9A 1 
HETATM 1231 C C1B . ACO B 2 .   ? 0.514   -16.885 -1.599  1.00 31.89 ? 201 ACO A C1B 1 
HETATM 1232 C C2B . ACO B 2 .   ? 1.887   -17.495 -1.704  1.00 32.33 ? 201 ACO A C2B 1 
HETATM 1233 O O2B . ACO B 2 .   ? 1.813   -18.867 -2.087  1.00 36.11 ? 201 ACO A O2B 1 
HETATM 1234 C C3B . ACO B 2 .   ? 2.422   -17.424 -0.338  1.00 34.66 ? 201 ACO A C3B 1 
HETATM 1235 O O3B . ACO B 2 .   ? 2.037   -18.629 0.356   1.00 35.37 ? 201 ACO A O3B 1 
HETATM 1236 P P3B . ACO B 2 .   ? 2.850   -19.086 1.669   1.00 46.18 ? 201 ACO A P3B 1 
HETATM 1237 O O7A . ACO B 2 .   ? 2.708   -18.103 2.768   1.00 47.72 ? 201 ACO A O7A 1 
HETATM 1238 O O8A . ACO B 2 .   ? 2.226   -20.228 2.302   1.00 41.93 ? 201 ACO A O8A 1 
HETATM 1239 O O9A . ACO B 2 .   ? 4.395   -19.328 1.352   1.00 43.75 ? 201 ACO A O9A 1 
HETATM 1240 C C4B . ACO B 2 .   ? 1.766   -16.250 0.266   1.00 32.92 ? 201 ACO A C4B 1 
HETATM 1241 O O4B . ACO B 2 .   ? 0.531   -16.019 -0.439  1.00 25.72 ? 201 ACO A O4B 1 
HETATM 1242 C C5B . ACO B 2 .   ? 2.655   -14.996 0.228   1.00 29.00 ? 201 ACO A C5B 1 
HETATM 1243 O O5B . ACO B 2 .   ? 3.598   -15.130 -0.835  1.00 29.65 ? 201 ACO A O5B 1 
HETATM 1244 P P1A . ACO B 2 .   ? 4.605   -13.955 -1.252  1.00 20.50 ? 201 ACO A P1A 1 
HETATM 1245 O O1A . ACO B 2 .   ? 5.903   -14.566 -1.586  1.00 27.92 ? 201 ACO A O1A 1 
HETATM 1246 O O2A . ACO B 2 .   ? 4.931   -13.084 -0.121  1.00 20.69 ? 201 ACO A O2A 1 
HETATM 1247 O O3A . ACO B 2 .   ? 3.991   -13.188 -2.479  1.00 23.42 ? 201 ACO A O3A 1 
HETATM 1248 P P2A . ACO B 2 .   ? 4.670   -12.058 -3.387  1.00 25.19 ? 201 ACO A P2A 1 
HETATM 1249 O O4A . ACO B 2 .   ? 6.061   -11.732 -2.963  1.00 24.20 ? 201 ACO A O4A 1 
HETATM 1250 O O5A . ACO B 2 .   ? 4.874   -12.523 -4.766  1.00 22.88 ? 201 ACO A O5A 1 
HETATM 1251 O O6A . ACO B 2 .   ? 3.740   -10.766 -3.373  1.00 24.27 ? 201 ACO A O6A 1 
HETATM 1252 C CBP . ACO B 2 .   ? 1.955   -9.785  -4.605  1.00 23.81 ? 201 ACO A CBP 1 
HETATM 1253 C CCP . ACO B 2 .   ? 2.333   -10.920 -3.659  1.00 22.69 ? 201 ACO A CCP 1 
HETATM 1254 C CDP . ACO B 2 .   ? 2.033   -8.487  -3.865  1.00 22.94 ? 201 ACO A CDP 1 
HETATM 1255 C CEP . ACO B 2 .   ? 0.557   -10.000 -5.114  1.00 25.07 ? 201 ACO A CEP 1 
HETATM 1256 C CAP . ACO B 2 .   ? 2.977   -9.811  -5.782  1.00 24.39 ? 201 ACO A CAP 1 
HETATM 1257 O OAP . ACO B 2 .   ? 2.792   -10.990 -6.472  1.00 26.75 ? 201 ACO A OAP 1 
HETATM 1258 C C9P . ACO B 2 .   ? 2.830   -8.660  -6.748  1.00 23.50 ? 201 ACO A C9P 1 
HETATM 1259 O O9P . ACO B 2 .   ? 3.488   -7.645  -6.613  1.00 22.31 ? 201 ACO A O9P 1 
HETATM 1260 N N8P . ACO B 2 .   ? 1.920   -8.760  -7.864  1.00 24.46 ? 201 ACO A N8P 1 
HETATM 1261 C C7P . ACO B 2 .   ? 1.809   -7.668  -8.773  1.00 28.97 ? 201 ACO A C7P 1 
HETATM 1262 C C6P . ACO B 2 .   ? 1.023   -6.473  -8.156  1.00 26.40 ? 201 ACO A C6P 1 
HETATM 1263 C C5P . ACO B 2 .   ? -0.318  -6.791  -7.449  1.00 30.43 ? 201 ACO A C5P 1 
HETATM 1264 O O5P . ACO B 2 .   ? -1.130  -7.484  -7.989  1.00 28.96 ? 201 ACO A O5P 1 
HETATM 1265 N N4P . ACO B 2 .   ? -0.575  -6.260  -6.154  1.00 28.56 ? 201 ACO A N4P 1 
HETATM 1266 C C3P . ACO B 2 .   ? -1.837  -6.564  -5.498  1.00 27.67 ? 201 ACO A C3P 1 
HETATM 1267 C C2P . ACO B 2 .   ? -2.951  -5.730  -6.110  1.00 37.10 ? 201 ACO A C2P 1 
HETATM 1268 S S1P . ACO B 2 .   ? -4.259  -5.493  -4.903  1.00 50.62 ? 201 ACO A S1P 1 
HETATM 1269 C C   . ACO B 2 .   ? -3.871  -4.057  -3.903  1.00 42.06 ? 201 ACO A C   1 
HETATM 1270 O O   . ACO B 2 .   ? -2.860  -3.408  -4.119  1.00 35.28 ? 201 ACO A O   1 
HETATM 1271 C CH3 . ACO B 2 .   ? -4.624  -3.844  -2.625  1.00 29.76 ? 201 ACO A CH3 1 
HETATM 1272 C C1  . CIT C 3 .   ? -1.840  11.919  -8.357  1.00 34.01 ? 202 CIT A C1  1 
HETATM 1273 O O1  . CIT C 3 .   ? -1.896  11.981  -9.606  1.00 32.73 ? 202 CIT A O1  1 
HETATM 1274 O O2  . CIT C 3 .   ? -1.796  12.986  -7.705  1.00 31.04 ? 202 CIT A O2  1 
HETATM 1275 C C2  . CIT C 3 .   ? -1.801  10.584  -7.640  1.00 35.68 ? 202 CIT A C2  1 
HETATM 1276 C C3  . CIT C 3 .   ? -2.837  9.563   -8.124  1.00 34.92 ? 202 CIT A C3  1 
HETATM 1277 O O7  . CIT C 3 .   ? -2.201  8.817   -9.194  1.00 38.94 ? 202 CIT A O7  1 
HETATM 1278 C C4  . CIT C 3 .   ? -3.213  8.582   -7.017  1.00 34.69 ? 202 CIT A C4  1 
HETATM 1279 C C5  . CIT C 3 .   ? -3.418  7.215   -7.633  1.00 42.79 ? 202 CIT A C5  1 
HETATM 1280 O O3  . CIT C 3 .   ? -4.295  7.040   -8.513  1.00 41.95 ? 202 CIT A O3  1 
HETATM 1281 O O4  . CIT C 3 .   ? -2.723  6.239   -7.276  1.00 44.84 ? 202 CIT A O4  1 
HETATM 1282 C C6  . CIT C 3 .   ? -4.123  10.193  -8.655  1.00 39.36 ? 202 CIT A C6  1 
HETATM 1283 O O5  . CIT C 3 .   ? -4.221  10.575  -9.843  1.00 37.87 ? 202 CIT A O5  1 
HETATM 1284 O O6  . CIT C 3 .   ? -5.115  10.327  -7.901  1.00 37.79 ? 202 CIT A O6  1 
HETATM 1285 O O   . HOH D 4 .   ? -16.581 -5.788  -7.039  1.00 44.49 ? 301 HOH A O   1 
HETATM 1286 O O   . HOH D 4 .   ? -5.709  10.575  -5.873  1.00 43.31 ? 302 HOH A O   1 
HETATM 1287 O O   . HOH D 4 .   ? -11.900 -10.965 -7.632  1.00 43.51 ? 303 HOH A O   1 
HETATM 1288 O O   . HOH D 4 .   ? -13.619 -0.656  -14.832 1.00 33.92 ? 304 HOH A O   1 
HETATM 1289 O O   . HOH D 4 .   ? -0.301  -8.373  11.580  1.00 27.97 ? 305 HOH A O   1 
HETATM 1290 O O   . HOH D 4 .   ? 2.660   -8.669  -12.559 1.00 34.99 ? 306 HOH A O   1 
HETATM 1291 O O   . HOH D 4 .   ? 8.355   -12.481 -2.729  1.00 18.92 ? 307 HOH A O   1 
HETATM 1292 O O   . HOH D 4 .   ? -0.077  7.927   -8.387  1.00 33.95 ? 308 HOH A O   1 
HETATM 1293 O O   . HOH D 4 .   ? -3.469  14.749  -8.139  1.00 31.67 ? 309 HOH A O   1 
HETATM 1294 O O   . HOH D 4 .   ? -1.893  4.303   -5.356  1.00 49.09 ? 310 HOH A O   1 
HETATM 1295 O O   . HOH D 4 .   ? -16.348 -1.566  -8.425  1.00 42.85 ? 311 HOH A O   1 
HETATM 1296 O O   . HOH D 4 .   ? -15.039 6.808   4.230   1.00 39.74 ? 312 HOH A O   1 
HETATM 1297 O O   . HOH D 4 .   ? 15.056  -15.203 -6.878  1.00 31.87 ? 313 HOH A O   1 
HETATM 1298 O O   . HOH D 4 .   ? 9.899   9.338   10.545  1.00 45.08 ? 314 HOH A O   1 
HETATM 1299 O O   . HOH D 4 .   ? 3.331   7.454   8.667   1.00 21.23 ? 315 HOH A O   1 
HETATM 1300 O O   . HOH D 4 .   ? 6.105   14.086  10.689  1.00 43.22 ? 316 HOH A O   1 
HETATM 1301 O O   . HOH D 4 .   ? 0.497   14.476  2.822   1.00 23.34 ? 317 HOH A O   1 
HETATM 1302 O O   . HOH D 4 .   ? -7.043  -3.709  16.227  1.00 21.71 ? 318 HOH A O   1 
HETATM 1303 O O   . HOH D 4 .   ? -11.207 -2.152  -14.867 1.00 38.79 ? 319 HOH A O   1 
HETATM 1304 O O   . HOH D 4 .   ? 15.584  6.207   -6.773  1.00 25.29 ? 320 HOH A O   1 
HETATM 1305 O O   . HOH D 4 .   ? 2.217   -10.903 5.965   1.00 21.92 ? 321 HOH A O   1 
HETATM 1306 O O   . HOH D 4 .   ? -16.544 7.650   -16.760 1.00 26.43 ? 322 HOH A O   1 
HETATM 1307 O O   . HOH D 4 .   ? 12.707  -2.259  -7.966  1.00 25.04 ? 323 HOH A O   1 
HETATM 1308 O O   . HOH D 4 .   ? -8.006  -11.684 10.463  1.00 24.61 ? 324 HOH A O   1 
HETATM 1309 O O   . HOH D 4 .   ? -1.982  10.706  -1.499  1.00 32.94 ? 325 HOH A O   1 
HETATM 1310 O O   . HOH D 4 .   ? 6.167   12.578  -15.920 1.00 28.07 ? 326 HOH A O   1 
HETATM 1311 O O   . HOH D 4 .   ? 1.363   2.497   19.957  1.00 24.56 ? 327 HOH A O   1 
HETATM 1312 O O   . HOH D 4 .   ? -7.487  -14.918 6.218   1.00 28.63 ? 328 HOH A O   1 
HETATM 1313 O O   . HOH D 4 .   ? 8.038   -13.445 4.488   1.00 29.68 ? 329 HOH A O   1 
HETATM 1314 O O   . HOH D 4 .   ? -4.068  -5.748  18.504  1.00 22.65 ? 330 HOH A O   1 
HETATM 1315 O O   . HOH D 4 .   ? 10.923  6.552   -12.491 1.00 28.71 ? 331 HOH A O   1 
HETATM 1316 O O   . HOH D 4 .   ? 3.914   17.126  -4.471  1.00 30.73 ? 332 HOH A O   1 
HETATM 1317 O O   . HOH D 4 .   ? -8.146  7.194   8.322   1.00 19.45 ? 333 HOH A O   1 
HETATM 1318 O O   . HOH D 4 .   ? 2.025   15.567  -3.276  1.00 22.77 ? 334 HOH A O   1 
HETATM 1319 O O   . HOH D 4 .   ? -15.483 1.708   -7.071  1.00 39.79 ? 335 HOH A O   1 
HETATM 1320 O O   . HOH D 4 .   ? -16.674 -7.013  8.842   1.00 34.77 ? 336 HOH A O   1 
HETATM 1321 O O   . HOH D 4 .   ? 2.017   10.157  13.817  1.00 34.25 ? 337 HOH A O   1 
HETATM 1322 O O   . HOH D 4 .   ? 8.625   -13.163 -11.844 1.00 31.97 ? 338 HOH A O   1 
HETATM 1323 O O   . HOH D 4 .   ? -6.686  -1.668  -1.931  1.00 27.28 ? 339 HOH A O   1 
HETATM 1324 O O   . HOH D 4 .   ? 12.890  5.943   8.873   1.00 29.74 ? 340 HOH A O   1 
HETATM 1325 O O   . HOH D 4 .   ? -9.386  -9.429  11.114  1.00 20.50 ? 341 HOH A O   1 
HETATM 1326 O O   . HOH D 4 .   ? 12.315  -0.035  -9.773  1.00 25.17 ? 342 HOH A O   1 
HETATM 1327 O O   . HOH D 4 .   ? -6.158  -14.622 -5.716  1.00 33.31 ? 343 HOH A O   1 
HETATM 1328 O O   . HOH D 4 .   ? 0.376   7.372   16.771  1.00 35.64 ? 344 HOH A O   1 
HETATM 1329 O O   . HOH D 4 .   ? 7.833   -6.051  14.201  1.00 28.57 ? 345 HOH A O   1 
HETATM 1330 O O   . HOH D 4 .   ? -3.462  0.178   17.839  1.00 35.10 ? 346 HOH A O   1 
HETATM 1331 O O   . HOH D 4 .   ? 18.390  11.893  1.554   1.00 39.57 ? 347 HOH A O   1 
HETATM 1332 O O   . HOH D 4 .   ? -15.522 -12.750 6.197   1.00 26.08 ? 348 HOH A O   1 
HETATM 1333 O O   . HOH D 4 .   ? -12.359 12.251  -8.825  1.00 24.05 ? 349 HOH A O   1 
HETATM 1334 O O   . HOH D 4 .   ? -1.158  -2.354  20.134  1.00 27.47 ? 350 HOH A O   1 
HETATM 1335 O O   . HOH D 4 .   ? 7.014   7.416   11.205  1.00 36.03 ? 351 HOH A O   1 
HETATM 1336 O O   . HOH D 4 .   ? -14.919 -8.942  7.760   1.00 31.45 ? 352 HOH A O   1 
HETATM 1337 O O   . HOH D 4 .   ? 0.772   -13.496 -7.376  1.00 36.85 ? 353 HOH A O   1 
HETATM 1338 O O   . HOH D 4 .   ? -12.318 -15.049 -5.321  1.00 44.85 ? 354 HOH A O   1 
HETATM 1339 O O   . HOH D 4 .   ? 14.560  9.572   -6.318  1.00 23.94 ? 355 HOH A O   1 
HETATM 1340 O O   . HOH D 4 .   ? -13.367 7.808   13.590  1.00 39.34 ? 356 HOH A O   1 
HETATM 1341 O O   . HOH D 4 .   ? 6.566   -3.972  -10.839 1.00 23.30 ? 357 HOH A O   1 
HETATM 1342 O O   . HOH D 4 .   ? 2.212   8.422   0.193   1.00 21.57 ? 358 HOH A O   1 
HETATM 1343 O O   . HOH D 4 .   ? 8.690   1.227   -14.991 1.00 31.47 ? 359 HOH A O   1 
HETATM 1344 O O   . HOH D 4 .   ? -4.181  -0.534  -5.235  1.00 31.40 ? 360 HOH A O   1 
HETATM 1345 O O   . HOH D 4 .   ? 10.991  1.927   9.562   1.00 27.62 ? 361 HOH A O   1 
HETATM 1346 O O   . HOH D 4 .   ? -1.527  -7.550  13.513  1.00 27.14 ? 362 HOH A O   1 
HETATM 1347 O O   . HOH D 4 .   ? 0.499   4.604   -5.108  1.00 33.45 ? 363 HOH A O   1 
HETATM 1348 O O   . HOH D 4 .   ? -1.878  0.329   19.364  1.00 33.11 ? 364 HOH A O   1 
HETATM 1349 O O   . HOH D 4 .   ? -7.585  8.352   0.994   1.00 32.48 ? 365 HOH A O   1 
HETATM 1350 O O   . HOH D 4 .   ? -9.689  -16.378 -0.559  1.00 44.90 ? 366 HOH A O   1 
HETATM 1351 O O   . HOH D 4 .   ? 5.400   -8.654  14.609  1.00 39.46 ? 367 HOH A O   1 
HETATM 1352 O O   . HOH D 4 .   ? 22.323  -4.059  -0.225  1.00 26.95 ? 368 HOH A O   1 
HETATM 1353 O O   . HOH D 4 .   ? 3.472   -14.681 -6.125  1.00 34.66 ? 369 HOH A O   1 
HETATM 1354 O O   . HOH D 4 .   ? -17.935 -5.643  7.025   1.00 26.57 ? 370 HOH A O   1 
HETATM 1355 O O   . HOH D 4 .   ? 19.830  8.628   3.634   1.00 38.87 ? 371 HOH A O   1 
HETATM 1356 O O   . HOH D 4 .   ? 7.976   -8.393  8.237   1.00 22.25 ? 372 HOH A O   1 
HETATM 1357 O O   . HOH D 4 .   ? 2.760   5.761   -3.671  1.00 28.60 ? 373 HOH A O   1 
HETATM 1358 O O   . HOH D 4 .   ? 6.702   9.490   -17.184 1.00 32.24 ? 374 HOH A O   1 
HETATM 1359 O O   . HOH D 4 .   ? -12.587 -0.152  11.444  1.00 31.55 ? 375 HOH A O   1 
HETATM 1360 O O   . HOH D 4 .   ? 3.928   8.213   15.243  1.00 25.06 ? 376 HOH A O   1 
HETATM 1361 O O   . HOH D 4 .   ? 19.175  -2.522  -8.328  1.00 29.56 ? 377 HOH A O   1 
HETATM 1362 O O   . HOH D 4 .   ? 20.960  -3.594  -9.940  1.00 45.02 ? 378 HOH A O   1 
HETATM 1363 O O   . HOH D 4 .   ? 8.407   6.091   -13.368 1.00 27.64 ? 379 HOH A O   1 
HETATM 1364 O O   . HOH D 4 .   ? -18.389 8.424   -6.163  1.00 32.82 ? 380 HOH A O   1 
HETATM 1365 O O   . HOH D 4 .   ? -2.716  3.181   -10.151 1.00 43.41 ? 381 HOH A O   1 
HETATM 1366 O O   . HOH D 4 .   ? 18.507  -2.989  -11.470 1.00 35.95 ? 382 HOH A O   1 
HETATM 1367 O O   . HOH D 4 .   ? -20.365 11.861  -4.194  1.00 38.58 ? 383 HOH A O   1 
HETATM 1368 O O   . HOH D 4 .   ? 11.822  -4.598  -12.123 1.00 33.82 ? 384 HOH A O   1 
HETATM 1369 O O   . HOH D 4 .   ? 10.614  -13.767 -9.058  1.00 35.71 ? 385 HOH A O   1 
HETATM 1370 O O   . HOH D 4 .   ? -3.801  4.369   -11.720 1.00 32.73 ? 386 HOH A O   1 
HETATM 1371 O O   . HOH D 4 .   ? 6.147   -17.177 0.075   1.00 36.12 ? 387 HOH A O   1 
HETATM 1372 O O   . HOH D 4 .   ? 3.790   -6.278  20.109  1.00 36.96 ? 388 HOH A O   1 
HETATM 1373 O O   . HOH D 4 .   ? -12.993 -14.140 4.997   1.00 28.97 ? 389 HOH A O   1 
HETATM 1374 O O   . HOH D 4 .   ? 5.647   14.171  8.048   1.00 27.69 ? 390 HOH A O   1 
HETATM 1375 O O   . HOH D 4 .   ? 15.344  -0.605  -7.467  1.00 24.80 ? 391 HOH A O   1 
HETATM 1376 O O   . HOH D 4 .   ? -2.217  -2.547  -15.294 1.00 36.63 ? 392 HOH A O   1 
HETATM 1377 O O   . HOH D 4 .   ? 9.164   -4.909  -11.333 1.00 26.17 ? 393 HOH A O   1 
HETATM 1378 O O   . HOH D 4 .   ? 13.476  -1.421  8.821   1.00 28.08 ? 394 HOH A O   1 
HETATM 1379 O O   . HOH D 4 .   ? 1.914   14.278  9.380   1.00 34.36 ? 395 HOH A O   1 
HETATM 1380 O O   . HOH D 4 .   ? 15.634  -4.538  9.795   1.00 37.86 ? 396 HOH A O   1 
HETATM 1381 O O   . HOH D 4 .   ? 21.571  8.711   -0.454  1.00 34.23 ? 397 HOH A O   1 
HETATM 1382 O O   . HOH D 4 .   ? -12.292 3.944   13.026  1.00 39.94 ? 398 HOH A O   1 
HETATM 1383 O O   . HOH D 4 .   ? -1.621  14.678  6.174   1.00 39.81 ? 399 HOH A O   1 
HETATM 1384 O O   . HOH D 4 .   ? -16.123 -3.498  8.528   1.00 34.95 ? 400 HOH A O   1 
HETATM 1385 O O   . HOH D 4 .   ? -16.652 -3.141  6.202   1.00 31.49 ? 401 HOH A O   1 
HETATM 1386 O O   . HOH D 4 .   ? 3.665   13.338  10.894  1.00 45.05 ? 402 HOH A O   1 
HETATM 1387 O O   . HOH D 4 .   ? -6.767  -0.609  -4.299  1.00 32.95 ? 403 HOH A O   1 
HETATM 1388 O O   . HOH D 4 .   ? -8.916  -14.074 10.050  1.00 42.87 ? 404 HOH A O   1 
HETATM 1389 O O   . HOH D 4 .   ? 0.772   -12.608 9.831   1.00 32.55 ? 405 HOH A O   1 
HETATM 1390 O O   . HOH D 4 .   ? 10.959  -2.306  -11.931 1.00 38.21 ? 406 HOH A O   1 
HETATM 1391 O O   . HOH D 4 .   ? 3.525   -2.176  21.221  1.00 36.23 ? 407 HOH A O   1 
HETATM 1392 O O   . HOH D 4 .   ? -7.033  9.313   9.604   1.00 31.72 ? 408 HOH A O   1 
HETATM 1393 O O   . HOH D 4 .   ? -2.110  11.342  -3.974  1.00 45.07 ? 409 HOH A O   1 
HETATM 1394 O O   . HOH D 4 .   ? 21.616  -4.410  -4.439  1.00 35.03 ? 410 HOH A O   1 
HETATM 1395 O O   . HOH D 4 .   ? 18.373  -6.542  -14.879 1.00 33.82 ? 411 HOH A O   1 
HETATM 1396 O O   . HOH D 4 .   ? -1.290  8.481   -17.761 1.00 30.15 ? 412 HOH A O   1 
HETATM 1397 O O   . HOH D 4 .   ? -6.476  -15.743 9.744   1.00 31.48 ? 413 HOH A O   1 
HETATM 1398 O O   . HOH D 4 .   ? -0.365  9.446   14.655  1.00 40.58 ? 414 HOH A O   1 
HETATM 1399 O O   . HOH D 4 .   ? -4.232  -0.221  -7.962  1.00 47.81 ? 415 HOH A O   1 
HETATM 1400 O O   . HOH D 4 .   ? 4.761   -15.162 -8.707  1.00 42.97 ? 416 HOH A O   1 
HETATM 1401 O O   . HOH D 4 .   ? 21.059  -6.443  -5.127  1.00 39.64 ? 417 HOH A O   1 
HETATM 1402 O O   . HOH D 4 .   ? 14.893  -5.025  -15.074 1.00 37.45 ? 418 HOH A O   1 
HETATM 1403 O O   . HOH D 4 .   ? 8.891   5.497   11.804  1.00 33.38 ? 419 HOH A O   1 
HETATM 1404 O O   . HOH D 4 .   ? -9.553  -3.480  17.656  1.00 30.90 ? 420 HOH A O   1 
HETATM 1405 O O   . HOH D 4 .   ? 1.096   16.643  -0.973  1.00 39.42 ? 421 HOH A O   1 
HETATM 1406 O O   . HOH D 4 .   ? 2.392   -13.045 7.837   1.00 41.70 ? 422 HOH A O   1 
HETATM 1407 O O   . HOH D 4 .   ? -11.061 -16.532 5.148   1.00 48.12 ? 423 HOH A O   1 
HETATM 1408 O O   . HOH D 4 .   ? -13.731 -10.291 9.750   1.00 43.26 ? 424 HOH A O   1 
HETATM 1409 O O   . HOH D 4 .   ? -1.235  15.138  0.590   1.00 53.30 ? 425 HOH A O   1 
HETATM 1410 O O   . HOH D 4 .   ? 5.322   18.891  -13.356 1.00 32.91 ? 426 HOH A O   1 
HETATM 1411 O O   . HOH D 4 .   ? -10.805 -14.490 8.788   1.00 41.86 ? 427 HOH A O   1 
HETATM 1412 O O   . HOH D 4 .   ? -7.329  12.406  -4.075  1.00 41.78 ? 428 HOH A O   1 
HETATM 1413 O O   . HOH D 4 .   ? -17.436 10.184  -17.520 1.00 24.33 ? 429 HOH A O   1 
# 
